data_4TNX
#
_entry.id   4TNX
#
_cell.length_a   80.886
_cell.length_b   140.734
_cell.length_c   97.603
_cell.angle_alpha   90.000
_cell.angle_beta   114.710
_cell.angle_gamma   90.000
#
_symmetry.space_group_name_H-M   'P 1 21 1'
#
loop_
_entity.id
_entity.type
_entity.pdbx_description
1 polymer 'Deoxynucleoside triphosphate triphosphohydrolase SAMHD1'
2 non-polymer "2'-DEOXYGUANOSINE-5'-TRIPHOSPHATE"
3 non-polymer "GUANOSINE-5'-TRIPHOSPHATE"
4 non-polymer 'MAGNESIUM ION'
5 non-polymer TRIPHOSPHATE
6 water water
#
_entity_poly.entity_id   1
_entity_poly.type   'polypeptide(L)'
_entity_poly.pdbx_seq_one_letter_code
;DTMKVINDPIHGHIELHPLLVRIIDTPQFQRLRYIKQLGGGYYVFPGASHNRFEHSLGVGYLAGCLVHALGEKQPELQIS
ERDVLCVQIAGLCRNLGHGPFSHMFDGRFIPLARPEVKWTHEQGSVMMFEHLINSNGIKPVMEQYGLIPEEDICFIKEQI
VGPLESPVEDSLWPYKGRPENKSFLYEIVSNKRNGIDVDKWDYFARDCHHLGIQNNFDYKRFIKFARVCEVDNELRICAR
DKEVGNLYDMFHTRNSLHRRAYQHKVGNIIDTMITDAFLKADDYIEITGAGGKKYRISTAIDDMEAYTKLTDNIFLEILY
STDPKLKDAREILKQIEYRNLFKYVGETQPTGQIKIKREDYESLPKEVASAKPKVLLDVKLKAEDFIVDVINMDYGMQEK
NPIDHVSFYCKTAPNRAIRITKNQVSQLLPEKFAEQLIRVYCKKVDRKSLYAARQYFVQWCADRNFTKPQDGDVIAPLIT
PQKKEWNDSTSVQNPTRLREASKSRVQLFKDDPM
;
_entity_poly.pdbx_strand_id   A,B,C,D
#
# COMPACT_ATOMS: atom_id res chain seq x y z
N ASP A 1 15.38 -6.16 -32.52
CA ASP A 1 14.85 -5.10 -31.61
C ASP A 1 13.42 -5.41 -31.26
N THR A 2 13.16 -5.55 -29.98
CA THR A 2 11.81 -5.92 -29.52
C THR A 2 11.42 -5.03 -28.35
N MET A 3 10.14 -5.10 -28.03
CA MET A 3 9.63 -4.39 -26.91
C MET A 3 10.28 -4.87 -25.60
N LYS A 4 10.43 -3.97 -24.62
CA LYS A 4 10.92 -4.32 -23.30
C LYS A 4 9.82 -4.04 -22.29
N VAL A 5 9.85 -4.82 -21.23
CA VAL A 5 8.99 -4.64 -20.11
C VAL A 5 9.87 -4.16 -18.97
N ILE A 6 9.40 -3.09 -18.34
CA ILE A 6 10.05 -2.55 -17.15
C ILE A 6 9.12 -2.57 -15.94
N ASN A 7 9.66 -2.94 -14.79
CA ASN A 7 8.92 -2.92 -13.58
C ASN A 7 9.08 -1.60 -12.83
N ASP A 8 7.98 -0.90 -12.66
CA ASP A 8 7.94 0.34 -11.93
C ASP A 8 7.09 0.15 -10.67
N PRO A 9 7.56 0.70 -9.56
CA PRO A 9 6.83 0.53 -8.32
C PRO A 9 5.51 1.31 -8.29
N ILE A 10 5.35 2.32 -9.16
CA ILE A 10 4.12 3.08 -9.23
C ILE A 10 3.19 2.40 -10.19
N HIS A 11 3.66 2.01 -11.37
CA HIS A 11 2.75 1.54 -12.42
C HIS A 11 2.79 0.02 -12.66
N GLY A 12 3.69 -0.69 -12.00
CA GLY A 12 3.83 -2.10 -12.30
C GLY A 12 4.60 -2.29 -13.58
N HIS A 13 4.20 -3.25 -14.37
CA HIS A 13 4.88 -3.60 -15.58
C HIS A 13 4.47 -2.76 -16.80
N ILE A 14 5.44 -1.99 -17.29
CA ILE A 14 5.28 -1.05 -18.40
C ILE A 14 5.93 -1.65 -19.66
N GLU A 15 5.17 -1.73 -20.75
CA GLU A 15 5.65 -2.16 -22.05
C GLU A 15 6.31 -1.00 -22.84
N LEU A 16 7.52 -1.21 -23.34
CA LEU A 16 8.19 -0.19 -24.13
C LEU A 16 8.43 -0.68 -25.52
N HIS A 17 7.77 -0.01 -26.46
CA HIS A 17 7.98 -0.23 -27.85
C HIS A 17 9.48 -0.01 -28.17
N PRO A 18 10.03 -0.75 -29.12
CA PRO A 18 11.48 -0.66 -29.42
C PRO A 18 11.96 0.74 -29.76
N LEU A 19 11.15 1.53 -30.43
CA LEU A 19 11.53 2.93 -30.73
C LEU A 19 11.72 3.70 -29.44
N LEU A 20 10.87 3.44 -28.45
CA LEU A 20 11.05 4.12 -27.17
C LEU A 20 12.32 3.67 -26.48
N VAL A 21 12.64 2.39 -26.62
CA VAL A 21 13.89 1.86 -26.04
C VAL A 21 15.12 2.54 -26.66
N ARG A 22 15.06 2.73 -27.95
CA ARG A 22 16.17 3.39 -28.62
C ARG A 22 16.37 4.81 -28.13
N ILE A 23 15.28 5.54 -27.93
CA ILE A 23 15.35 6.87 -27.33
C ILE A 23 15.91 6.84 -25.91
N ILE A 24 15.47 5.87 -25.10
CA ILE A 24 15.85 5.77 -23.71
C ILE A 24 17.29 5.45 -23.53
N ASP A 25 17.79 4.51 -24.31
CA ASP A 25 19.19 4.10 -24.25
C ASP A 25 20.17 5.06 -25.02
N THR A 26 20.19 6.31 -24.56
CA THR A 26 21.03 7.33 -25.07
C THR A 26 21.57 8.11 -23.89
N PRO A 27 22.75 8.70 -24.03
CA PRO A 27 23.29 9.54 -22.99
C PRO A 27 22.36 10.66 -22.60
N GLN A 28 21.62 11.22 -23.57
CA GLN A 28 20.73 12.35 -23.33
C GLN A 28 19.57 11.98 -22.44
N PHE A 29 19.09 10.73 -22.57
CA PHE A 29 17.99 10.26 -21.70
C PHE A 29 18.50 9.80 -20.37
N GLN A 30 19.53 8.98 -20.39
CA GLN A 30 20.02 8.34 -19.21
C GLN A 30 20.57 9.34 -18.23
N ARG A 31 20.92 10.50 -18.75
CA ARG A 31 21.27 11.68 -17.93
C ARG A 31 20.32 11.93 -16.73
N LEU A 32 19.04 11.74 -17.02
CA LEU A 32 17.95 11.90 -16.04
C LEU A 32 18.03 11.01 -14.81
N ARG A 33 18.75 9.90 -14.89
CA ARG A 33 19.05 9.13 -13.69
C ARG A 33 19.82 9.90 -12.62
N TYR A 34 20.45 11.00 -13.00
CA TYR A 34 21.38 11.74 -12.10
C TYR A 34 20.82 13.12 -11.73
N ILE A 35 19.50 13.29 -11.88
CA ILE A 35 18.81 14.50 -11.48
C ILE A 35 17.63 14.16 -10.58
N LYS A 36 17.71 14.53 -9.31
CA LYS A 36 16.68 14.25 -8.36
C LYS A 36 15.43 15.03 -8.72
N GLN A 37 14.32 14.33 -8.66
CA GLN A 37 13.02 14.88 -8.91
C GLN A 37 12.74 16.11 -8.04
N LEU A 38 13.01 15.99 -6.75
CA LEU A 38 12.65 17.03 -5.78
C LEU A 38 13.82 17.89 -5.33
N GLY A 39 15.00 17.68 -5.94
CA GLY A 39 16.18 18.44 -5.60
C GLY A 39 16.53 18.34 -4.13
N GLY A 40 16.67 19.50 -3.52
CA GLY A 40 16.96 19.66 -2.10
C GLY A 40 15.89 19.12 -1.14
N GLY A 41 14.70 18.84 -1.65
CA GLY A 41 13.68 18.06 -0.88
C GLY A 41 14.19 16.78 -0.25
N TYR A 42 15.12 16.09 -0.89
CA TYR A 42 15.67 14.82 -0.37
C TYR A 42 16.37 15.06 0.93
N TYR A 43 16.89 16.27 1.12
CA TYR A 43 17.56 16.65 2.39
C TYR A 43 16.57 16.91 3.54
N VAL A 44 15.27 16.85 3.24
CA VAL A 44 14.20 16.93 4.26
C VAL A 44 13.35 15.64 4.34
N PHE A 45 13.07 15.04 3.19
CA PHE A 45 12.34 13.80 3.12
C PHE A 45 13.30 12.75 2.58
N PRO A 46 13.87 11.95 3.44
CA PRO A 46 14.87 10.94 2.98
C PRO A 46 14.36 9.87 2.02
N GLY A 47 13.06 9.67 1.92
CA GLY A 47 12.54 8.74 0.93
C GLY A 47 12.62 9.29 -0.51
N ALA A 48 12.75 10.61 -0.65
CA ALA A 48 12.71 11.30 -1.97
C ALA A 48 14.08 11.27 -2.71
N SER A 49 14.60 10.05 -2.86
CA SER A 49 15.78 9.75 -3.57
C SER A 49 15.47 9.62 -5.06
N HIS A 50 14.23 9.57 -5.47
CA HIS A 50 13.89 9.38 -6.87
C HIS A 50 14.36 10.50 -7.87
N ASN A 51 14.63 10.04 -9.09
CA ASN A 51 15.19 10.87 -10.16
C ASN A 51 14.25 11.09 -11.29
N ARG A 52 14.62 12.03 -12.14
CA ARG A 52 13.73 12.41 -13.23
C ARG A 52 13.53 11.28 -14.24
N PHE A 53 14.49 10.36 -14.31
CA PHE A 53 14.45 9.23 -15.25
C PHE A 53 13.20 8.42 -15.04
N GLU A 54 13.03 7.94 -13.82
CA GLU A 54 11.87 7.06 -13.54
C GLU A 54 10.54 7.81 -13.67
N HIS A 55 10.52 9.06 -13.32
CA HIS A 55 9.34 9.87 -13.54
C HIS A 55 9.00 9.98 -15.01
N SER A 56 10.00 10.19 -15.85
CA SER A 56 9.81 10.24 -17.27
C SER A 56 9.28 8.94 -17.90
N LEU A 57 9.82 7.76 -17.54
CA LEU A 57 9.19 6.49 -17.93
C LEU A 57 7.70 6.50 -17.52
N GLY A 58 7.40 6.93 -16.31
CA GLY A 58 5.98 6.93 -15.88
C GLY A 58 5.11 7.88 -16.73
N VAL A 59 5.64 9.04 -17.12
CA VAL A 59 4.86 9.99 -17.87
C VAL A 59 4.58 9.42 -19.25
N GLY A 60 5.61 8.87 -19.87
CA GLY A 60 5.47 8.19 -21.16
C GLY A 60 4.46 7.08 -21.12
N TYR A 61 4.51 6.28 -20.06
CA TYR A 61 3.52 5.20 -19.88
C TYR A 61 2.11 5.76 -19.75
N LEU A 62 1.91 6.74 -18.89
CA LEU A 62 0.54 7.30 -18.72
C LEU A 62 -0.01 7.96 -19.96
N ALA A 63 0.88 8.61 -20.75
CA ALA A 63 0.47 9.26 -21.95
C ALA A 63 -0.08 8.22 -22.89
N GLY A 64 0.60 7.09 -22.98
CA GLY A 64 0.15 5.97 -23.77
C GLY A 64 -1.15 5.41 -23.31
N CYS A 65 -1.29 5.21 -22.00
CA CYS A 65 -2.56 4.69 -21.46
C CYS A 65 -3.74 5.60 -21.85
N LEU A 66 -3.58 6.91 -21.74
CA LEU A 66 -4.70 7.79 -22.04
C LEU A 66 -5.10 7.75 -23.55
N VAL A 67 -4.15 7.87 -24.44
CA VAL A 67 -4.44 7.90 -25.86
C VAL A 67 -4.96 6.52 -26.34
N HIS A 68 -4.42 5.44 -25.81
CA HIS A 68 -5.01 4.10 -26.08
C HIS A 68 -6.47 4.00 -25.61
N ALA A 69 -6.74 4.48 -24.42
CA ALA A 69 -8.11 4.39 -23.88
C ALA A 69 -9.07 5.22 -24.75
N LEU A 70 -8.64 6.43 -25.16
CA LEU A 70 -9.48 7.24 -25.98
C LEU A 70 -9.80 6.56 -27.33
N GLY A 71 -8.79 5.93 -27.91
CA GLY A 71 -8.94 5.29 -29.18
C GLY A 71 -9.81 4.08 -29.11
N GLU A 72 -9.70 3.33 -28.01
CA GLU A 72 -10.54 2.14 -27.83
C GLU A 72 -12.00 2.54 -27.67
N LYS A 73 -12.28 3.56 -26.88
CA LYS A 73 -13.67 3.99 -26.67
C LYS A 73 -14.29 4.65 -27.92
N GLN A 74 -13.51 5.40 -28.68
CA GLN A 74 -14.03 6.16 -29.83
C GLN A 74 -13.09 5.93 -31.04
N PRO A 75 -13.27 4.79 -31.73
CA PRO A 75 -12.45 4.53 -32.93
C PRO A 75 -12.67 5.61 -34.01
N GLU A 76 -13.77 6.36 -33.90
CA GLU A 76 -14.11 7.35 -34.90
C GLU A 76 -13.22 8.57 -34.75
N LEU A 77 -12.47 8.64 -33.65
CA LEU A 77 -11.43 9.65 -33.50
C LEU A 77 -10.26 9.41 -34.43
N GLN A 78 -10.15 8.20 -34.95
CA GLN A 78 -9.10 7.86 -35.91
C GLN A 78 -7.70 7.96 -35.31
N ILE A 79 -7.55 7.62 -34.04
CA ILE A 79 -6.22 7.59 -33.46
C ILE A 79 -5.38 6.47 -34.06
N SER A 80 -4.21 6.80 -34.58
CA SER A 80 -3.27 5.82 -35.15
C SER A 80 -2.13 5.38 -34.22
N GLU A 81 -1.50 4.26 -34.56
CA GLU A 81 -0.34 3.81 -33.81
C GLU A 81 0.79 4.84 -33.86
N ARG A 82 0.90 5.50 -34.98
CA ARG A 82 1.76 6.66 -35.12
C ARG A 82 1.47 7.75 -34.07
N ASP A 83 0.20 8.06 -33.88
CA ASP A 83 -0.23 9.03 -32.88
C ASP A 83 0.19 8.56 -31.49
N VAL A 84 -0.06 7.29 -31.20
CA VAL A 84 0.25 6.71 -29.92
C VAL A 84 1.74 6.86 -29.61
N LEU A 85 2.56 6.49 -30.57
CA LEU A 85 4.00 6.62 -30.34
C LEU A 85 4.49 8.02 -30.16
N CYS A 86 4.00 8.95 -30.97
CA CYS A 86 4.39 10.35 -30.83
C CYS A 86 4.04 10.92 -29.51
N VAL A 87 2.86 10.54 -28.99
CA VAL A 87 2.43 11.00 -27.68
C VAL A 87 3.28 10.36 -26.59
N GLN A 88 3.57 9.07 -26.70
CA GLN A 88 4.50 8.43 -25.76
C GLN A 88 5.87 9.06 -25.79
N ILE A 89 6.36 9.38 -26.98
CA ILE A 89 7.70 9.99 -27.04
C ILE A 89 7.71 11.35 -26.31
N ALA A 90 6.69 12.17 -26.60
CA ALA A 90 6.57 13.48 -25.95
C ALA A 90 6.51 13.30 -24.44
N GLY A 91 5.74 12.29 -23.98
CA GLY A 91 5.65 12.06 -22.57
C GLY A 91 6.98 11.70 -21.95
N LEU A 92 7.66 10.75 -22.58
CA LEU A 92 9.01 10.34 -22.15
C LEU A 92 9.97 11.48 -22.11
N CYS A 93 9.88 12.37 -23.10
CA CYS A 93 10.91 13.40 -23.27
C CYS A 93 10.60 14.81 -22.72
N ARG A 94 9.46 15.00 -22.04
CA ARG A 94 9.17 16.37 -21.57
C ARG A 94 9.97 16.82 -20.37
N ASN A 95 10.67 15.89 -19.75
CA ASN A 95 11.56 16.24 -18.66
C ASN A 95 13.06 16.31 -19.06
N LEU A 96 13.35 16.21 -20.36
CA LEU A 96 14.76 16.18 -20.82
C LEU A 96 15.55 17.41 -20.52
N GLY A 97 14.89 18.54 -20.41
CA GLY A 97 15.57 19.81 -20.20
C GLY A 97 15.94 20.19 -18.78
N HIS A 98 15.55 19.34 -17.82
CA HIS A 98 15.78 19.66 -16.43
C HIS A 98 17.23 19.68 -16.14
N GLY A 99 17.55 20.55 -15.18
CA GLY A 99 18.90 20.80 -14.78
C GLY A 99 19.17 20.18 -13.43
N PRO A 100 20.45 20.28 -12.95
CA PRO A 100 20.76 19.82 -11.57
C PRO A 100 19.69 20.26 -10.53
N PHE A 101 19.24 19.31 -9.74
CA PHE A 101 18.23 19.55 -8.68
C PHE A 101 16.87 20.05 -9.22
N SER A 102 16.60 19.75 -10.50
CA SER A 102 15.33 20.05 -11.13
C SER A 102 14.93 21.58 -11.03
N HIS A 103 13.86 21.89 -10.33
CA HIS A 103 13.29 23.24 -10.38
C HIS A 103 14.22 24.27 -9.76
N MET A 104 15.13 23.81 -8.93
CA MET A 104 16.16 24.71 -8.41
C MET A 104 16.96 25.44 -9.52
N PHE A 105 17.23 24.67 -10.57
CA PHE A 105 18.12 25.10 -11.60
C PHE A 105 17.50 26.21 -12.41
N ASP A 106 16.31 25.96 -12.91
CA ASP A 106 15.61 26.95 -13.72
C ASP A 106 14.86 27.96 -12.82
N GLY A 107 14.46 27.57 -11.64
CA GLY A 107 13.69 28.47 -10.76
C GLY A 107 14.52 29.41 -9.90
N ARG A 108 15.73 29.04 -9.55
CA ARG A 108 16.60 29.88 -8.74
C ARG A 108 17.97 30.19 -9.41
N PHE A 109 18.68 29.20 -9.90
CA PHE A 109 20.06 29.41 -10.31
C PHE A 109 20.21 30.27 -11.58
N ILE A 110 19.61 29.81 -12.67
CA ILE A 110 19.67 30.50 -13.92
C ILE A 110 19.18 31.98 -13.85
N PRO A 111 18.05 32.23 -13.23
CA PRO A 111 17.64 33.62 -13.01
C PRO A 111 18.72 34.52 -12.35
N LEU A 112 19.48 33.98 -11.40
CA LEU A 112 20.52 34.72 -10.72
C LEU A 112 21.87 34.73 -11.46
N ALA A 113 22.25 33.62 -12.04
CA ALA A 113 23.48 33.55 -12.81
C ALA A 113 23.42 34.33 -14.14
N ARG A 114 22.27 34.33 -14.81
CA ARG A 114 22.14 34.91 -16.14
C ARG A 114 20.79 35.56 -16.24
N PRO A 115 20.66 36.71 -15.56
CA PRO A 115 19.39 37.44 -15.50
C PRO A 115 18.95 37.93 -16.85
N GLU A 116 19.88 38.16 -17.75
CA GLU A 116 19.57 38.65 -19.10
C GLU A 116 18.85 37.61 -19.94
N VAL A 117 19.22 36.34 -19.77
CA VAL A 117 18.62 35.27 -20.57
C VAL A 117 17.26 34.89 -20.01
N LYS A 118 16.37 34.40 -20.85
CA LYS A 118 15.18 33.74 -20.38
C LYS A 118 15.22 32.28 -20.81
N TRP A 119 15.07 31.38 -19.85
CA TRP A 119 15.28 29.93 -20.05
C TRP A 119 14.29 29.18 -19.18
N THR A 120 13.75 28.12 -19.72
CA THR A 120 12.88 27.19 -18.97
C THR A 120 13.33 25.79 -19.32
N HIS A 121 13.04 24.86 -18.43
CA HIS A 121 13.31 23.46 -18.65
C HIS A 121 12.58 22.99 -19.92
N GLU A 122 11.40 23.53 -20.21
CA GLU A 122 10.67 23.12 -21.43
C GLU A 122 11.45 23.41 -22.68
N GLN A 123 12.01 24.62 -22.77
CA GLN A 123 12.88 24.99 -23.87
C GLN A 123 14.07 24.05 -23.95
N GLY A 124 14.63 23.78 -22.81
CA GLY A 124 15.67 22.77 -22.70
C GLY A 124 15.30 21.39 -23.19
N SER A 125 14.07 20.97 -22.87
CA SER A 125 13.63 19.66 -23.29
C SER A 125 13.62 19.52 -24.83
N VAL A 126 13.07 20.54 -25.48
CA VAL A 126 13.03 20.61 -26.93
C VAL A 126 14.46 20.58 -27.55
N MET A 127 15.37 21.38 -26.99
CA MET A 127 16.75 21.39 -27.45
C MET A 127 17.43 20.05 -27.28
N MET A 128 17.27 19.43 -26.10
CA MET A 128 17.87 18.14 -25.81
C MET A 128 17.28 17.08 -26.69
N PHE A 129 15.98 17.18 -26.90
CA PHE A 129 15.28 16.22 -27.76
C PHE A 129 15.88 16.19 -29.19
N GLU A 130 16.07 17.38 -29.73
CA GLU A 130 16.73 17.57 -31.03
C GLU A 130 18.13 17.00 -31.01
N HIS A 131 18.89 17.32 -29.98
CA HIS A 131 20.23 16.79 -29.82
C HIS A 131 20.25 15.25 -29.71
N LEU A 132 19.31 14.71 -28.94
CA LEU A 132 19.19 13.27 -28.82
C LEU A 132 18.97 12.61 -30.19
N ILE A 133 17.99 13.15 -30.92
CA ILE A 133 17.59 12.63 -32.22
C ILE A 133 18.75 12.62 -33.18
N ASN A 134 19.42 13.77 -33.27
CA ASN A 134 20.48 13.97 -34.24
C ASN A 134 21.71 13.20 -33.89
N SER A 135 22.10 13.16 -32.61
CA SER A 135 23.28 12.45 -32.18
C SER A 135 23.21 10.94 -32.27
N ASN A 136 22.00 10.39 -32.31
CA ASN A 136 21.87 8.94 -32.18
C ASN A 136 21.19 8.33 -33.43
N GLY A 137 21.02 9.09 -34.49
CA GLY A 137 20.44 8.53 -35.69
C GLY A 137 19.03 8.01 -35.52
N ILE A 138 18.22 8.71 -34.73
CA ILE A 138 16.85 8.21 -34.42
C ILE A 138 15.86 8.39 -35.57
N LYS A 139 15.99 9.47 -36.37
CA LYS A 139 15.04 9.74 -37.48
C LYS A 139 14.78 8.53 -38.39
N PRO A 140 15.85 7.84 -38.84
CA PRO A 140 15.62 6.63 -39.61
C PRO A 140 14.79 5.59 -38.86
N VAL A 141 15.05 5.45 -37.57
CA VAL A 141 14.33 4.47 -36.76
C VAL A 141 12.85 4.83 -36.62
N MET A 142 12.57 6.12 -36.47
CA MET A 142 11.20 6.61 -36.50
C MET A 142 10.43 6.20 -37.77
N GLU A 143 11.04 6.43 -38.92
CA GLU A 143 10.36 6.03 -40.15
C GLU A 143 10.18 4.53 -40.28
N GLN A 144 11.12 3.76 -39.74
CA GLN A 144 11.04 2.31 -39.76
C GLN A 144 9.75 1.83 -39.10
N TYR A 145 9.29 2.57 -38.10
CA TYR A 145 8.07 2.19 -37.39
C TYR A 145 6.89 3.06 -37.81
N GLY A 146 6.97 3.73 -38.96
CA GLY A 146 5.83 4.37 -39.58
C GLY A 146 5.63 5.83 -39.22
N LEU A 147 6.59 6.44 -38.54
CA LEU A 147 6.47 7.85 -38.25
C LEU A 147 6.98 8.63 -39.45
N ILE A 148 6.51 9.87 -39.57
CA ILE A 148 7.02 10.85 -40.53
C ILE A 148 7.86 11.92 -39.80
N PRO A 149 9.21 11.81 -39.86
CA PRO A 149 10.04 12.59 -38.94
C PRO A 149 9.83 14.09 -38.90
N GLU A 150 9.70 14.69 -40.06
CA GLU A 150 9.51 16.13 -40.14
C GLU A 150 8.27 16.58 -39.37
N GLU A 151 7.10 16.01 -39.71
CA GLU A 151 5.83 16.34 -39.01
C GLU A 151 5.84 15.92 -37.55
N ASP A 152 6.42 14.75 -37.28
CA ASP A 152 6.25 14.11 -35.96
C ASP A 152 7.19 14.69 -34.95
N ILE A 153 8.38 15.06 -35.40
CA ILE A 153 9.28 15.78 -34.56
C ILE A 153 8.66 17.12 -34.16
N CYS A 154 8.06 17.80 -35.11
CA CYS A 154 7.38 19.04 -34.84
C CYS A 154 6.27 18.80 -33.83
N PHE A 155 5.46 17.76 -34.07
CA PHE A 155 4.37 17.42 -33.16
C PHE A 155 4.84 17.19 -31.69
N ILE A 156 5.92 16.43 -31.54
CA ILE A 156 6.47 16.08 -30.25
C ILE A 156 6.94 17.36 -29.56
N LYS A 157 7.61 18.22 -30.29
CA LYS A 157 8.13 19.42 -29.66
C LYS A 157 7.01 20.36 -29.25
N GLU A 158 6.01 20.50 -30.11
CA GLU A 158 4.84 21.27 -29.79
C GLU A 158 4.12 20.78 -28.54
N GLN A 159 4.08 19.45 -28.37
CA GLN A 159 3.48 18.84 -27.19
C GLN A 159 4.22 19.23 -25.93
N ILE A 160 5.51 19.49 -26.03
CA ILE A 160 6.30 19.83 -24.87
C ILE A 160 6.31 21.32 -24.57
N VAL A 161 6.46 22.13 -25.59
CA VAL A 161 6.68 23.56 -25.38
C VAL A 161 5.54 24.45 -25.96
N GLY A 162 4.50 23.83 -26.54
CA GLY A 162 3.42 24.55 -27.21
C GLY A 162 3.79 24.97 -28.61
N PRO A 163 2.95 25.84 -29.26
CA PRO A 163 3.17 26.31 -30.63
C PRO A 163 4.54 26.96 -30.81
N LEU A 164 5.23 26.59 -31.87
CA LEU A 164 6.53 27.18 -32.14
C LEU A 164 6.44 28.60 -32.83
N GLU A 165 5.24 29.17 -33.05
CA GLU A 165 5.10 30.52 -33.67
C GLU A 165 6.28 31.45 -33.35
N LEU A 172 -6.84 31.33 -34.83
CA LEU A 172 -6.96 30.09 -35.62
C LEU A 172 -5.99 28.99 -35.13
N TRP A 173 -6.03 27.81 -35.75
CA TRP A 173 -5.15 26.67 -35.35
C TRP A 173 -3.68 27.03 -35.42
N PRO A 174 -3.00 27.13 -34.27
CA PRO A 174 -1.57 27.52 -34.26
C PRO A 174 -0.52 26.36 -34.42
N TYR A 175 -0.98 25.11 -34.47
CA TYR A 175 -0.08 23.95 -34.51
C TYR A 175 0.19 23.45 -35.93
N LYS A 176 1.38 22.93 -36.16
CA LYS A 176 1.70 22.30 -37.44
C LYS A 176 1.82 20.76 -37.38
N GLY A 177 2.15 20.19 -36.22
CA GLY A 177 2.33 18.76 -36.11
C GLY A 177 1.10 17.89 -36.34
N ARG A 178 -0.07 18.37 -35.93
CA ARG A 178 -1.34 17.69 -36.17
C ARG A 178 -2.42 18.73 -36.41
N PRO A 179 -3.52 18.33 -37.07
CA PRO A 179 -4.64 19.27 -37.31
C PRO A 179 -5.69 19.34 -36.20
N GLU A 180 -6.67 20.23 -36.37
CA GLU A 180 -7.71 20.52 -35.35
C GLU A 180 -8.50 19.30 -34.89
N ASN A 181 -8.72 18.38 -35.83
CA ASN A 181 -9.40 17.11 -35.52
C ASN A 181 -8.63 16.28 -34.49
N LYS A 182 -7.30 16.40 -34.42
CA LYS A 182 -6.53 15.72 -33.38
C LYS A 182 -6.12 16.70 -32.26
N SER A 183 -6.85 17.79 -32.05
CA SER A 183 -6.54 18.78 -31.03
C SER A 183 -6.34 18.17 -29.63
N PHE A 184 -7.20 17.24 -29.27
CA PHE A 184 -7.16 16.55 -28.02
C PHE A 184 -5.85 15.82 -27.74
N LEU A 185 -5.09 15.49 -28.76
CA LEU A 185 -3.80 14.89 -28.52
C LEU A 185 -2.82 15.84 -27.81
N TYR A 186 -2.98 17.14 -28.03
CA TYR A 186 -2.17 18.15 -27.35
C TYR A 186 -2.51 18.37 -25.86
N GLU A 187 -3.57 17.72 -25.38
CA GLU A 187 -4.04 17.87 -24.02
C GLU A 187 -3.49 16.81 -23.09
N ILE A 188 -2.78 15.83 -23.63
CA ILE A 188 -2.31 14.65 -22.86
C ILE A 188 -1.00 14.86 -22.06
N VAL A 189 0.06 15.31 -22.73
CA VAL A 189 1.39 15.38 -22.11
C VAL A 189 1.59 16.67 -21.35
N SER A 190 1.25 17.79 -21.97
CA SER A 190 1.47 19.06 -21.33
C SER A 190 0.33 20.01 -21.71
N ASN A 191 -0.68 20.01 -20.83
CA ASN A 191 -1.96 20.65 -21.11
C ASN A 191 -1.89 22.14 -20.82
N LYS A 192 -1.83 22.94 -21.88
CA LYS A 192 -1.68 24.41 -21.72
C LYS A 192 -3.01 25.07 -21.46
N ARG A 193 -4.10 24.39 -21.79
CA ARG A 193 -5.44 24.92 -21.55
C ARG A 193 -5.83 24.99 -20.05
N ASN A 194 -5.51 23.95 -19.28
CA ASN A 194 -6.00 23.83 -17.90
C ASN A 194 -5.06 23.06 -16.95
N GLY A 195 -3.93 22.58 -17.48
CA GLY A 195 -2.94 21.93 -16.66
C GLY A 195 -3.25 20.50 -16.32
N ILE A 196 -4.36 19.96 -16.78
CA ILE A 196 -4.66 18.58 -16.41
C ILE A 196 -3.96 17.65 -17.39
N ASP A 197 -2.81 17.10 -16.98
CA ASP A 197 -2.06 16.21 -17.86
C ASP A 197 -1.36 15.09 -17.09
N VAL A 198 -0.75 14.16 -17.81
CA VAL A 198 -0.27 12.93 -17.26
C VAL A 198 1.03 13.11 -16.49
N ASP A 199 1.70 14.23 -16.70
CA ASP A 199 2.92 14.57 -15.96
C ASP A 199 2.60 14.74 -14.47
N LYS A 200 1.61 15.56 -14.17
CA LYS A 200 1.08 15.67 -12.80
C LYS A 200 0.65 14.34 -12.25
N TRP A 201 -0.04 13.55 -13.04
CA TRP A 201 -0.54 12.30 -12.48
C TRP A 201 0.59 11.38 -12.06
N ASP A 202 1.71 11.34 -12.82
CA ASP A 202 2.79 10.50 -12.39
C ASP A 202 3.48 11.04 -11.15
N TYR A 203 3.72 12.34 -11.10
CA TYR A 203 4.41 12.87 -9.95
C TYR A 203 3.62 12.82 -8.70
N PHE A 204 2.31 12.97 -8.80
CA PHE A 204 1.46 12.82 -7.59
C PHE A 204 1.65 11.47 -6.98
N ALA A 205 1.56 10.46 -7.80
CA ALA A 205 1.64 9.11 -7.30
C ALA A 205 3.05 8.75 -6.90
N ARG A 206 4.04 9.16 -7.72
CA ARG A 206 5.44 8.84 -7.44
C ARG A 206 5.95 9.60 -6.22
N ASP A 207 5.70 10.92 -6.20
CA ASP A 207 6.20 11.74 -5.10
C ASP A 207 5.60 11.28 -3.77
N CYS A 208 4.28 11.04 -3.77
CA CYS A 208 3.60 10.49 -2.57
C CYS A 208 4.21 9.17 -2.08
N HIS A 209 4.44 8.26 -3.00
CA HIS A 209 5.09 6.98 -2.67
C HIS A 209 6.43 7.14 -1.97
N HIS A 210 7.23 8.11 -2.42
CA HIS A 210 8.57 8.30 -1.92
C HIS A 210 8.66 9.22 -0.71
N LEU A 211 7.89 10.29 -0.74
CA LEU A 211 7.83 11.22 0.39
C LEU A 211 7.28 10.49 1.64
N GLY A 212 6.30 9.65 1.39
CA GLY A 212 5.55 9.03 2.47
C GLY A 212 4.40 9.89 2.86
N ILE A 213 3.73 10.53 1.91
CA ILE A 213 2.48 11.20 2.18
C ILE A 213 1.49 10.74 1.15
N GLN A 214 0.21 10.82 1.49
CA GLN A 214 -0.77 10.17 0.67
C GLN A 214 -1.41 11.05 -0.39
N ASN A 215 -1.69 10.38 -1.51
CA ASN A 215 -2.21 10.99 -2.72
C ASN A 215 -3.68 10.73 -2.80
N ASN A 216 -4.45 11.78 -2.98
CA ASN A 216 -5.90 11.69 -3.00
C ASN A 216 -6.49 11.63 -4.44
N PHE A 217 -5.64 11.80 -5.46
CA PHE A 217 -6.10 11.75 -6.85
C PHE A 217 -6.01 10.37 -7.58
N ASP A 218 -7.11 9.96 -8.22
CA ASP A 218 -7.19 8.70 -8.93
C ASP A 218 -7.17 8.88 -10.45
N TYR A 219 -5.98 8.84 -11.06
CA TYR A 219 -5.86 9.11 -12.46
C TYR A 219 -6.50 8.00 -13.30
N LYS A 220 -6.44 6.77 -12.85
CA LYS A 220 -7.04 5.70 -13.60
C LYS A 220 -8.53 5.87 -13.71
N ARG A 221 -9.17 6.34 -12.64
CA ARG A 221 -10.59 6.66 -12.70
C ARG A 221 -10.83 7.73 -13.74
N PHE A 222 -10.01 8.76 -13.73
CA PHE A 222 -10.12 9.85 -14.69
C PHE A 222 -10.04 9.34 -16.14
N ILE A 223 -9.07 8.47 -16.40
CA ILE A 223 -8.95 7.88 -17.72
C ILE A 223 -10.21 7.11 -18.10
N LYS A 224 -10.71 6.26 -17.21
CA LYS A 224 -11.96 5.56 -17.52
C LYS A 224 -13.12 6.47 -17.85
N PHE A 225 -13.20 7.66 -17.25
CA PHE A 225 -14.29 8.54 -17.51
C PHE A 225 -14.01 9.60 -18.55
N ALA A 226 -12.87 9.51 -19.22
CA ALA A 226 -12.53 10.55 -20.19
C ALA A 226 -13.08 10.23 -21.57
N ARG A 227 -13.53 11.24 -22.28
CA ARG A 227 -14.02 11.08 -23.66
C ARG A 227 -13.51 12.27 -24.49
N VAL A 228 -13.55 12.15 -25.80
CA VAL A 228 -13.38 13.34 -26.63
C VAL A 228 -14.72 13.87 -27.12
N CYS A 229 -14.90 15.18 -27.05
CA CYS A 229 -16.09 15.90 -27.58
C CYS A 229 -15.74 17.16 -28.34
N GLU A 230 -16.59 17.58 -29.25
CA GLU A 230 -16.40 18.85 -29.93
C GLU A 230 -16.69 20.04 -29.01
N VAL A 231 -15.76 20.99 -28.98
CA VAL A 231 -15.86 22.25 -28.20
C VAL A 231 -15.30 23.38 -29.08
N ASP A 232 -16.10 24.43 -29.35
CA ASP A 232 -15.71 25.54 -30.26
C ASP A 232 -14.93 25.04 -31.49
N ASN A 233 -15.49 24.07 -32.22
CA ASN A 233 -14.84 23.46 -33.42
C ASN A 233 -13.50 22.79 -33.18
N GLU A 234 -13.20 22.48 -31.92
CA GLU A 234 -12.03 21.67 -31.59
C GLU A 234 -12.51 20.38 -30.94
N LEU A 235 -11.82 19.28 -31.21
CA LEU A 235 -12.08 18.05 -30.47
C LEU A 235 -11.19 18.07 -29.22
N ARG A 236 -11.82 18.07 -28.05
CA ARG A 236 -11.14 18.13 -26.79
C ARG A 236 -11.50 16.96 -25.84
N ILE A 237 -10.59 16.70 -24.90
CA ILE A 237 -10.82 15.69 -23.88
C ILE A 237 -11.81 16.26 -22.89
N CYS A 238 -12.91 15.55 -22.66
CA CYS A 238 -13.94 15.96 -21.72
C CYS A 238 -14.04 14.96 -20.62
N ALA A 239 -14.32 15.49 -19.45
CA ALA A 239 -14.56 14.65 -18.31
C ALA A 239 -16.07 14.45 -18.06
N ARG A 240 -16.42 13.30 -17.47
CA ARG A 240 -17.78 13.05 -17.05
C ARG A 240 -18.17 14.09 -16.02
N ASP A 241 -19.37 14.65 -16.19
CA ASP A 241 -19.82 15.76 -15.33
C ASP A 241 -19.61 15.51 -13.81
N LYS A 242 -19.95 14.33 -13.36
CA LYS A 242 -19.97 14.04 -11.92
C LYS A 242 -18.58 13.96 -11.33
N GLU A 243 -17.59 13.72 -12.17
CA GLU A 243 -16.19 13.79 -11.78
C GLU A 243 -15.64 15.21 -11.52
N VAL A 244 -16.44 16.26 -11.65
CA VAL A 244 -15.92 17.61 -11.46
C VAL A 244 -15.32 17.81 -10.06
N GLY A 245 -15.97 17.26 -9.05
CA GLY A 245 -15.46 17.31 -7.69
C GLY A 245 -14.06 16.72 -7.60
N ASN A 246 -13.88 15.57 -8.25
CA ASN A 246 -12.58 14.92 -8.28
C ASN A 246 -11.46 15.75 -8.93
N LEU A 247 -11.82 16.53 -9.93
CA LEU A 247 -10.92 17.50 -10.57
C LEU A 247 -10.54 18.63 -9.64
N TYR A 248 -11.51 19.21 -8.92
CA TYR A 248 -11.18 20.21 -7.92
C TYR A 248 -10.20 19.59 -6.92
N ASP A 249 -10.44 18.34 -6.59
CA ASP A 249 -9.63 17.63 -5.60
C ASP A 249 -8.22 17.40 -6.10
N MET A 250 -8.07 17.18 -7.39
CA MET A 250 -6.77 17.05 -7.97
C MET A 250 -5.92 18.32 -7.72
N PHE A 251 -6.52 19.49 -7.94
CA PHE A 251 -5.81 20.74 -7.72
C PHE A 251 -5.53 21.06 -6.27
N HIS A 252 -6.49 20.67 -5.44
CA HIS A 252 -6.33 20.76 -4.02
C HIS A 252 -5.09 19.92 -3.56
N THR A 253 -4.99 18.70 -4.08
CA THR A 253 -3.87 17.81 -3.80
C THR A 253 -2.55 18.42 -4.26
N ARG A 254 -2.56 19.01 -5.43
CA ARG A 254 -1.35 19.64 -5.96
C ARG A 254 -0.88 20.74 -5.00
N ASN A 255 -1.81 21.52 -4.50
CA ASN A 255 -1.47 22.61 -3.62
C ASN A 255 -0.97 22.11 -2.28
N SER A 256 -1.58 21.06 -1.74
CA SER A 256 -1.10 20.37 -0.56
C SER A 256 0.31 19.86 -0.71
N LEU A 257 0.60 19.25 -1.87
CA LEU A 257 1.95 18.74 -2.11
C LEU A 257 3.00 19.84 -2.16
N HIS A 258 2.60 20.95 -2.76
CA HIS A 258 3.46 22.16 -2.70
C HIS A 258 3.70 22.67 -1.29
N ARG A 259 2.63 22.77 -0.50
CA ARG A 259 2.72 23.25 0.87
C ARG A 259 3.58 22.38 1.73
N ARG A 260 3.29 21.08 1.73
CA ARG A 260 3.97 20.16 2.62
C ARG A 260 5.38 19.82 2.13
N ALA A 261 5.57 19.64 0.83
CA ALA A 261 6.81 19.07 0.36
C ALA A 261 7.63 20.01 -0.58
N TYR A 262 7.05 20.42 -1.71
CA TYR A 262 7.84 21.04 -2.74
C TYR A 262 8.30 22.44 -2.31
N GLN A 263 7.51 23.13 -1.47
CA GLN A 263 7.90 24.37 -0.86
C GLN A 263 8.21 24.25 0.64
N HIS A 264 8.54 23.05 1.12
CA HIS A 264 8.99 22.94 2.52
C HIS A 264 10.04 24.03 2.83
N LYS A 265 9.84 24.78 3.90
CA LYS A 265 10.69 25.90 4.27
C LYS A 265 12.20 25.53 4.32
N VAL A 266 12.51 24.34 4.80
CA VAL A 266 13.91 23.90 4.85
C VAL A 266 14.40 23.32 3.54
N GLY A 267 13.57 22.58 2.82
CA GLY A 267 13.99 22.19 1.48
C GLY A 267 14.30 23.40 0.61
N ASN A 268 13.49 24.45 0.71
CA ASN A 268 13.73 25.69 -0.02
C ASN A 268 15.02 26.40 0.36
N ILE A 269 15.33 26.46 1.65
CA ILE A 269 16.59 27.07 2.08
C ILE A 269 17.79 26.23 1.67
N ILE A 270 17.64 24.91 1.61
CA ILE A 270 18.69 24.06 1.10
C ILE A 270 18.88 24.28 -0.40
N ASP A 271 17.79 24.34 -1.13
CA ASP A 271 17.86 24.70 -2.55
C ASP A 271 18.60 26.08 -2.74
N THR A 272 18.30 27.01 -1.84
CA THR A 272 18.92 28.34 -1.87
C THR A 272 20.41 28.23 -1.58
N MET A 273 20.76 27.38 -0.60
CA MET A 273 22.18 27.27 -0.26
C MET A 273 22.98 26.60 -1.39
N ILE A 274 22.39 25.58 -2.01
CA ILE A 274 23.04 24.90 -3.14
C ILE A 274 23.19 25.88 -4.31
N THR A 275 22.16 26.68 -4.56
CA THR A 275 22.24 27.71 -5.59
C THR A 275 23.42 28.71 -5.32
N ASP A 276 23.56 29.14 -4.07
CA ASP A 276 24.63 30.01 -3.65
C ASP A 276 26.00 29.37 -3.85
N ALA A 277 26.14 28.10 -3.51
CA ALA A 277 27.35 27.36 -3.88
C ALA A 277 27.62 27.27 -5.37
N PHE A 278 26.56 27.02 -6.17
CA PHE A 278 26.72 26.96 -7.62
C PHE A 278 27.20 28.32 -8.16
N LEU A 279 26.63 29.41 -7.68
CA LEU A 279 27.04 30.78 -8.11
C LEU A 279 28.52 31.04 -7.79
N LYS A 280 28.95 30.57 -6.62
CA LYS A 280 30.32 30.72 -6.18
C LYS A 280 31.24 29.75 -6.85
N ALA A 281 30.74 28.72 -7.50
CA ALA A 281 31.60 27.81 -8.23
C ALA A 281 31.60 28.09 -9.73
N ASP A 282 30.64 28.86 -10.21
CA ASP A 282 30.33 28.90 -11.67
C ASP A 282 31.50 29.46 -12.56
N ASP A 283 32.35 30.31 -11.98
CA ASP A 283 33.54 30.75 -12.69
C ASP A 283 34.62 29.70 -12.76
N TYR A 284 34.52 28.60 -12.04
CA TYR A 284 35.66 27.70 -11.91
C TYR A 284 35.39 26.31 -12.46
N ILE A 285 34.12 25.92 -12.49
CA ILE A 285 33.78 24.64 -13.06
C ILE A 285 33.71 24.84 -14.55
N GLU A 286 34.32 23.89 -15.24
CA GLU A 286 34.30 23.94 -16.69
C GLU A 286 33.80 22.62 -17.28
N ILE A 287 32.93 22.73 -18.26
CA ILE A 287 32.23 21.60 -18.81
C ILE A 287 32.42 21.61 -20.32
N THR A 288 32.93 20.52 -20.85
CA THR A 288 33.30 20.49 -22.26
C THR A 288 32.09 20.16 -23.12
N GLY A 289 31.82 21.01 -24.08
CA GLY A 289 30.77 20.83 -25.05
C GLY A 289 31.30 20.55 -26.46
N ALA A 290 30.50 20.96 -27.44
CA ALA A 290 30.77 20.61 -28.83
C ALA A 290 32.08 21.31 -29.29
N GLY A 291 32.87 20.57 -30.06
CA GLY A 291 34.12 21.07 -30.57
C GLY A 291 35.17 21.31 -29.52
N GLY A 292 35.07 20.62 -28.39
CA GLY A 292 35.99 20.83 -27.27
C GLY A 292 35.87 22.17 -26.55
N LYS A 293 34.96 23.03 -26.98
CA LYS A 293 34.70 24.29 -26.32
C LYS A 293 34.22 24.09 -24.85
N LYS A 294 34.62 25.01 -23.97
CA LYS A 294 34.34 24.86 -22.55
C LYS A 294 33.24 25.79 -22.10
N TYR A 295 32.37 25.29 -21.24
CA TYR A 295 31.22 26.04 -20.75
C TYR A 295 31.21 26.07 -19.26
N ARG A 296 30.35 26.88 -18.71
CA ARG A 296 30.18 26.91 -17.29
C ARG A 296 28.84 26.28 -16.95
N ILE A 297 28.59 26.12 -15.68
CA ILE A 297 27.29 25.63 -15.20
C ILE A 297 26.19 26.48 -15.80
N SER A 298 26.39 27.79 -15.77
CA SER A 298 25.35 28.72 -16.25
C SER A 298 25.30 28.86 -17.79
N THR A 299 26.34 28.41 -18.51
CA THR A 299 26.31 28.56 -19.99
C THR A 299 26.18 27.22 -20.71
N ALA A 300 26.26 26.12 -19.98
CA ALA A 300 26.07 24.78 -20.57
C ALA A 300 24.70 24.60 -21.18
N ILE A 301 23.75 25.40 -20.71
CA ILE A 301 22.43 25.47 -21.37
C ILE A 301 22.43 25.91 -22.82
N ASP A 302 23.48 26.59 -23.29
CA ASP A 302 23.61 27.01 -24.71
C ASP A 302 24.11 25.84 -25.57
N ASP A 303 24.78 24.84 -24.99
CA ASP A 303 25.27 23.72 -25.78
C ASP A 303 24.79 22.35 -25.23
N MET A 304 24.04 21.60 -26.03
CA MET A 304 23.43 20.37 -25.49
C MET A 304 24.39 19.27 -25.16
N GLU A 305 25.46 19.17 -25.91
CA GLU A 305 26.55 18.27 -25.59
C GLU A 305 27.15 18.57 -24.21
N ALA A 306 27.27 19.85 -23.86
CA ALA A 306 27.75 20.18 -22.52
C ALA A 306 26.65 19.90 -21.47
N TYR A 307 25.41 20.30 -21.81
CA TYR A 307 24.27 20.17 -20.90
C TYR A 307 24.00 18.72 -20.55
N THR A 308 24.28 17.82 -21.51
CA THR A 308 24.21 16.40 -21.29
C THR A 308 24.97 15.98 -20.06
N LYS A 309 26.07 16.64 -19.76
CA LYS A 309 26.98 16.25 -18.67
C LYS A 309 26.80 17.12 -17.45
N LEU A 310 25.68 17.84 -17.40
CA LEU A 310 25.40 18.74 -16.29
C LEU A 310 24.23 18.15 -15.43
N THR A 311 24.60 17.58 -14.30
CA THR A 311 23.68 16.86 -13.44
C THR A 311 23.96 17.16 -11.95
N ASP A 312 23.26 16.47 -11.04
CA ASP A 312 23.47 16.65 -9.60
C ASP A 312 24.93 16.38 -9.18
N ASN A 313 25.66 15.65 -10.00
CA ASN A 313 27.07 15.48 -9.83
C ASN A 313 27.87 16.73 -9.49
N ILE A 314 27.53 17.88 -10.07
CA ILE A 314 28.27 19.10 -9.77
C ILE A 314 28.29 19.41 -8.29
N PHE A 315 27.23 19.06 -7.57
CA PHE A 315 27.19 19.23 -6.13
C PHE A 315 28.43 18.57 -5.52
N LEU A 316 28.66 17.30 -5.88
CA LEU A 316 29.76 16.52 -5.31
C LEU A 316 31.15 16.92 -5.88
N GLU A 317 31.17 17.36 -7.12
CA GLU A 317 32.38 17.84 -7.71
C GLU A 317 32.89 19.05 -6.91
N ILE A 318 31.98 19.96 -6.55
CA ILE A 318 32.28 21.04 -5.64
C ILE A 318 32.67 20.55 -4.25
N LEU A 319 31.87 19.65 -3.67
CA LEU A 319 32.10 19.22 -2.30
C LEU A 319 33.44 18.55 -2.13
N TYR A 320 33.81 17.74 -3.12
CA TYR A 320 35.08 17.00 -3.09
C TYR A 320 36.27 17.72 -3.76
N SER A 321 36.05 18.94 -4.26
CA SER A 321 37.14 19.69 -4.87
C SER A 321 38.20 20.02 -3.84
N THR A 322 39.43 20.18 -4.30
CA THR A 322 40.55 20.72 -3.47
C THR A 322 41.03 22.09 -3.97
N ASP A 323 40.57 22.52 -5.13
CA ASP A 323 41.05 23.78 -5.65
C ASP A 323 40.64 24.93 -4.77
N PRO A 324 41.62 25.79 -4.40
CA PRO A 324 41.34 26.97 -3.53
C PRO A 324 40.29 27.93 -4.05
N LYS A 325 40.15 27.99 -5.37
CA LYS A 325 39.16 28.87 -5.99
C LYS A 325 37.76 28.43 -5.59
N LEU A 326 37.59 27.12 -5.32
CA LEU A 326 36.29 26.54 -4.97
C LEU A 326 36.07 26.44 -3.48
N LYS A 327 37.01 26.94 -2.70
CA LYS A 327 36.89 26.94 -1.26
C LYS A 327 35.57 27.55 -0.75
N ASP A 328 35.21 28.74 -1.24
CA ASP A 328 33.96 29.38 -0.85
C ASP A 328 32.67 28.51 -1.10
N ALA A 329 32.62 27.88 -2.27
CA ALA A 329 31.50 27.09 -2.72
C ALA A 329 31.48 25.84 -1.88
N ARG A 330 32.62 25.21 -1.74
CA ARG A 330 32.78 24.02 -0.93
C ARG A 330 32.40 24.25 0.54
N GLU A 331 32.74 25.41 1.11
CA GLU A 331 32.34 25.73 2.48
C GLU A 331 30.82 25.77 2.74
N ILE A 332 30.07 26.30 1.78
CA ILE A 332 28.63 26.31 1.88
C ILE A 332 28.07 24.90 1.85
N LEU A 333 28.58 24.05 0.97
CA LEU A 333 28.12 22.64 0.96
C LEU A 333 28.48 21.91 2.26
N LYS A 334 29.64 22.21 2.81
CA LYS A 334 30.02 21.68 4.11
C LYS A 334 29.06 22.12 5.21
N GLN A 335 28.59 23.35 5.13
CA GLN A 335 27.65 23.80 6.13
C GLN A 335 26.30 23.01 6.07
N ILE A 336 25.88 22.71 4.85
CA ILE A 336 24.75 21.83 4.63
C ILE A 336 24.97 20.47 5.31
N GLU A 337 26.15 19.88 5.16
CA GLU A 337 26.44 18.58 5.77
C GLU A 337 26.38 18.58 7.27
N TYR A 338 26.86 19.66 7.88
CA TYR A 338 26.81 19.83 9.35
C TYR A 338 25.47 20.35 9.78
N ARG A 339 24.59 20.63 8.86
CA ARG A 339 23.29 21.10 9.20
C ARG A 339 23.38 22.45 9.90
N ASN A 340 24.39 23.24 9.57
N ASN A 340 24.37 23.23 9.55
CA ASN A 340 24.44 24.62 10.03
CA ASN A 340 24.44 24.58 10.03
C ASN A 340 23.79 25.42 8.93
C ASN A 340 23.79 25.40 8.93
N LEU A 341 22.45 25.42 8.88
CA LEU A 341 21.70 26.10 7.78
C LEU A 341 21.32 27.52 8.14
N PHE A 342 20.88 28.25 7.13
CA PHE A 342 20.34 29.58 7.34
C PHE A 342 19.07 29.34 8.10
N LYS A 343 18.73 30.28 8.99
CA LYS A 343 17.64 30.05 9.94
C LYS A 343 16.37 30.66 9.40
N TYR A 344 15.31 29.88 9.50
CA TYR A 344 14.02 30.30 9.11
C TYR A 344 13.58 31.28 10.19
N VAL A 345 13.09 32.42 9.78
CA VAL A 345 12.56 33.44 10.70
C VAL A 345 11.04 33.34 10.81
N GLY A 346 10.37 33.18 9.68
CA GLY A 346 8.93 33.12 9.67
C GLY A 346 8.37 33.29 8.27
N GLU A 347 7.05 33.32 8.23
CA GLU A 347 6.28 33.26 6.99
C GLU A 347 5.15 34.23 7.14
N THR A 348 4.75 34.86 6.03
CA THR A 348 3.64 35.78 6.03
C THR A 348 3.08 35.79 4.64
N GLN A 349 1.94 36.43 4.48
CA GLN A 349 1.33 36.59 3.15
C GLN A 349 0.87 38.02 2.92
N PRO A 350 0.84 38.44 1.67
CA PRO A 350 0.22 39.73 1.38
C PRO A 350 -1.29 39.66 1.52
N THR A 351 -1.83 40.67 2.15
CA THR A 351 -3.27 40.88 2.21
C THR A 351 -3.76 41.48 0.88
N GLY A 352 -2.91 42.25 0.21
CA GLY A 352 -3.27 42.94 -1.03
C GLY A 352 -3.23 42.09 -2.31
N GLN A 353 -4.07 42.47 -3.25
CA GLN A 353 -4.04 41.86 -4.57
C GLN A 353 -2.87 42.45 -5.37
N ILE A 354 -2.51 41.75 -6.44
CA ILE A 354 -1.42 42.16 -7.35
C ILE A 354 -0.05 41.66 -6.85
N LYS A 355 -0.02 41.13 -5.63
CA LYS A 355 1.10 40.34 -5.16
C LYS A 355 2.39 41.12 -5.27
N ILE A 356 3.45 40.46 -5.71
CA ILE A 356 4.74 41.05 -5.74
C ILE A 356 5.50 40.64 -6.99
N LYS A 357 6.15 41.63 -7.60
CA LYS A 357 6.85 41.44 -8.86
C LYS A 357 8.14 40.70 -8.65
N ARG A 358 8.54 39.94 -9.64
CA ARG A 358 9.84 39.27 -9.64
C ARG A 358 10.98 40.29 -9.61
N GLU A 359 10.78 41.40 -10.33
CA GLU A 359 11.75 42.48 -10.35
C GLU A 359 11.92 43.09 -8.96
N ASP A 360 10.85 43.11 -8.19
CA ASP A 360 10.89 43.64 -6.82
C ASP A 360 11.64 42.76 -5.78
N TYR A 361 11.87 41.49 -6.10
CA TYR A 361 12.41 40.53 -5.13
C TYR A 361 13.71 40.98 -4.48
N GLU A 362 14.59 41.52 -5.32
CA GLU A 362 15.91 42.03 -4.91
C GLU A 362 15.85 43.09 -3.81
N SER A 363 14.81 43.92 -3.86
CA SER A 363 14.63 45.02 -2.90
C SER A 363 14.16 44.59 -1.52
N LEU A 364 13.68 43.35 -1.41
CA LEU A 364 12.96 42.91 -0.20
C LEU A 364 13.84 42.71 1.03
N PRO A 365 15.03 42.11 0.88
CA PRO A 365 15.89 41.99 2.03
C PRO A 365 16.26 43.36 2.62
N LYS A 366 16.52 44.32 1.76
CA LYS A 366 16.79 45.70 2.13
C LYS A 366 15.59 46.29 2.91
N GLU A 367 14.39 46.03 2.42
CA GLU A 367 13.20 46.48 3.13
C GLU A 367 13.10 45.94 4.56
N VAL A 368 13.39 44.65 4.74
CA VAL A 368 13.32 44.03 6.07
C VAL A 368 14.33 44.68 6.98
N ALA A 369 15.54 44.88 6.45
CA ALA A 369 16.63 45.48 7.22
C ALA A 369 16.35 46.94 7.57
N SER A 370 15.52 47.60 6.76
CA SER A 370 15.13 48.99 6.96
C SER A 370 13.97 49.17 7.95
N ALA A 371 13.33 48.09 8.34
CA ALA A 371 12.29 48.19 9.37
C ALA A 371 12.88 48.66 10.71
N LYS A 372 12.08 49.39 11.48
CA LYS A 372 12.49 49.91 12.77
C LYS A 372 11.58 49.43 13.88
N PRO A 373 11.80 48.19 14.31
CA PRO A 373 11.02 47.65 15.43
C PRO A 373 11.27 48.44 16.71
N LYS A 374 10.20 48.80 17.43
CA LYS A 374 10.33 49.46 18.74
C LYS A 374 10.59 48.39 19.81
N VAL A 375 11.80 47.85 19.80
CA VAL A 375 12.24 46.79 20.70
C VAL A 375 13.72 46.94 20.92
N LEU A 376 14.16 46.58 22.10
CA LEU A 376 15.57 46.66 22.45
C LEU A 376 16.35 45.59 21.69
N LEU A 377 17.33 46.02 20.89
CA LEU A 377 18.18 45.11 20.14
C LEU A 377 19.66 45.30 20.45
N ASP A 378 20.31 44.22 20.80
CA ASP A 378 21.75 44.21 20.89
C ASP A 378 22.36 44.38 19.50
N VAL A 379 21.83 43.71 18.49
CA VAL A 379 22.52 43.53 17.20
C VAL A 379 21.76 44.15 16.04
N LYS A 380 22.48 44.86 15.19
CA LYS A 380 21.90 45.47 14.02
C LYS A 380 22.19 44.56 12.80
N LEU A 381 21.15 44.24 12.03
CA LEU A 381 21.30 43.39 10.87
C LEU A 381 21.28 44.21 9.57
N LYS A 382 21.91 43.65 8.54
CA LYS A 382 22.03 44.28 7.24
C LYS A 382 21.23 43.51 6.22
N ALA A 383 20.97 44.17 5.11
CA ALA A 383 20.24 43.56 4.02
C ALA A 383 20.79 42.19 3.66
N GLU A 384 22.11 42.11 3.55
CA GLU A 384 22.81 40.89 3.13
C GLU A 384 22.58 39.74 4.09
N ASP A 385 22.24 40.05 5.33
CA ASP A 385 21.94 39.00 6.34
C ASP A 385 20.61 38.27 6.11
N PHE A 386 19.74 38.82 5.26
CA PHE A 386 18.40 38.28 5.07
C PHE A 386 18.22 37.61 3.71
N ILE A 387 17.51 36.51 3.73
CA ILE A 387 16.94 35.93 2.53
C ILE A 387 15.42 36.05 2.59
N VAL A 388 14.83 36.52 1.50
CA VAL A 388 13.40 36.63 1.37
C VAL A 388 13.04 35.78 0.16
N ASP A 389 12.25 34.73 0.38
CA ASP A 389 11.86 33.80 -0.67
C ASP A 389 10.35 34.00 -0.90
N VAL A 390 9.97 34.44 -2.08
CA VAL A 390 8.58 34.66 -2.46
C VAL A 390 8.06 33.50 -3.32
N ILE A 391 6.97 32.87 -2.86
CA ILE A 391 6.43 31.68 -3.45
C ILE A 391 5.03 31.95 -3.96
N ASN A 392 4.83 31.65 -5.24
CA ASN A 392 3.56 31.75 -5.89
C ASN A 392 2.84 30.41 -5.84
N MET A 393 1.71 30.38 -5.12
CA MET A 393 0.89 29.19 -4.97
C MET A 393 -0.41 29.46 -5.72
N ASP A 394 -0.71 28.63 -6.70
CA ASP A 394 -1.97 28.77 -7.39
C ASP A 394 -2.53 27.44 -7.90
N TYR A 395 -3.62 27.53 -8.65
CA TYR A 395 -4.23 26.35 -9.28
C TYR A 395 -3.70 26.16 -10.69
N GLY A 396 -2.50 26.65 -10.98
CA GLY A 396 -1.87 26.46 -12.29
C GLY A 396 -2.11 27.58 -13.30
N MET A 397 -3.03 28.52 -13.03
CA MET A 397 -3.42 29.53 -14.05
C MET A 397 -3.58 30.90 -13.43
N GLN A 398 -2.66 31.19 -12.53
CA GLN A 398 -2.64 32.44 -11.81
C GLN A 398 -3.99 32.60 -11.12
N GLU A 399 -4.69 33.70 -11.35
N GLU A 399 -4.70 33.71 -11.33
CA GLU A 399 -5.95 33.98 -10.66
CA GLU A 399 -5.95 33.96 -10.61
C GLU A 399 -7.10 33.11 -11.16
C GLU A 399 -7.11 33.12 -11.16
N LYS A 400 -6.94 32.52 -12.33
CA LYS A 400 -8.04 31.77 -12.96
C LYS A 400 -8.28 30.36 -12.37
N ASN A 401 -9.54 29.97 -12.40
CA ASN A 401 -10.01 28.69 -11.99
C ASN A 401 -9.86 27.71 -13.16
N PRO A 402 -8.99 26.69 -13.05
CA PRO A 402 -8.75 25.80 -14.19
C PRO A 402 -9.98 25.02 -14.57
N ILE A 403 -10.88 24.80 -13.60
CA ILE A 403 -12.09 24.03 -13.90
C ILE A 403 -13.06 24.79 -14.82
N ASP A 404 -12.99 26.12 -14.82
CA ASP A 404 -13.70 26.91 -15.81
C ASP A 404 -13.18 26.64 -17.19
N HIS A 405 -11.99 26.04 -17.32
CA HIS A 405 -11.45 25.73 -18.65
C HIS A 405 -11.44 24.25 -18.96
N VAL A 406 -12.33 23.53 -18.29
CA VAL A 406 -12.57 22.09 -18.53
C VAL A 406 -13.98 21.93 -19.10
N SER A 407 -14.10 20.98 -20.02
CA SER A 407 -15.33 20.61 -20.62
C SER A 407 -15.75 19.25 -20.11
N PHE A 408 -17.08 19.10 -19.96
CA PHE A 408 -17.68 17.87 -19.41
C PHE A 408 -18.73 17.27 -20.36
N TYR A 409 -19.08 16.04 -20.12
CA TYR A 409 -20.18 15.40 -20.83
C TYR A 409 -21.06 14.71 -19.82
N CYS A 410 -22.31 14.45 -20.17
N CYS A 410 -22.30 14.42 -20.20
CA CYS A 410 -23.23 13.73 -19.27
CA CYS A 410 -23.26 13.76 -19.31
C CYS A 410 -23.60 12.37 -19.84
C CYS A 410 -23.61 12.38 -19.84
N LYS A 411 -24.03 11.48 -18.96
CA LYS A 411 -24.31 10.10 -19.37
C LYS A 411 -25.41 9.97 -20.41
N THR A 412 -26.40 10.86 -20.39
CA THR A 412 -27.49 10.80 -21.38
C THR A 412 -27.04 11.28 -22.77
N ALA A 413 -25.91 12.01 -22.84
CA ALA A 413 -25.37 12.53 -24.11
C ALA A 413 -23.83 12.57 -24.09
N PRO A 414 -23.20 11.40 -24.28
CA PRO A 414 -21.78 11.27 -24.07
C PRO A 414 -20.87 12.08 -25.03
N ASN A 415 -21.33 12.37 -26.24
CA ASN A 415 -20.53 13.17 -27.16
C ASN A 415 -20.82 14.64 -27.18
N ARG A 416 -21.68 15.11 -26.30
CA ARG A 416 -21.99 16.53 -26.23
C ARG A 416 -21.28 17.17 -25.03
N ALA A 417 -20.53 18.21 -25.30
CA ALA A 417 -19.77 18.92 -24.27
C ALA A 417 -20.61 19.95 -23.53
N ILE A 418 -20.44 20.03 -22.22
CA ILE A 418 -21.04 21.07 -21.41
C ILE A 418 -20.02 21.73 -20.50
N ARG A 419 -20.44 22.85 -19.92
CA ARG A 419 -19.61 23.59 -18.99
C ARG A 419 -20.26 23.51 -17.63
N ILE A 420 -19.42 23.52 -16.58
CA ILE A 420 -19.88 23.49 -15.21
C ILE A 420 -19.19 24.58 -14.39
N THR A 421 -20.00 25.40 -13.72
CA THR A 421 -19.51 26.53 -12.94
C THR A 421 -19.33 26.09 -11.52
N LYS A 422 -18.54 26.86 -10.77
CA LYS A 422 -18.18 26.54 -9.39
C LYS A 422 -19.43 26.46 -8.48
N ASN A 423 -20.35 27.40 -8.62
CA ASN A 423 -21.59 27.39 -7.85
C ASN A 423 -22.45 26.13 -8.11
N GLN A 424 -22.33 25.55 -9.30
CA GLN A 424 -23.01 24.27 -9.55
C GLN A 424 -22.36 23.10 -8.86
N VAL A 425 -21.27 23.31 -8.15
CA VAL A 425 -20.52 22.15 -7.63
C VAL A 425 -20.60 22.09 -6.12
N SER A 426 -20.17 23.19 -5.47
CA SER A 426 -20.13 23.28 -4.04
C SER A 426 -19.83 24.71 -3.60
N GLN A 427 -20.48 25.21 -2.54
CA GLN A 427 -19.97 26.42 -1.86
C GLN A 427 -18.81 26.21 -0.85
N LEU A 428 -18.29 25.00 -0.76
CA LEU A 428 -17.12 24.74 0.06
C LEU A 428 -15.78 24.93 -0.69
N LEU A 429 -15.82 25.42 -1.92
CA LEU A 429 -14.62 25.51 -2.71
C LEU A 429 -13.93 26.88 -2.53
N PRO A 430 -12.69 27.03 -3.01
CA PRO A 430 -12.01 28.29 -2.86
C PRO A 430 -12.69 29.46 -3.57
N GLU A 431 -12.66 30.64 -2.99
CA GLU A 431 -13.06 31.85 -3.71
C GLU A 431 -11.89 32.51 -4.47
N LYS A 432 -10.64 32.23 -4.08
CA LYS A 432 -9.47 32.63 -4.87
C LYS A 432 -8.64 31.42 -5.28
N PHE A 433 -7.85 31.58 -6.33
CA PHE A 433 -7.02 30.51 -6.89
C PHE A 433 -5.51 30.81 -6.98
N ALA A 434 -5.09 31.98 -6.48
CA ALA A 434 -3.68 32.29 -6.37
C ALA A 434 -3.39 33.06 -5.10
N GLU A 435 -2.16 32.90 -4.61
CA GLU A 435 -1.69 33.59 -3.43
C GLU A 435 -0.19 33.52 -3.38
N GLN A 436 0.38 34.38 -2.54
CA GLN A 436 1.79 34.33 -2.33
C GLN A 436 2.14 34.09 -0.89
N LEU A 437 3.14 33.23 -0.71
CA LEU A 437 3.83 33.05 0.57
C LEU A 437 5.17 33.74 0.55
N ILE A 438 5.47 34.39 1.67
CA ILE A 438 6.75 35.01 1.85
C ILE A 438 7.48 34.38 3.03
N ARG A 439 8.64 33.82 2.78
CA ARG A 439 9.45 33.30 3.83
C ARG A 439 10.66 34.16 4.02
N VAL A 440 11.04 34.35 5.29
CA VAL A 440 12.24 35.10 5.61
C VAL A 440 13.17 34.21 6.39
N TYR A 441 14.44 34.34 6.06
CA TYR A 441 15.49 33.58 6.71
C TYR A 441 16.62 34.54 7.04
N CYS A 442 17.47 34.13 7.98
CA CYS A 442 18.64 34.89 8.33
C CYS A 442 19.91 34.03 8.21
N LYS A 443 20.96 34.61 7.61
CA LYS A 443 22.25 33.96 7.49
C LYS A 443 23.06 33.92 8.79
N LYS A 444 22.76 34.81 9.73
CA LYS A 444 23.41 34.82 11.05
C LYS A 444 22.55 33.95 11.92
N VAL A 445 23.17 32.93 12.46
CA VAL A 445 22.47 31.85 13.12
C VAL A 445 22.63 31.88 14.64
N ASP A 446 23.35 32.85 15.18
CA ASP A 446 23.44 32.98 16.65
C ASP A 446 22.09 33.38 17.25
N ARG A 447 21.94 33.07 18.53
CA ARG A 447 20.72 33.36 19.30
C ARG A 447 20.26 34.84 19.22
N LYS A 448 21.20 35.74 19.41
CA LYS A 448 20.86 37.16 19.41
C LYS A 448 20.49 37.67 18.04
N SER A 449 21.17 37.14 17.02
CA SER A 449 20.89 37.51 15.64
C SER A 449 19.49 37.03 15.23
N LEU A 450 19.17 35.82 15.62
CA LEU A 450 17.88 35.24 15.30
C LEU A 450 16.74 36.03 15.94
N TYR A 451 16.92 36.36 17.21
CA TYR A 451 15.97 37.16 17.94
C TYR A 451 15.73 38.53 17.23
N ALA A 452 16.82 39.15 16.79
CA ALA A 452 16.72 40.42 16.13
C ALA A 452 15.95 40.26 14.83
N ALA A 453 16.31 39.20 14.10
CA ALA A 453 15.74 38.94 12.79
C ALA A 453 14.23 38.82 12.90
N ARG A 454 13.77 38.14 13.95
CA ARG A 454 12.33 38.04 14.20
C ARG A 454 11.65 39.41 14.40
N GLN A 455 12.32 40.34 15.09
CA GLN A 455 11.74 41.62 15.37
C GLN A 455 11.59 42.44 14.09
N TYR A 456 12.67 42.51 13.31
CA TYR A 456 12.64 43.19 12.03
C TYR A 456 11.54 42.61 11.16
N PHE A 457 11.46 41.28 11.13
CA PHE A 457 10.53 40.57 10.26
C PHE A 457 9.10 40.94 10.56
N VAL A 458 8.73 40.80 11.81
CA VAL A 458 7.36 41.05 12.22
C VAL A 458 7.01 42.54 12.02
N GLN A 459 7.99 43.40 12.26
CA GLN A 459 7.79 44.82 12.05
C GLN A 459 7.58 45.10 10.57
N TRP A 460 8.36 44.45 9.73
CA TRP A 460 8.17 44.60 8.30
C TRP A 460 6.81 44.12 7.87
N CYS A 461 6.37 42.99 8.40
CA CYS A 461 5.00 42.51 8.12
C CYS A 461 3.96 43.59 8.43
N ALA A 462 4.07 44.14 9.61
CA ALA A 462 3.20 45.22 10.07
C ALA A 462 3.28 46.45 9.15
N ASP A 463 4.51 46.89 8.88
CA ASP A 463 4.72 48.07 8.05
C ASP A 463 4.06 47.85 6.75
N ARG A 464 4.08 46.62 6.25
CA ARG A 464 3.51 46.39 4.96
C ARG A 464 2.13 45.87 4.92
N ASN A 465 1.51 45.69 6.09
CA ASN A 465 0.16 45.18 6.13
C ASN A 465 0.03 43.78 5.54
N PHE A 466 1.11 43.02 5.67
CA PHE A 466 1.05 41.58 5.50
C PHE A 466 0.33 40.91 6.65
N THR A 467 0.08 39.62 6.55
CA THR A 467 -0.66 38.87 7.57
C THR A 467 0.23 38.68 8.79
N LYS A 468 -0.42 38.58 9.93
CA LYS A 468 0.27 38.30 11.15
C LYS A 468 0.85 36.89 11.11
N PRO A 469 2.18 36.75 11.20
CA PRO A 469 2.74 35.42 11.30
C PRO A 469 2.08 34.64 12.44
N GLN A 470 1.95 33.34 12.21
CA GLN A 470 1.22 32.47 13.10
C GLN A 470 1.77 32.46 14.51
N ASP A 471 3.09 32.60 14.64
CA ASP A 471 3.73 32.61 15.93
C ASP A 471 4.10 34.02 16.34
N GLY A 472 3.47 35.02 15.72
CA GLY A 472 3.88 36.41 15.88
C GLY A 472 3.88 36.91 17.30
N ASP A 473 2.86 36.51 18.05
CA ASP A 473 2.72 36.94 19.42
C ASP A 473 3.76 36.30 20.31
N VAL A 474 4.29 35.15 19.91
CA VAL A 474 5.32 34.45 20.66
C VAL A 474 6.70 34.99 20.34
N ILE A 475 7.03 35.12 19.06
CA ILE A 475 8.38 35.56 18.66
C ILE A 475 8.58 37.06 18.72
N ALA A 476 7.50 37.84 18.67
CA ALA A 476 7.60 39.31 18.70
C ALA A 476 6.47 39.96 19.51
N PRO A 477 6.45 39.69 20.81
CA PRO A 477 5.39 40.16 21.68
C PRO A 477 5.28 41.67 21.81
N LEU A 478 6.36 42.39 21.59
CA LEU A 478 6.29 43.83 21.62
C LEU A 478 5.74 44.42 20.34
N ILE A 479 5.85 43.68 19.24
CA ILE A 479 5.53 44.25 17.93
C ILE A 479 4.06 44.04 17.59
N THR A 480 3.59 42.83 17.82
CA THR A 480 2.22 42.48 17.42
C THR A 480 1.09 43.35 18.00
N PRO A 481 1.24 43.84 19.22
CA PRO A 481 0.19 44.69 19.79
C PRO A 481 0.00 46.05 19.10
N GLN A 482 1.06 46.63 18.54
CA GLN A 482 0.95 47.86 17.78
C GLN A 482 -0.14 47.82 16.69
N LYS A 483 -0.23 46.69 16.00
CA LYS A 483 -1.13 46.58 14.86
C LYS A 483 -2.52 46.16 15.35
N LYS A 484 -3.53 47.01 15.17
CA LYS A 484 -4.86 46.70 15.67
C LYS A 484 -5.56 45.51 15.01
N GLU A 485 -5.35 45.39 13.70
CA GLU A 485 -5.96 44.35 12.90
C GLU A 485 -5.58 42.99 13.46
N TRP A 486 -4.32 42.90 13.85
CA TRP A 486 -3.77 41.67 14.38
C TRP A 486 -4.35 41.31 15.73
N ASN A 487 -4.89 42.31 16.44
CA ASN A 487 -5.36 42.12 17.81
C ASN A 487 -6.88 41.93 17.89
N THR B 2 -25.52 -0.12 -21.42
CA THR B 2 -24.04 -0.03 -21.72
C THR B 2 -23.19 -0.57 -20.56
N MET B 3 -21.88 -0.52 -20.73
CA MET B 3 -20.92 -0.99 -19.72
C MET B 3 -21.01 -0.28 -18.38
N LYS B 4 -20.74 -1.01 -17.31
CA LYS B 4 -20.65 -0.43 -15.98
C LYS B 4 -19.24 -0.49 -15.43
N VAL B 5 -18.91 0.49 -14.62
CA VAL B 5 -17.65 0.59 -13.93
C VAL B 5 -17.89 0.33 -12.46
N ILE B 6 -17.09 -0.57 -11.87
CA ILE B 6 -17.16 -0.85 -10.45
C ILE B 6 -15.78 -0.67 -9.88
N ASN B 7 -15.70 0.07 -8.77
CA ASN B 7 -14.45 0.26 -8.10
C ASN B 7 -14.22 -0.83 -7.09
N ASP B 8 -13.14 -1.58 -7.32
CA ASP B 8 -12.71 -2.65 -6.45
C ASP B 8 -11.38 -2.25 -5.80
N PRO B 9 -11.28 -2.42 -4.49
CA PRO B 9 -10.03 -2.04 -3.79
C PRO B 9 -8.78 -2.84 -4.25
N ILE B 10 -8.95 -4.06 -4.72
CA ILE B 10 -7.84 -4.84 -5.24
C ILE B 10 -7.52 -4.44 -6.69
N HIS B 11 -8.54 -4.37 -7.56
CA HIS B 11 -8.30 -4.21 -8.99
C HIS B 11 -8.52 -2.78 -9.54
N GLY B 12 -9.00 -1.87 -8.69
CA GLY B 12 -9.39 -0.55 -9.14
C GLY B 12 -10.65 -0.65 -9.93
N HIS B 13 -10.71 0.08 -11.03
CA HIS B 13 -11.96 0.23 -11.80
C HIS B 13 -12.16 -0.84 -12.85
N ILE B 14 -13.12 -1.71 -12.60
CA ILE B 14 -13.43 -2.86 -13.45
C ILE B 14 -14.58 -2.47 -14.36
N GLU B 15 -14.46 -2.76 -15.65
CA GLU B 15 -15.55 -2.55 -16.60
C GLU B 15 -16.33 -3.81 -16.75
N LEU B 16 -17.65 -3.71 -16.62
CA LEU B 16 -18.55 -4.85 -16.78
C LEU B 16 -19.45 -4.73 -18.01
N HIS B 17 -19.37 -5.74 -18.86
CA HIS B 17 -20.18 -5.82 -20.03
C HIS B 17 -21.65 -5.99 -19.58
N PRO B 18 -22.60 -5.44 -20.35
CA PRO B 18 -24.02 -5.43 -19.97
C PRO B 18 -24.59 -6.82 -19.67
N LEU B 19 -24.20 -7.81 -20.46
CA LEU B 19 -24.52 -9.21 -20.19
C LEU B 19 -24.03 -9.67 -18.83
N LEU B 20 -22.81 -9.29 -18.44
CA LEU B 20 -22.30 -9.66 -17.11
C LEU B 20 -23.14 -9.00 -16.02
N VAL B 21 -23.49 -7.72 -16.21
CA VAL B 21 -24.34 -6.97 -15.25
C VAL B 21 -25.68 -7.71 -15.04
N ARG B 22 -26.22 -8.24 -16.13
CA ARG B 22 -27.48 -8.93 -16.07
C ARG B 22 -27.36 -10.20 -15.24
N ILE B 23 -26.27 -10.93 -15.41
CA ILE B 23 -26.02 -12.14 -14.59
C ILE B 23 -25.84 -11.84 -13.09
N ILE B 24 -25.13 -10.75 -12.83
CA ILE B 24 -24.85 -10.26 -11.50
C ILE B 24 -26.12 -9.85 -10.74
N ASP B 25 -27.05 -9.17 -11.41
CA ASP B 25 -28.23 -8.61 -10.75
C ASP B 25 -29.37 -9.63 -10.70
N THR B 26 -29.12 -10.73 -9.99
CA THR B 26 -30.05 -11.81 -9.80
C THR B 26 -29.88 -12.31 -8.38
N PRO B 27 -30.94 -12.89 -7.80
CA PRO B 27 -30.86 -13.38 -6.44
C PRO B 27 -29.81 -14.46 -6.30
N GLN B 28 -29.58 -15.21 -7.36
CA GLN B 28 -28.63 -16.33 -7.31
C GLN B 28 -27.19 -15.83 -7.16
N PHE B 29 -26.89 -14.67 -7.74
CA PHE B 29 -25.54 -14.10 -7.67
C PHE B 29 -25.39 -13.26 -6.41
N GLN B 30 -26.38 -12.43 -6.11
CA GLN B 30 -26.31 -11.47 -4.99
C GLN B 30 -26.26 -12.19 -3.63
N ARG B 31 -26.77 -13.42 -3.62
CA ARG B 31 -26.58 -14.39 -2.53
C ARG B 31 -25.16 -14.43 -1.97
N LEU B 32 -24.17 -14.33 -2.84
CA LEU B 32 -22.76 -14.40 -2.43
C LEU B 32 -22.30 -13.23 -1.58
N ARG B 33 -23.06 -12.13 -1.54
CA ARG B 33 -22.83 -11.08 -0.58
C ARG B 33 -22.95 -11.57 0.87
N TYR B 34 -23.68 -12.66 1.07
CA TYR B 34 -23.99 -13.13 2.41
C TYR B 34 -23.22 -14.39 2.78
N ILE B 35 -22.12 -14.66 2.08
CA ILE B 35 -21.25 -15.76 2.42
C ILE B 35 -19.81 -15.28 2.54
N LYS B 36 -19.25 -15.35 3.75
CA LYS B 36 -17.91 -14.85 4.00
C LYS B 36 -16.92 -15.73 3.29
N GLN B 37 -15.92 -15.09 2.69
CA GLN B 37 -14.95 -15.76 1.92
C GLN B 37 -14.18 -16.72 2.80
N LEU B 38 -13.82 -16.29 4.03
CA LEU B 38 -12.94 -17.11 4.92
C LEU B 38 -13.66 -17.83 6.10
N GLY B 39 -14.99 -17.82 6.07
CA GLY B 39 -15.84 -18.39 7.14
C GLY B 39 -15.49 -17.96 8.56
N GLY B 40 -15.13 -18.94 9.39
CA GLY B 40 -14.74 -18.69 10.79
C GLY B 40 -13.48 -17.87 10.99
N GLY B 41 -12.70 -17.73 9.93
CA GLY B 41 -11.53 -16.86 9.92
C GLY B 41 -11.78 -15.42 10.31
N TYR B 42 -12.99 -14.93 10.07
CA TYR B 42 -13.32 -13.56 10.46
C TYR B 42 -13.28 -13.42 11.96
N TYR B 43 -13.54 -14.53 12.66
CA TYR B 43 -13.50 -14.56 14.11
C TYR B 43 -12.09 -14.58 14.70
N VAL B 44 -11.07 -14.68 13.84
CA VAL B 44 -9.66 -14.56 14.20
C VAL B 44 -8.98 -13.34 13.59
N PHE B 45 -9.30 -13.08 12.33
CA PHE B 45 -8.73 -11.94 11.61
C PHE B 45 -9.86 -10.96 11.32
N PRO B 46 -9.97 -9.91 12.11
CA PRO B 46 -11.20 -9.09 12.03
C PRO B 46 -11.26 -8.21 10.75
N GLY B 47 -10.18 -8.18 9.98
CA GLY B 47 -10.23 -7.58 8.66
C GLY B 47 -10.96 -8.45 7.63
N ALA B 48 -11.12 -9.74 7.91
CA ALA B 48 -11.58 -10.69 6.89
C ALA B 48 -13.12 -10.78 6.84
N SER B 49 -13.73 -9.59 6.66
CA SER B 49 -15.18 -9.42 6.56
C SER B 49 -15.67 -9.72 5.16
N HIS B 50 -14.76 -9.91 4.23
CA HIS B 50 -15.09 -9.94 2.83
C HIS B 50 -15.85 -11.20 2.46
N ASN B 51 -16.71 -11.06 1.45
CA ASN B 51 -17.60 -12.08 1.00
C ASN B 51 -17.30 -12.66 -0.36
N ARG B 52 -18.00 -13.74 -0.71
CA ARG B 52 -17.74 -14.45 -1.98
C ARG B 52 -18.06 -13.60 -3.19
N PHE B 53 -18.99 -12.65 -3.00
CA PHE B 53 -19.49 -11.80 -4.06
C PHE B 53 -18.36 -10.96 -4.70
N GLU B 54 -17.63 -10.24 -3.88
CA GLU B 54 -16.63 -9.32 -4.40
C GLU B 54 -15.47 -10.13 -4.94
N HIS B 55 -15.17 -11.28 -4.34
CA HIS B 55 -14.15 -12.18 -4.87
C HIS B 55 -14.56 -12.67 -6.25
N SER B 56 -15.81 -12.96 -6.43
CA SER B 56 -16.32 -13.43 -7.73
C SER B 56 -16.15 -12.37 -8.82
N LEU B 57 -16.37 -11.11 -8.48
CA LEU B 57 -16.19 -10.04 -9.44
C LEU B 57 -14.72 -10.01 -9.89
N GLY B 58 -13.82 -10.21 -8.93
CA GLY B 58 -12.40 -10.13 -9.15
C GLY B 58 -11.99 -11.28 -10.04
N VAL B 59 -12.57 -12.45 -9.82
CA VAL B 59 -12.24 -13.60 -10.65
C VAL B 59 -12.67 -13.37 -12.11
N GLY B 60 -13.88 -12.86 -12.31
CA GLY B 60 -14.37 -12.55 -13.64
C GLY B 60 -13.52 -11.51 -14.31
N TYR B 61 -13.06 -10.53 -13.56
CA TYR B 61 -12.28 -9.50 -14.11
C TYR B 61 -10.91 -10.04 -14.62
N LEU B 62 -10.25 -10.83 -13.79
CA LEU B 62 -8.95 -11.38 -14.12
C LEU B 62 -9.04 -12.38 -15.25
N ALA B 63 -10.11 -13.13 -15.29
CA ALA B 63 -10.34 -14.07 -16.37
C ALA B 63 -10.37 -13.31 -17.69
N GLY B 64 -11.07 -12.17 -17.68
CA GLY B 64 -11.09 -11.31 -18.82
C GLY B 64 -9.76 -10.72 -19.20
N CYS B 65 -9.00 -10.23 -18.22
CA CYS B 65 -7.67 -9.71 -18.47
C CYS B 65 -6.76 -10.73 -19.17
N LEU B 66 -6.79 -11.97 -18.76
CA LEU B 66 -5.85 -12.93 -19.31
C LEU B 66 -6.24 -13.28 -20.73
N VAL B 67 -7.51 -13.56 -20.96
CA VAL B 67 -7.97 -13.89 -22.30
C VAL B 67 -7.74 -12.70 -23.26
N HIS B 68 -8.00 -11.48 -22.80
CA HIS B 68 -7.71 -10.25 -23.57
C HIS B 68 -6.23 -10.16 -23.97
N ALA B 69 -5.36 -10.31 -22.98
CA ALA B 69 -3.94 -10.28 -23.21
C ALA B 69 -3.48 -11.28 -24.29
N LEU B 70 -3.97 -12.51 -24.17
CA LEU B 70 -3.59 -13.54 -25.11
C LEU B 70 -4.03 -13.20 -26.53
N GLY B 71 -5.23 -12.67 -26.67
CA GLY B 71 -5.75 -12.30 -27.97
C GLY B 71 -5.01 -11.14 -28.59
N GLU B 72 -4.60 -10.18 -27.77
CA GLU B 72 -3.92 -9.01 -28.27
C GLU B 72 -2.54 -9.37 -28.77
N LYS B 73 -1.85 -10.24 -28.04
CA LYS B 73 -0.50 -10.70 -28.37
C LYS B 73 -0.51 -11.71 -29.50
N GLN B 74 -1.52 -12.56 -29.59
CA GLN B 74 -1.55 -13.61 -30.62
C GLN B 74 -2.90 -13.61 -31.33
N PRO B 75 -3.10 -12.67 -32.26
CA PRO B 75 -4.35 -12.64 -33.06
C PRO B 75 -4.59 -13.97 -33.80
N GLU B 76 -3.53 -14.71 -34.09
CA GLU B 76 -3.71 -16.02 -34.76
C GLU B 76 -4.51 -17.05 -33.93
N LEU B 77 -4.69 -16.79 -32.65
CA LEU B 77 -5.52 -17.63 -31.80
C LEU B 77 -7.00 -17.55 -32.17
N GLN B 78 -7.38 -16.49 -32.89
CA GLN B 78 -8.77 -16.28 -33.33
C GLN B 78 -9.71 -16.18 -32.14
N ILE B 79 -9.28 -15.54 -31.05
CA ILE B 79 -10.10 -15.46 -29.87
C ILE B 79 -11.17 -14.44 -30.21
N SER B 80 -12.42 -14.79 -29.93
CA SER B 80 -13.55 -13.90 -30.24
C SER B 80 -14.11 -13.20 -29.00
N GLU B 81 -14.84 -12.10 -29.23
CA GLU B 81 -15.53 -11.44 -28.12
C GLU B 81 -16.47 -12.42 -27.42
N ARG B 82 -17.10 -13.28 -28.20
CA ARG B 82 -17.88 -14.37 -27.66
C ARG B 82 -17.07 -15.26 -26.69
N ASP B 83 -15.84 -15.59 -27.06
CA ASP B 83 -14.94 -16.35 -26.20
C ASP B 83 -14.63 -15.59 -24.92
N VAL B 84 -14.30 -14.32 -25.05
CA VAL B 84 -13.99 -13.46 -23.91
C VAL B 84 -15.14 -13.41 -22.93
N LEU B 85 -16.34 -13.18 -23.42
CA LEU B 85 -17.51 -13.15 -22.56
C LEU B 85 -17.77 -14.45 -21.86
N CYS B 86 -17.64 -15.57 -22.57
CA CYS B 86 -17.85 -16.89 -21.95
C CYS B 86 -16.85 -17.19 -20.85
N VAL B 87 -15.60 -16.79 -21.08
CA VAL B 87 -14.57 -16.91 -20.04
C VAL B 87 -14.85 -15.99 -18.84
N GLN B 88 -15.23 -14.75 -19.09
CA GLN B 88 -15.64 -13.87 -17.98
C GLN B 88 -16.83 -14.40 -17.16
N ILE B 89 -17.82 -14.93 -17.85
CA ILE B 89 -18.97 -15.48 -17.15
C ILE B 89 -18.58 -16.69 -16.26
N ALA B 90 -17.81 -17.61 -16.80
CA ALA B 90 -17.31 -18.72 -16.01
C ALA B 90 -16.51 -18.23 -14.77
N GLY B 91 -15.67 -17.24 -14.98
CA GLY B 91 -14.89 -16.67 -13.89
C GLY B 91 -15.80 -16.08 -12.84
N LEU B 92 -16.75 -15.27 -13.27
CA LEU B 92 -17.78 -14.74 -12.34
C LEU B 92 -18.53 -15.81 -11.55
N CYS B 93 -18.80 -16.96 -12.17
CA CYS B 93 -19.78 -17.90 -11.64
C CYS B 93 -19.20 -19.14 -10.98
N ARG B 94 -17.89 -19.28 -10.96
CA ARG B 94 -17.30 -20.49 -10.37
C ARG B 94 -17.35 -20.51 -8.85
N ASN B 95 -17.84 -19.45 -8.22
CA ASN B 95 -18.05 -19.49 -6.78
C ASN B 95 -19.53 -19.62 -6.36
N LEU B 96 -20.43 -19.83 -7.31
CA LEU B 96 -21.84 -19.75 -7.07
C LEU B 96 -22.30 -20.83 -6.13
N GLY B 97 -21.57 -21.96 -6.12
CA GLY B 97 -21.97 -23.15 -5.37
C GLY B 97 -21.64 -23.18 -3.89
N HIS B 98 -20.90 -22.18 -3.41
CA HIS B 98 -20.49 -22.13 -2.02
C HIS B 98 -21.67 -21.94 -1.10
N GLY B 99 -21.52 -22.55 0.08
CA GLY B 99 -22.54 -22.57 1.11
C GLY B 99 -22.06 -21.70 2.25
N PRO B 100 -22.88 -21.64 3.31
CA PRO B 100 -22.55 -20.88 4.50
C PRO B 100 -21.10 -21.10 4.95
N PHE B 101 -20.40 -20.00 5.16
CA PHE B 101 -19.03 -20.01 5.65
C PHE B 101 -18.06 -20.76 4.72
N SER B 102 -18.41 -20.80 3.45
CA SER B 102 -17.55 -21.30 2.41
C SER B 102 -17.05 -22.71 2.67
N HIS B 103 -15.75 -22.87 2.83
CA HIS B 103 -15.18 -24.21 2.79
C HIS B 103 -15.67 -25.07 3.94
N MET B 104 -16.02 -24.43 5.03
CA MET B 104 -16.61 -25.13 6.16
C MET B 104 -17.78 -26.01 5.72
N PHE B 105 -18.60 -25.50 4.81
CA PHE B 105 -19.84 -26.15 4.44
C PHE B 105 -19.59 -27.45 3.66
N ASP B 106 -18.82 -27.38 2.61
CA ASP B 106 -18.48 -28.55 1.82
C ASP B 106 -17.34 -29.35 2.44
N GLY B 107 -16.47 -28.69 3.20
CA GLY B 107 -15.31 -29.37 3.82
C GLY B 107 -15.62 -30.05 5.15
N ARG B 108 -16.55 -29.48 5.92
CA ARG B 108 -16.84 -30.03 7.25
C ARG B 108 -18.29 -30.51 7.42
N PHE B 109 -19.25 -29.65 7.08
CA PHE B 109 -20.63 -29.89 7.41
C PHE B 109 -21.30 -31.00 6.58
N ILE B 110 -21.30 -30.84 5.28
CA ILE B 110 -21.99 -31.80 4.44
C ILE B 110 -21.35 -33.21 4.55
N PRO B 111 -20.01 -33.32 4.64
CA PRO B 111 -19.46 -34.65 4.86
C PRO B 111 -19.97 -35.34 6.12
N LEU B 112 -20.28 -34.60 7.17
CA LEU B 112 -20.81 -35.17 8.40
C LEU B 112 -22.33 -35.32 8.37
N ALA B 113 -23.02 -34.35 7.80
CA ALA B 113 -24.47 -34.39 7.68
C ALA B 113 -24.91 -35.43 6.68
N ARG B 114 -24.20 -35.57 5.57
CA ARG B 114 -24.63 -36.49 4.51
C ARG B 114 -23.43 -37.26 3.99
N PRO B 115 -22.90 -38.16 4.81
CA PRO B 115 -21.71 -38.93 4.46
C PRO B 115 -21.89 -39.78 3.20
N GLU B 116 -23.11 -40.25 2.94
CA GLU B 116 -23.42 -41.04 1.73
C GLU B 116 -23.22 -40.23 0.46
N VAL B 117 -23.61 -38.95 0.48
CA VAL B 117 -23.57 -38.09 -0.71
C VAL B 117 -22.15 -37.66 -0.99
N LYS B 118 -21.87 -37.47 -2.28
CA LYS B 118 -20.67 -36.77 -2.66
C LYS B 118 -21.03 -35.38 -3.16
N TRP B 119 -20.50 -34.32 -2.53
CA TRP B 119 -20.86 -32.93 -2.92
C TRP B 119 -19.65 -32.02 -2.92
N THR B 120 -19.56 -31.16 -3.91
CA THR B 120 -18.49 -30.17 -3.99
C THR B 120 -19.12 -28.83 -4.35
N HIS B 121 -18.46 -27.75 -3.95
CA HIS B 121 -18.93 -26.41 -4.32
C HIS B 121 -18.95 -26.29 -5.87
N GLU B 122 -18.01 -26.95 -6.57
CA GLU B 122 -17.96 -26.90 -8.06
C GLU B 122 -19.26 -27.44 -8.67
N GLN B 123 -19.71 -28.59 -8.17
CA GLN B 123 -21.00 -29.16 -8.59
C GLN B 123 -22.14 -28.18 -8.32
N GLY B 124 -22.10 -27.60 -7.14
CA GLY B 124 -23.07 -26.58 -6.75
C GLY B 124 -23.07 -25.38 -7.67
N SER B 125 -21.88 -24.96 -8.07
CA SER B 125 -21.73 -23.79 -8.94
C SER B 125 -22.44 -24.01 -10.29
N VAL B 126 -22.21 -25.20 -10.87
CA VAL B 126 -22.85 -25.58 -12.13
C VAL B 126 -24.39 -25.60 -12.00
N MET B 127 -24.87 -26.19 -10.92
CA MET B 127 -26.30 -26.24 -10.66
C MET B 127 -26.91 -24.87 -10.44
N MET B 128 -26.26 -24.03 -9.64
CA MET B 128 -26.76 -22.67 -9.39
C MET B 128 -26.76 -21.88 -10.68
N PHE B 129 -25.72 -22.07 -11.49
CA PHE B 129 -25.62 -21.35 -12.72
C PHE B 129 -26.80 -21.67 -13.63
N GLU B 130 -27.11 -22.96 -13.76
CA GLU B 130 -28.29 -23.40 -14.53
C GLU B 130 -29.57 -22.79 -14.01
N HIS B 131 -29.71 -22.82 -12.69
CA HIS B 131 -30.87 -22.20 -12.01
C HIS B 131 -30.93 -20.71 -12.31
N LEU B 132 -29.76 -20.05 -12.26
CA LEU B 132 -29.68 -18.61 -12.49
C LEU B 132 -30.12 -18.27 -13.90
N ILE B 133 -29.58 -19.04 -14.84
CA ILE B 133 -29.90 -18.84 -16.25
C ILE B 133 -31.41 -18.97 -16.53
N ASN B 134 -31.97 -20.08 -16.04
CA ASN B 134 -33.31 -20.43 -16.38
C ASN B 134 -34.31 -19.53 -15.70
N SER B 135 -34.00 -19.11 -14.47
CA SER B 135 -34.91 -18.31 -13.68
C SER B 135 -34.97 -16.88 -14.10
N ASN B 136 -33.95 -16.41 -14.83
CA ASN B 136 -33.87 -15.00 -15.14
C ASN B 136 -33.88 -14.69 -16.63
N GLY B 137 -34.17 -15.69 -17.46
CA GLY B 137 -34.32 -15.50 -18.90
C GLY B 137 -33.05 -14.98 -19.53
N ILE B 138 -31.94 -15.58 -19.15
CA ILE B 138 -30.63 -15.08 -19.58
C ILE B 138 -30.29 -15.41 -21.04
N LYS B 139 -30.76 -16.57 -21.49
CA LYS B 139 -30.38 -17.09 -22.81
C LYS B 139 -30.70 -16.13 -23.95
N PRO B 140 -31.85 -15.46 -23.91
CA PRO B 140 -32.16 -14.44 -24.92
C PRO B 140 -31.18 -13.32 -24.94
N VAL B 141 -30.76 -12.89 -23.75
CA VAL B 141 -29.78 -11.83 -23.63
C VAL B 141 -28.40 -12.26 -24.19
N MET B 142 -28.02 -13.50 -23.93
CA MET B 142 -26.82 -14.08 -24.53
C MET B 142 -26.83 -14.03 -26.05
N GLU B 143 -27.94 -14.42 -26.69
CA GLU B 143 -27.98 -14.37 -28.16
C GLU B 143 -27.98 -12.95 -28.65
N GLN B 144 -28.61 -12.06 -27.92
CA GLN B 144 -28.59 -10.63 -28.27
C GLN B 144 -27.16 -10.10 -28.40
N TYR B 145 -26.25 -10.62 -27.56
CA TYR B 145 -24.84 -10.20 -27.63
C TYR B 145 -23.96 -11.18 -28.41
N GLY B 146 -24.57 -12.12 -29.13
CA GLY B 146 -23.81 -12.96 -30.06
C GLY B 146 -23.41 -14.32 -29.53
N LEU B 147 -23.82 -14.65 -28.31
CA LEU B 147 -23.54 -15.99 -27.80
C LEU B 147 -24.52 -17.01 -28.36
N ILE B 148 -24.08 -18.25 -28.39
CA ILE B 148 -24.88 -19.37 -28.83
C ILE B 148 -25.04 -20.27 -27.63
N PRO B 149 -26.18 -20.13 -26.92
CA PRO B 149 -26.41 -20.79 -25.66
C PRO B 149 -26.07 -22.28 -25.56
N GLU B 150 -26.44 -23.05 -26.58
CA GLU B 150 -26.19 -24.50 -26.56
C GLU B 150 -24.73 -24.80 -26.28
N GLU B 151 -23.87 -24.28 -27.14
CA GLU B 151 -22.43 -24.51 -27.06
C GLU B 151 -21.81 -23.77 -25.90
N ASP B 152 -22.26 -22.54 -25.69
CA ASP B 152 -21.60 -21.62 -24.76
C ASP B 152 -21.89 -21.94 -23.29
N ILE B 153 -23.11 -22.39 -23.00
CA ILE B 153 -23.44 -22.80 -21.66
C ILE B 153 -22.69 -24.06 -21.28
N CYS B 154 -22.58 -24.98 -22.24
CA CYS B 154 -21.77 -26.15 -22.07
C CYS B 154 -20.32 -25.74 -21.76
N PHE B 155 -19.80 -24.84 -22.56
CA PHE B 155 -18.43 -24.33 -22.39
C PHE B 155 -18.21 -23.75 -21.00
N ILE B 156 -19.16 -22.94 -20.54
CA ILE B 156 -19.05 -22.29 -19.26
C ILE B 156 -19.04 -23.32 -18.15
N LYS B 157 -19.92 -24.30 -18.26
CA LYS B 157 -19.99 -25.33 -17.23
C LYS B 157 -18.70 -26.12 -17.19
N GLU B 158 -18.20 -26.44 -18.37
CA GLU B 158 -16.98 -27.19 -18.51
C GLU B 158 -15.78 -26.44 -17.87
N GLN B 159 -15.77 -25.12 -17.99
CA GLN B 159 -14.75 -24.29 -17.35
C GLN B 159 -14.77 -24.41 -15.86
N ILE B 160 -15.96 -24.56 -15.28
CA ILE B 160 -16.10 -24.62 -13.84
C ILE B 160 -15.82 -26.01 -13.27
N VAL B 161 -16.33 -27.03 -13.93
CA VAL B 161 -16.35 -28.36 -13.33
C VAL B 161 -15.55 -29.39 -14.14
N GLY B 162 -15.10 -29.01 -15.33
CA GLY B 162 -14.36 -29.91 -16.17
C GLY B 162 -15.28 -30.65 -17.11
N PRO B 163 -14.74 -31.69 -17.78
CA PRO B 163 -15.58 -32.43 -18.70
C PRO B 163 -16.86 -32.92 -18.00
N LEU B 164 -18.00 -32.73 -18.66
CA LEU B 164 -19.27 -33.24 -18.14
C LEU B 164 -19.37 -34.79 -18.39
N GLU B 165 -18.45 -35.33 -19.20
CA GLU B 165 -17.98 -36.73 -19.18
C GLU B 165 -17.51 -37.13 -17.78
N LEU B 172 -9.24 -38.95 -27.01
CA LEU B 172 -10.10 -37.97 -27.65
C LEU B 172 -10.36 -36.75 -26.74
N TRP B 173 -10.37 -35.58 -27.35
CA TRP B 173 -10.78 -34.34 -26.69
C TRP B 173 -12.15 -34.49 -26.00
N PRO B 174 -12.17 -34.33 -24.66
CA PRO B 174 -13.37 -34.59 -23.85
C PRO B 174 -14.36 -33.45 -23.74
N TYR B 175 -14.02 -32.30 -24.28
CA TYR B 175 -14.82 -31.12 -24.12
C TYR B 175 -15.69 -30.95 -25.35
N LYS B 176 -16.89 -30.44 -25.13
CA LYS B 176 -17.82 -30.16 -26.20
C LYS B 176 -18.02 -28.68 -26.46
N GLY B 177 -17.71 -27.83 -25.47
CA GLY B 177 -18.00 -26.40 -25.56
C GLY B 177 -17.11 -25.68 -26.56
N ARG B 178 -15.85 -26.10 -26.62
CA ARG B 178 -14.90 -25.57 -27.60
C ARG B 178 -14.00 -26.71 -28.06
N PRO B 179 -13.41 -26.59 -29.26
CA PRO B 179 -12.44 -27.59 -29.78
C PRO B 179 -10.98 -27.42 -29.31
N GLU B 180 -10.13 -28.37 -29.69
CA GLU B 180 -8.70 -28.42 -29.30
C GLU B 180 -7.89 -27.17 -29.66
N ASN B 181 -8.28 -26.54 -30.76
CA ASN B 181 -7.65 -25.30 -31.16
C ASN B 181 -7.88 -24.17 -30.14
N LYS B 182 -8.94 -24.29 -29.33
CA LYS B 182 -9.18 -23.34 -28.24
C LYS B 182 -8.91 -23.93 -26.86
N SER B 183 -8.04 -24.95 -26.79
CA SER B 183 -7.80 -25.69 -25.53
C SER B 183 -7.35 -24.78 -24.40
N PHE B 184 -6.52 -23.81 -24.74
CA PHE B 184 -5.93 -22.87 -23.78
C PHE B 184 -6.97 -22.08 -23.00
N LEU B 185 -8.13 -21.90 -23.59
CA LEU B 185 -9.24 -21.22 -22.88
C LEU B 185 -9.68 -21.87 -21.60
N TYR B 186 -9.57 -23.20 -21.55
CA TYR B 186 -9.94 -23.99 -20.38
C TYR B 186 -8.91 -23.94 -19.25
N GLU B 187 -7.81 -23.22 -19.44
CA GLU B 187 -6.78 -23.12 -18.42
C GLU B 187 -6.94 -21.86 -17.54
N ILE B 188 -7.90 -21.01 -17.87
CA ILE B 188 -8.01 -19.67 -17.26
C ILE B 188 -8.77 -19.65 -15.94
N VAL B 189 -9.97 -20.22 -15.92
CA VAL B 189 -10.85 -20.07 -14.75
C VAL B 189 -10.61 -21.10 -13.66
N SER B 190 -10.54 -22.35 -14.08
CA SER B 190 -10.28 -23.45 -13.19
C SER B 190 -9.35 -24.45 -13.89
N ASN B 191 -8.07 -24.37 -13.52
CA ASN B 191 -7.05 -25.13 -14.21
C ASN B 191 -6.88 -26.54 -13.63
N LYS B 192 -7.42 -27.54 -14.30
CA LYS B 192 -7.44 -28.92 -13.77
C LYS B 192 -6.09 -29.59 -13.87
N ARG B 193 -5.27 -29.12 -14.82
CA ARG B 193 -3.96 -29.69 -15.10
C ARG B 193 -2.94 -29.38 -13.99
N ASN B 194 -2.91 -28.14 -13.48
CA ASN B 194 -1.90 -27.73 -12.49
C ASN B 194 -2.33 -26.72 -11.43
N GLY B 195 -3.56 -26.23 -11.53
CA GLY B 195 -4.15 -25.40 -10.50
C GLY B 195 -3.81 -23.95 -10.64
N ILE B 196 -3.08 -23.56 -11.68
CA ILE B 196 -2.69 -22.13 -11.83
C ILE B 196 -3.76 -21.36 -12.59
N ASP B 197 -4.65 -20.68 -11.88
CA ASP B 197 -5.80 -20.03 -12.49
C ASP B 197 -6.14 -18.75 -11.77
N VAL B 198 -7.08 -18.00 -12.35
CA VAL B 198 -7.34 -16.63 -11.92
C VAL B 198 -8.07 -16.55 -10.58
N ASP B 199 -8.66 -17.65 -10.18
CA ASP B 199 -9.30 -17.74 -8.88
C ASP B 199 -8.32 -17.56 -7.74
N LYS B 200 -7.26 -18.35 -7.73
CA LYS B 200 -6.15 -18.14 -6.79
C LYS B 200 -5.60 -16.71 -6.86
N TRP B 201 -5.44 -16.17 -8.04
CA TRP B 201 -4.79 -14.86 -8.11
C TRP B 201 -5.62 -13.78 -7.43
N ASP B 202 -6.93 -13.85 -7.55
CA ASP B 202 -7.76 -12.91 -6.82
C ASP B 202 -7.75 -13.17 -5.32
N TYR B 203 -7.89 -14.42 -4.88
CA TYR B 203 -7.95 -14.63 -3.42
C TYR B 203 -6.65 -14.35 -2.70
N PHE B 204 -5.52 -14.61 -3.35
CA PHE B 204 -4.25 -14.18 -2.79
C PHE B 204 -4.21 -12.70 -2.50
N ALA B 205 -4.63 -11.91 -3.46
CA ALA B 205 -4.47 -10.45 -3.34
C ALA B 205 -5.59 -9.95 -2.40
N ARG B 206 -6.78 -10.52 -2.52
CA ARG B 206 -7.94 -9.99 -1.74
C ARG B 206 -7.80 -10.39 -0.28
N ASP B 207 -7.48 -11.66 -0.03
CA ASP B 207 -7.31 -12.11 1.35
C ASP B 207 -6.19 -11.41 2.06
N CYS B 208 -5.04 -11.28 1.40
CA CYS B 208 -3.93 -10.53 1.94
C CYS B 208 -4.30 -9.10 2.32
N HIS B 209 -4.96 -8.37 1.42
CA HIS B 209 -5.50 -7.01 1.69
C HIS B 209 -6.37 -6.96 2.97
N HIS B 210 -7.24 -7.93 3.12
CA HIS B 210 -8.15 -7.99 4.26
C HIS B 210 -7.55 -8.58 5.54
N LEU B 211 -6.77 -9.64 5.39
CA LEU B 211 -6.12 -10.29 6.54
C LEU B 211 -5.10 -9.37 7.20
N GLY B 212 -4.42 -8.55 6.38
CA GLY B 212 -3.31 -7.74 6.84
C GLY B 212 -2.04 -8.55 6.83
N ILE B 213 -1.88 -9.40 5.83
CA ILE B 213 -0.62 -10.11 5.61
C ILE B 213 -0.29 -9.93 4.16
N GLN B 214 0.99 -9.95 3.84
CA GLN B 214 1.38 -9.52 2.54
C GLN B 214 1.53 -10.62 1.51
N ASN B 215 1.16 -10.27 0.28
CA ASN B 215 1.09 -11.20 -0.85
C ASN B 215 2.33 -11.11 -1.69
N ASN B 216 2.90 -12.27 -2.00
CA ASN B 216 4.14 -12.32 -2.71
C ASN B 216 3.94 -12.57 -4.22
N PHE B 217 2.72 -12.83 -4.66
CA PHE B 217 2.49 -13.18 -6.08
C PHE B 217 1.95 -12.09 -7.03
N ASP B 218 2.71 -11.88 -8.11
CA ASP B 218 2.45 -10.86 -9.11
C ASP B 218 1.81 -11.46 -10.37
N TYR B 219 0.50 -11.46 -10.38
CA TYR B 219 -0.28 -12.05 -11.45
C TYR B 219 -0.18 -11.22 -12.69
N LYS B 220 -0.14 -9.89 -12.56
CA LYS B 220 0.04 -9.02 -13.73
C LYS B 220 1.27 -9.39 -14.50
N ARG B 221 2.32 -9.68 -13.78
CA ARG B 221 3.58 -10.02 -14.42
C ARG B 221 3.37 -11.29 -15.19
N PHE B 222 2.69 -12.24 -14.54
CA PHE B 222 2.53 -13.53 -15.13
C PHE B 222 1.78 -13.41 -16.45
N ILE B 223 0.74 -12.60 -16.44
CA ILE B 223 -0.09 -12.36 -17.61
C ILE B 223 0.70 -11.77 -18.73
N LYS B 224 1.50 -10.77 -18.45
CA LYS B 224 2.39 -10.22 -19.48
C LYS B 224 3.31 -11.26 -20.09
N PHE B 225 3.70 -12.28 -19.33
CA PHE B 225 4.65 -13.25 -19.88
C PHE B 225 4.00 -14.50 -20.42
N ALA B 226 2.69 -14.53 -20.45
CA ALA B 226 2.01 -15.73 -20.86
C ALA B 226 1.86 -15.75 -22.38
N ARG B 227 2.05 -16.91 -23.00
CA ARG B 227 1.87 -17.10 -24.44
C ARG B 227 1.19 -18.41 -24.65
N VAL B 228 0.57 -18.59 -25.80
CA VAL B 228 0.02 -19.88 -26.16
C VAL B 228 0.94 -20.60 -27.15
N CYS B 229 1.22 -21.88 -26.89
CA CYS B 229 2.08 -22.69 -27.74
C CYS B 229 1.47 -24.02 -27.89
N GLU B 230 1.88 -24.69 -28.95
CA GLU B 230 1.47 -26.05 -29.18
C GLU B 230 2.22 -27.00 -28.22
N VAL B 231 1.45 -27.73 -27.45
CA VAL B 231 2.00 -28.76 -26.56
C VAL B 231 1.25 -30.07 -26.85
N ASP B 232 2.01 -31.06 -27.31
CA ASP B 232 1.43 -32.36 -27.75
C ASP B 232 0.11 -32.20 -28.50
N ASN B 233 0.12 -31.42 -29.58
CA ASN B 233 -1.08 -31.21 -30.42
C ASN B 233 -2.29 -30.56 -29.70
N GLU B 234 -2.02 -29.89 -28.58
CA GLU B 234 -2.98 -28.96 -27.99
C GLU B 234 -2.36 -27.58 -28.00
N LEU B 235 -3.20 -26.56 -28.08
CA LEU B 235 -2.75 -25.19 -27.83
C LEU B 235 -2.91 -24.89 -26.35
N ARG B 236 -1.80 -24.68 -25.66
CA ARG B 236 -1.81 -24.41 -24.23
C ARG B 236 -1.11 -23.12 -23.86
N ILE B 237 -1.49 -22.59 -22.72
CA ILE B 237 -0.82 -21.43 -22.19
C ILE B 237 0.51 -21.87 -21.63
N CYS B 238 1.56 -21.18 -22.07
CA CYS B 238 2.91 -21.38 -21.58
C CYS B 238 3.41 -20.13 -20.89
N ALA B 239 4.21 -20.35 -19.85
CA ALA B 239 4.85 -19.28 -19.13
C ALA B 239 6.26 -19.09 -19.64
N ARG B 240 6.75 -17.87 -19.60
CA ARG B 240 8.13 -17.62 -19.91
C ARG B 240 9.05 -18.32 -18.94
N ASP B 241 10.15 -18.88 -19.44
CA ASP B 241 11.05 -19.74 -18.66
C ASP B 241 11.43 -19.12 -17.32
N LYS B 242 11.82 -17.87 -17.35
CA LYS B 242 12.29 -17.17 -16.17
C LYS B 242 11.21 -16.97 -15.10
N GLU B 243 9.95 -17.18 -15.41
CA GLU B 243 8.92 -17.06 -14.40
C GLU B 243 8.77 -18.32 -13.49
N VAL B 244 9.59 -19.35 -13.71
CA VAL B 244 9.43 -20.59 -12.99
C VAL B 244 9.65 -20.39 -11.49
N GLY B 245 10.65 -19.61 -11.13
CA GLY B 245 10.88 -19.18 -9.73
C GLY B 245 9.62 -18.62 -9.11
N ASN B 246 8.97 -17.72 -9.82
CA ASN B 246 7.80 -17.06 -9.30
C ASN B 246 6.60 -18.02 -9.13
N LEU B 247 6.49 -19.01 -10.00
CA LEU B 247 5.45 -20.02 -9.87
C LEU B 247 5.68 -20.92 -8.67
N TYR B 248 6.92 -21.36 -8.46
CA TYR B 248 7.22 -22.07 -7.23
C TYR B 248 6.82 -21.22 -6.01
N ASP B 249 7.15 -19.95 -6.10
CA ASP B 249 6.79 -19.03 -5.02
C ASP B 249 5.30 -18.83 -4.80
N MET B 250 4.52 -18.90 -5.89
CA MET B 250 3.09 -18.76 -5.84
C MET B 250 2.51 -19.90 -4.99
N PHE B 251 3.00 -21.11 -5.16
CA PHE B 251 2.56 -22.21 -4.30
C PHE B 251 3.13 -22.12 -2.91
N HIS B 252 4.35 -21.64 -2.76
CA HIS B 252 4.83 -21.31 -1.42
C HIS B 252 3.87 -20.31 -0.68
N THR B 253 3.46 -19.27 -1.40
CA THR B 253 2.53 -18.28 -0.87
C THR B 253 1.20 -18.95 -0.47
N ARG B 254 0.70 -19.81 -1.32
CA ARG B 254 -0.55 -20.50 -1.06
C ARG B 254 -0.47 -21.28 0.26
N ASN B 255 0.61 -22.03 0.41
CA ASN B 255 0.80 -22.81 1.58
C ASN B 255 0.96 -21.94 2.84
N SER B 256 1.68 -20.81 2.72
CA SER B 256 1.76 -19.84 3.82
C SER B 256 0.40 -19.30 4.24
N LEU B 257 -0.46 -19.00 3.28
CA LEU B 257 -1.75 -18.46 3.59
C LEU B 257 -2.65 -19.51 4.30
N HIS B 258 -2.53 -20.77 3.88
CA HIS B 258 -3.17 -21.87 4.56
C HIS B 258 -2.67 -22.04 5.99
N ARG B 259 -1.33 -22.00 6.15
CA ARG B 259 -0.73 -22.16 7.46
C ARG B 259 -1.13 -21.06 8.42
N ARG B 260 -1.02 -19.81 7.98
CA ARG B 260 -1.23 -18.71 8.84
C ARG B 260 -2.69 -18.39 9.00
N ALA B 261 -3.51 -18.59 7.96
CA ALA B 261 -4.88 -18.06 7.99
C ALA B 261 -5.98 -19.10 7.78
N TYR B 262 -6.03 -19.75 6.60
CA TYR B 262 -7.14 -20.66 6.27
C TYR B 262 -7.21 -21.86 7.24
N GLN B 263 -6.07 -22.32 7.79
CA GLN B 263 -5.97 -23.42 8.76
C GLN B 263 -5.46 -22.90 10.08
N HIS B 264 -5.74 -21.66 10.40
CA HIS B 264 -5.42 -21.16 11.73
C HIS B 264 -6.05 -22.06 12.76
N LYS B 265 -5.28 -22.39 13.79
CA LYS B 265 -5.74 -23.40 14.78
C LYS B 265 -7.06 -22.99 15.43
N VAL B 266 -7.22 -21.70 15.75
CA VAL B 266 -8.46 -21.23 16.37
C VAL B 266 -9.58 -21.01 15.36
N GLY B 267 -9.24 -20.53 14.18
CA GLY B 267 -10.23 -20.42 13.09
C GLY B 267 -10.89 -21.74 12.82
N ASN B 268 -10.07 -22.79 12.78
CA ASN B 268 -10.53 -24.15 12.53
C ASN B 268 -11.45 -24.65 13.67
N ILE B 269 -11.10 -24.30 14.92
CA ILE B 269 -11.86 -24.75 16.06
C ILE B 269 -13.22 -24.06 16.06
N ILE B 270 -13.24 -22.80 15.62
CA ILE B 270 -14.49 -22.09 15.49
C ILE B 270 -15.34 -22.69 14.39
N ASP B 271 -14.71 -23.00 13.26
CA ASP B 271 -15.44 -23.66 12.17
C ASP B 271 -16.04 -24.97 12.69
N THR B 272 -15.30 -25.69 13.53
CA THR B 272 -15.69 -26.98 14.00
C THR B 272 -16.93 -26.83 14.92
N MET B 273 -16.89 -25.85 15.82
CA MET B 273 -18.02 -25.55 16.70
C MET B 273 -19.23 -25.08 15.91
N ILE B 274 -19.07 -24.23 14.90
CA ILE B 274 -20.23 -23.81 14.10
C ILE B 274 -20.82 -25.01 13.38
N THR B 275 -19.98 -25.87 12.86
CA THR B 275 -20.45 -27.06 12.19
C THR B 275 -21.29 -27.96 13.14
N ASP B 276 -20.83 -28.11 14.37
CA ASP B 276 -21.56 -28.87 15.33
C ASP B 276 -22.91 -28.23 15.66
N ALA B 277 -22.93 -26.93 15.80
CA ALA B 277 -24.17 -26.21 15.97
C ALA B 277 -25.14 -26.45 14.79
N PHE B 278 -24.62 -26.44 13.57
CA PHE B 278 -25.44 -26.70 12.39
C PHE B 278 -26.01 -28.11 12.40
N LEU B 279 -25.20 -29.08 12.82
CA LEU B 279 -25.63 -30.47 12.89
C LEU B 279 -26.76 -30.63 13.89
N LYS B 280 -26.64 -29.97 15.02
CA LYS B 280 -27.67 -29.99 16.03
C LYS B 280 -28.91 -29.22 15.63
N ALA B 281 -28.78 -28.25 14.77
CA ALA B 281 -29.93 -27.51 14.28
C ALA B 281 -30.59 -28.20 13.07
N ASP B 282 -29.90 -29.12 12.42
CA ASP B 282 -30.30 -29.56 11.08
C ASP B 282 -31.70 -30.20 11.02
N ASP B 283 -32.07 -30.91 12.09
CA ASP B 283 -33.43 -31.52 12.19
C ASP B 283 -34.54 -30.51 12.27
N TYR B 284 -34.25 -29.30 12.72
CA TYR B 284 -35.26 -28.33 13.06
C TYR B 284 -35.38 -27.11 12.14
N ILE B 285 -34.29 -26.66 11.51
CA ILE B 285 -34.40 -25.53 10.59
C ILE B 285 -35.04 -26.01 9.30
N GLU B 286 -35.99 -25.25 8.80
CA GLU B 286 -36.71 -25.58 7.58
C GLU B 286 -36.51 -24.49 6.55
N ILE B 287 -36.30 -24.87 5.29
CA ILE B 287 -35.99 -23.91 4.23
C ILE B 287 -36.87 -24.22 3.04
N THR B 288 -37.63 -23.22 2.59
CA THR B 288 -38.65 -23.43 1.59
C THR B 288 -38.02 -23.36 0.21
N GLY B 289 -38.15 -24.43 -0.55
CA GLY B 289 -37.67 -24.50 -1.92
C GLY B 289 -38.76 -24.46 -2.97
N ALA B 290 -38.49 -25.07 -4.12
CA ALA B 290 -39.44 -25.06 -5.22
C ALA B 290 -40.79 -25.73 -4.86
N GLY B 291 -41.88 -25.07 -5.23
CA GLY B 291 -43.22 -25.54 -4.93
C GLY B 291 -43.61 -25.42 -3.48
N GLY B 292 -42.90 -24.63 -2.69
CA GLY B 292 -43.22 -24.55 -1.27
C GLY B 292 -42.71 -25.72 -0.44
N LYS B 293 -42.11 -26.74 -1.09
CA LYS B 293 -41.49 -27.87 -0.37
C LYS B 293 -40.39 -27.42 0.60
N LYS B 294 -40.24 -28.13 1.70
CA LYS B 294 -39.32 -27.74 2.75
C LYS B 294 -38.11 -28.65 2.81
N TYR B 295 -36.96 -28.01 2.98
CA TYR B 295 -35.68 -28.70 3.02
C TYR B 295 -34.96 -28.37 4.31
N ARG B 296 -33.97 -29.19 4.62
CA ARG B 296 -33.08 -28.88 5.71
C ARG B 296 -31.79 -28.23 5.22
N ILE B 297 -31.00 -27.76 6.17
CA ILE B 297 -29.72 -27.19 5.85
C ILE B 297 -28.96 -28.19 4.99
N SER B 298 -28.96 -29.45 5.40
CA SER B 298 -28.21 -30.49 4.69
C SER B 298 -28.82 -30.92 3.36
N THR B 299 -30.08 -30.59 3.09
CA THR B 299 -30.75 -31.08 1.86
C THR B 299 -31.13 -29.98 0.89
N ALA B 300 -30.91 -28.73 1.31
CA ALA B 300 -31.10 -27.56 0.43
C ALA B 300 -30.27 -27.65 -0.83
N ILE B 301 -29.17 -28.37 -0.74
CA ILE B 301 -28.29 -28.57 -1.89
C ILE B 301 -28.97 -29.36 -3.01
N ASP B 302 -30.05 -30.07 -2.69
CA ASP B 302 -30.82 -30.84 -3.67
C ASP B 302 -31.80 -29.97 -4.46
N ASP B 303 -32.07 -28.76 -3.97
CA ASP B 303 -32.96 -27.81 -4.65
C ASP B 303 -32.37 -26.42 -4.65
N MET B 304 -32.06 -25.90 -5.84
CA MET B 304 -31.40 -24.61 -5.94
C MET B 304 -32.24 -23.43 -5.46
N GLU B 305 -33.54 -23.51 -5.63
CA GLU B 305 -34.40 -22.44 -5.09
C GLU B 305 -34.26 -22.31 -3.56
N ALA B 306 -34.19 -23.45 -2.89
CA ALA B 306 -33.90 -23.49 -1.44
C ALA B 306 -32.49 -23.00 -1.11
N TYR B 307 -31.53 -23.53 -1.85
CA TYR B 307 -30.12 -23.18 -1.65
C TYR B 307 -29.85 -21.71 -1.84
N THR B 308 -30.55 -21.07 -2.78
CA THR B 308 -30.48 -19.61 -2.97
C THR B 308 -30.61 -18.82 -1.64
N LYS B 309 -31.40 -19.37 -0.71
CA LYS B 309 -31.70 -18.68 0.55
C LYS B 309 -30.85 -19.18 1.73
N LEU B 310 -29.88 -20.05 1.44
CA LEU B 310 -29.01 -20.63 2.44
C LEU B 310 -27.59 -19.96 2.43
N THR B 311 -27.38 -19.10 3.42
CA THR B 311 -26.23 -18.30 3.54
C THR B 311 -25.78 -18.27 4.99
N ASP B 312 -24.80 -17.41 5.28
CA ASP B 312 -24.30 -17.23 6.64
C ASP B 312 -25.46 -16.86 7.61
N ASN B 313 -26.54 -16.31 7.08
CA ASN B 313 -27.73 -16.04 7.87
C ASN B 313 -28.15 -17.14 8.86
N ILE B 314 -27.98 -18.41 8.48
CA ILE B 314 -28.39 -19.48 9.36
C ILE B 314 -27.72 -19.37 10.70
N PHE B 315 -26.49 -18.87 10.70
CA PHE B 315 -25.75 -18.68 11.93
C PHE B 315 -26.59 -17.81 12.87
N LEU B 316 -27.06 -16.69 12.35
CA LEU B 316 -27.79 -15.74 13.20
C LEU B 316 -29.20 -16.20 13.49
N GLU B 317 -29.79 -16.93 12.56
CA GLU B 317 -31.09 -17.47 12.79
C GLU B 317 -31.02 -18.41 14.00
N ILE B 318 -30.03 -19.28 14.03
CA ILE B 318 -29.80 -20.13 15.19
C ILE B 318 -29.49 -19.31 16.44
N LEU B 319 -28.57 -18.37 16.35
CA LEU B 319 -28.17 -17.62 17.54
C LEU B 319 -29.33 -16.89 18.21
N TYR B 320 -30.20 -16.31 17.37
CA TYR B 320 -31.30 -15.47 17.84
C TYR B 320 -32.57 -16.25 18.12
N SER B 321 -32.56 -17.55 17.82
CA SER B 321 -33.72 -18.42 18.02
C SER B 321 -34.13 -18.50 19.49
N THR B 322 -35.41 -18.79 19.70
CA THR B 322 -36.00 -18.97 21.02
C THR B 322 -36.56 -20.40 21.19
N ASP B 323 -36.76 -21.09 20.08
CA ASP B 323 -37.23 -22.44 20.08
C ASP B 323 -36.36 -23.36 20.93
N PRO B 324 -36.99 -24.07 21.82
CA PRO B 324 -36.27 -25.00 22.70
C PRO B 324 -35.61 -26.17 21.96
N LYS B 325 -36.12 -26.55 20.79
CA LYS B 325 -35.50 -27.64 20.03
C LYS B 325 -34.09 -27.23 19.61
N LEU B 326 -33.89 -25.92 19.39
CA LEU B 326 -32.62 -25.32 18.98
C LEU B 326 -31.73 -24.91 20.15
N LYS B 327 -32.14 -25.21 21.37
CA LYS B 327 -31.34 -24.84 22.54
C LYS B 327 -29.87 -25.33 22.47
N ASP B 328 -29.65 -26.59 22.06
CA ASP B 328 -28.32 -27.18 22.03
C ASP B 328 -27.42 -26.47 20.98
N ALA B 329 -27.98 -26.22 19.81
CA ALA B 329 -27.32 -25.56 18.75
C ALA B 329 -27.02 -24.10 19.11
N ARG B 330 -28.05 -23.41 19.62
CA ARG B 330 -27.93 -22.03 20.05
C ARG B 330 -26.90 -21.88 21.15
N GLU B 331 -26.89 -22.81 22.12
CA GLU B 331 -25.88 -22.75 23.20
C GLU B 331 -24.41 -22.71 22.72
N ILE B 332 -24.13 -23.53 21.70
CA ILE B 332 -22.81 -23.62 21.13
C ILE B 332 -22.39 -22.27 20.54
N LEU B 333 -23.28 -21.67 19.76
CA LEU B 333 -23.03 -20.35 19.19
C LEU B 333 -22.85 -19.28 20.28
N LYS B 334 -23.62 -19.37 21.35
CA LYS B 334 -23.44 -18.42 22.45
C LYS B 334 -22.10 -18.56 23.13
N GLN B 335 -21.58 -19.77 23.18
CA GLN B 335 -20.25 -19.96 23.77
C GLN B 335 -19.20 -19.28 22.89
N ILE B 336 -19.41 -19.32 21.58
CA ILE B 336 -18.53 -18.64 20.68
C ILE B 336 -18.52 -17.13 20.99
N GLU B 337 -19.69 -16.54 21.20
CA GLU B 337 -19.77 -15.12 21.53
C GLU B 337 -19.00 -14.72 22.80
N TYR B 338 -19.04 -15.58 23.80
CA TYR B 338 -18.30 -15.37 25.05
C TYR B 338 -16.86 -15.78 24.91
N ARG B 339 -16.55 -16.40 23.79
CA ARG B 339 -15.19 -16.84 23.54
C ARG B 339 -14.84 -17.97 24.49
N ASN B 340 -15.84 -18.74 24.92
N ASN B 340 -15.85 -18.73 24.90
CA ASN B 340 -15.55 -19.98 25.63
CA ASN B 340 -15.56 -19.94 25.61
C ASN B 340 -15.40 -21.05 24.57
C ASN B 340 -15.41 -21.02 24.54
N LEU B 341 -14.21 -21.12 23.96
CA LEU B 341 -13.92 -22.10 22.91
C LEU B 341 -13.15 -23.27 23.44
N PHE B 342 -13.19 -24.36 22.69
CA PHE B 342 -12.37 -25.53 23.05
C PHE B 342 -10.90 -25.09 22.96
N LYS B 343 -10.05 -25.68 23.81
CA LYS B 343 -8.67 -25.25 23.96
C LYS B 343 -7.79 -26.09 23.09
N TYR B 344 -6.92 -25.42 22.35
CA TYR B 344 -5.84 -26.06 21.64
C TYR B 344 -4.85 -26.69 22.62
N VAL B 345 -4.48 -27.93 22.38
CA VAL B 345 -3.48 -28.61 23.18
C VAL B 345 -2.14 -28.62 22.46
N GLY B 346 -2.16 -28.96 21.18
CA GLY B 346 -0.93 -28.99 20.42
C GLY B 346 -1.07 -29.48 18.98
N GLU B 347 0.07 -29.53 18.29
CA GLU B 347 0.11 -30.01 16.94
C GLU B 347 1.26 -31.01 16.81
N THR B 348 1.07 -31.98 15.94
CA THR B 348 2.09 -32.97 15.63
C THR B 348 1.88 -33.37 14.17
N GLN B 349 2.78 -34.20 13.68
CA GLN B 349 2.68 -34.74 12.34
C GLN B 349 3.11 -36.17 12.36
N PRO B 350 2.57 -36.95 11.45
CA PRO B 350 3.14 -38.28 11.22
C PRO B 350 4.63 -38.22 10.76
N THR B 351 5.38 -39.25 11.12
CA THR B 351 6.81 -39.34 10.86
C THR B 351 7.02 -40.23 9.67
N GLY B 352 8.00 -39.87 8.85
CA GLY B 352 8.44 -40.69 7.74
C GLY B 352 7.31 -40.95 6.75
N GLN B 353 7.02 -42.22 6.54
CA GLN B 353 6.06 -42.60 5.53
C GLN B 353 4.60 -42.28 5.90
N ILE B 354 4.27 -42.21 7.19
CA ILE B 354 2.88 -42.52 7.59
C ILE B 354 1.85 -41.49 7.11
N LYS B 355 0.68 -41.98 6.67
CA LYS B 355 -0.45 -41.13 6.35
C LYS B 355 -1.71 -41.62 7.03
N ILE B 356 -2.56 -40.68 7.41
CA ILE B 356 -3.80 -40.98 8.09
C ILE B 356 -4.99 -40.84 7.15
N LYS B 357 -5.76 -41.93 7.09
CA LYS B 357 -6.84 -42.05 6.15
C LYS B 357 -8.07 -41.35 6.68
N ARG B 358 -8.92 -40.87 5.78
CA ARG B 358 -10.13 -40.17 6.17
C ARG B 358 -11.07 -41.04 7.01
N GLU B 359 -11.15 -42.33 6.67
CA GLU B 359 -11.97 -43.27 7.42
C GLU B 359 -11.53 -43.41 8.88
N ASP B 360 -10.25 -43.18 9.17
CA ASP B 360 -9.75 -43.32 10.55
C ASP B 360 -9.98 -42.11 11.45
N TYR B 361 -10.37 -40.97 10.87
CA TYR B 361 -10.43 -39.69 11.61
C TYR B 361 -11.22 -39.82 12.88
N GLU B 362 -12.33 -40.54 12.77
CA GLU B 362 -13.28 -40.73 13.86
C GLU B 362 -12.67 -41.45 15.08
N SER B 363 -11.77 -42.40 14.83
CA SER B 363 -11.18 -43.20 15.90
C SER B 363 -10.15 -42.44 16.74
N LEU B 364 -9.69 -41.30 16.25
CA LEU B 364 -8.53 -40.64 16.83
C LEU B 364 -8.74 -40.04 18.24
N PRO B 365 -9.87 -39.37 18.47
CA PRO B 365 -10.14 -38.93 19.85
C PRO B 365 -10.09 -40.08 20.91
N LYS B 366 -10.66 -41.23 20.58
CA LYS B 366 -10.54 -42.52 21.39
C LYS B 366 -9.06 -42.87 21.67
N GLU B 367 -8.23 -42.74 20.64
CA GLU B 367 -6.81 -43.09 20.75
C GLU B 367 -6.10 -42.19 21.75
N VAL B 368 -6.42 -40.91 21.69
CA VAL B 368 -5.79 -39.94 22.58
C VAL B 368 -6.16 -40.22 24.01
N ALA B 369 -7.45 -40.44 24.21
CA ALA B 369 -8.01 -40.75 25.53
C ALA B 369 -7.45 -42.09 26.10
N SER B 370 -7.07 -43.00 25.21
CA SER B 370 -6.50 -44.29 25.60
C SER B 370 -5.00 -44.26 26.01
N ALA B 371 -4.32 -43.16 25.72
CA ALA B 371 -2.93 -43.01 26.12
C ALA B 371 -2.74 -43.03 27.64
N LYS B 372 -1.61 -43.60 28.06
CA LYS B 372 -1.33 -43.86 29.49
C LYS B 372 -0.04 -43.18 29.95
N PRO B 373 -0.12 -41.85 30.14
CA PRO B 373 1.07 -41.13 30.55
C PRO B 373 1.45 -41.55 31.96
N LYS B 374 2.73 -41.80 32.20
CA LYS B 374 3.19 -42.24 33.52
C LYS B 374 3.39 -41.00 34.38
N VAL B 375 2.28 -40.38 34.78
CA VAL B 375 2.29 -39.15 35.60
C VAL B 375 1.01 -39.13 36.44
N LEU B 376 1.08 -38.54 37.64
CA LEU B 376 -0.12 -38.45 38.48
C LEU B 376 -1.09 -37.39 37.95
N LEU B 377 -2.35 -37.77 37.76
CA LEU B 377 -3.38 -36.84 37.27
C LEU B 377 -4.58 -36.79 38.22
N ASP B 378 -5.06 -35.57 38.49
CA ASP B 378 -6.28 -35.39 39.29
C ASP B 378 -7.49 -35.86 38.51
N VAL B 379 -7.53 -35.59 37.21
CA VAL B 379 -8.68 -35.89 36.37
C VAL B 379 -8.35 -36.92 35.28
N LYS B 380 -9.37 -37.68 34.88
CA LYS B 380 -9.30 -38.60 33.75
C LYS B 380 -10.17 -37.99 32.64
N LEU B 381 -9.65 -37.94 31.42
CA LEU B 381 -10.40 -37.39 30.30
C LEU B 381 -10.95 -38.48 29.41
N LYS B 382 -12.04 -38.14 28.72
CA LYS B 382 -12.76 -39.05 27.85
C LYS B 382 -12.58 -38.69 26.38
N ALA B 383 -12.88 -39.64 25.51
CA ALA B 383 -12.78 -39.44 24.09
C ALA B 383 -13.60 -38.23 23.66
N GLU B 384 -14.79 -38.06 24.23
CA GLU B 384 -15.65 -36.91 23.89
C GLU B 384 -15.03 -35.55 24.25
N ASP B 385 -14.04 -35.52 25.15
CA ASP B 385 -13.42 -34.29 25.54
C ASP B 385 -12.33 -33.84 24.54
N PHE B 386 -12.00 -34.68 23.56
CA PHE B 386 -10.95 -34.38 22.63
C PHE B 386 -11.51 -34.16 21.25
N ILE B 387 -10.96 -33.18 20.57
CA ILE B 387 -11.11 -33.04 19.13
C ILE B 387 -9.73 -33.19 18.47
N VAL B 388 -9.74 -33.98 17.42
CA VAL B 388 -8.57 -34.22 16.63
C VAL B 388 -8.87 -33.76 15.20
N ASP B 389 -8.12 -32.76 14.72
CA ASP B 389 -8.38 -32.15 13.41
C ASP B 389 -7.19 -32.49 12.52
N VAL B 390 -7.45 -33.18 11.42
CA VAL B 390 -6.41 -33.63 10.53
C VAL B 390 -6.49 -32.79 9.26
N ILE B 391 -5.37 -32.16 8.90
CA ILE B 391 -5.32 -31.26 7.77
C ILE B 391 -4.26 -31.72 6.77
N ASN B 392 -4.68 -31.89 5.52
CA ASN B 392 -3.77 -32.22 4.44
C ASN B 392 -3.31 -30.98 3.76
N MET B 393 -2.01 -30.70 3.85
CA MET B 393 -1.38 -29.54 3.24
C MET B 393 -0.61 -30.03 2.04
N ASP B 394 -0.91 -29.48 0.89
CA ASP B 394 -0.17 -29.84 -0.31
C ASP B 394 -0.03 -28.68 -1.33
N TYR B 395 0.58 -28.95 -2.47
CA TYR B 395 0.71 -27.95 -3.58
C TYR B 395 -0.45 -28.09 -4.60
N GLY B 396 -1.57 -28.67 -4.12
CA GLY B 396 -2.82 -28.71 -4.86
C GLY B 396 -2.97 -29.91 -5.74
N MET B 397 -1.96 -30.79 -5.79
CA MET B 397 -2.04 -32.02 -6.60
C MET B 397 -1.54 -33.19 -5.79
N GLN B 398 -1.93 -33.22 -4.54
CA GLN B 398 -1.56 -34.30 -3.61
C GLN B 398 -0.04 -34.40 -3.56
N GLU B 399 0.50 -35.57 -3.86
N GLU B 399 0.52 -35.56 -3.84
CA GLU B 399 1.95 -35.80 -3.77
CA GLU B 399 1.96 -35.75 -3.70
C GLU B 399 2.75 -35.10 -4.88
C GLU B 399 2.75 -35.11 -4.88
N LYS B 400 2.06 -34.75 -5.96
CA LYS B 400 2.73 -34.24 -7.16
C LYS B 400 3.21 -32.76 -7.09
N ASN B 401 4.25 -32.48 -7.85
CA ASN B 401 4.74 -31.11 -8.10
C ASN B 401 3.98 -30.47 -9.29
N PRO B 402 3.13 -29.45 -9.02
CA PRO B 402 2.35 -28.84 -10.11
C PRO B 402 3.22 -28.20 -11.23
N ILE B 403 4.45 -27.80 -10.91
CA ILE B 403 5.29 -27.15 -11.85
C ILE B 403 5.78 -28.14 -12.90
N ASP B 404 5.77 -29.44 -12.57
CA ASP B 404 6.08 -30.46 -13.55
C ASP B 404 4.98 -30.51 -14.61
N HIS B 405 3.82 -29.95 -14.32
CA HIS B 405 2.69 -29.96 -15.22
C HIS B 405 2.43 -28.57 -15.83
N VAL B 406 3.49 -27.75 -15.92
CA VAL B 406 3.50 -26.42 -16.53
C VAL B 406 4.42 -26.46 -17.71
N SER B 407 4.06 -25.71 -18.76
CA SER B 407 4.89 -25.60 -19.97
C SER B 407 5.43 -24.20 -20.05
N PHE B 408 6.66 -24.09 -20.57
CA PHE B 408 7.39 -22.85 -20.65
C PHE B 408 7.86 -22.58 -22.08
N TYR B 409 8.30 -21.34 -22.33
CA TYR B 409 8.95 -21.00 -23.59
C TYR B 409 10.10 -20.08 -23.27
N CYS B 410 11.07 -20.03 -24.18
N CYS B 410 11.04 -20.03 -24.20
CA CYS B 410 12.20 -19.19 -23.97
CA CYS B 410 12.24 -19.24 -24.05
C CYS B 410 12.22 -18.10 -25.02
C CYS B 410 12.20 -18.08 -25.04
N LYS B 411 12.83 -16.97 -24.68
CA LYS B 411 12.77 -15.76 -25.53
C LYS B 411 13.39 -16.06 -26.90
N THR B 412 14.40 -16.92 -26.93
CA THR B 412 15.06 -17.27 -28.20
C THR B 412 14.22 -18.19 -29.13
N ALA B 413 13.15 -18.80 -28.63
CA ALA B 413 12.24 -19.60 -29.48
C ALA B 413 10.84 -19.65 -28.91
N PRO B 414 10.10 -18.53 -28.99
CA PRO B 414 8.80 -18.35 -28.33
C PRO B 414 7.69 -19.30 -28.74
N ASN B 415 7.88 -20.02 -29.84
CA ASN B 415 6.87 -20.97 -30.33
C ASN B 415 7.14 -22.40 -29.94
N ARG B 416 8.30 -22.66 -29.33
CA ARG B 416 8.62 -23.99 -28.84
C ARG B 416 8.49 -24.15 -27.31
N ALA B 417 7.47 -24.90 -26.93
CA ALA B 417 7.19 -25.21 -25.54
C ALA B 417 8.24 -26.16 -24.96
N ILE B 418 8.66 -25.92 -23.73
CA ILE B 418 9.66 -26.73 -23.06
C ILE B 418 9.20 -27.07 -21.68
N ARG B 419 9.89 -28.03 -21.06
CA ARG B 419 9.66 -28.41 -19.66
C ARG B 419 10.84 -27.95 -18.82
N ILE B 420 10.56 -27.65 -17.57
CA ILE B 420 11.62 -27.31 -16.61
C ILE B 420 11.46 -28.14 -15.34
N THR B 421 12.52 -28.88 -14.99
CA THR B 421 12.53 -29.74 -13.80
C THR B 421 12.98 -28.93 -12.60
N LYS B 422 12.68 -29.44 -11.43
CA LYS B 422 13.00 -28.83 -10.16
C LYS B 422 14.48 -28.64 -9.99
N ASN B 423 15.29 -29.62 -10.43
CA ASN B 423 16.75 -29.52 -10.32
C ASN B 423 17.31 -28.39 -11.13
N GLN B 424 16.67 -28.15 -12.26
CA GLN B 424 17.03 -26.99 -13.09
C GLN B 424 16.74 -25.64 -12.45
N VAL B 425 16.06 -25.62 -11.33
CA VAL B 425 15.67 -24.37 -10.71
C VAL B 425 16.47 -24.13 -9.44
N SER B 426 16.30 -24.99 -8.43
CA SER B 426 16.92 -24.75 -7.11
C SER B 426 16.94 -26.00 -6.25
N GLN B 427 18.04 -26.20 -5.53
CA GLN B 427 18.09 -27.28 -4.53
C GLN B 427 17.47 -26.87 -3.18
N LEU B 428 17.04 -25.61 -3.05
CA LEU B 428 16.37 -25.07 -1.85
C LEU B 428 14.85 -25.19 -1.90
N LEU B 429 14.34 -25.91 -2.90
CA LEU B 429 12.93 -26.05 -3.05
C LEU B 429 12.51 -27.24 -2.17
N PRO B 430 11.20 -27.37 -1.93
CA PRO B 430 10.69 -28.55 -1.25
C PRO B 430 11.11 -29.85 -1.92
N GLU B 431 11.49 -30.83 -1.11
CA GLU B 431 11.67 -32.18 -1.64
C GLU B 431 10.34 -32.92 -1.58
N LYS B 432 9.37 -32.48 -0.75
CA LYS B 432 8.02 -33.04 -0.67
C LYS B 432 6.93 -31.98 -0.93
N PHE B 433 5.78 -32.42 -1.44
CA PHE B 433 4.70 -31.53 -1.84
C PHE B 433 3.36 -31.80 -1.14
N ALA B 434 3.36 -32.75 -0.19
CA ALA B 434 2.18 -33.06 0.62
C ALA B 434 2.59 -33.49 2.02
N GLU B 435 1.81 -33.04 2.98
CA GLU B 435 2.03 -33.38 4.37
C GLU B 435 0.71 -33.31 5.14
N GLN B 436 0.74 -33.76 6.39
CA GLN B 436 -0.44 -33.73 7.25
C GLN B 436 -0.07 -33.10 8.55
N LEU B 437 -1.02 -32.31 9.04
CA LEU B 437 -0.91 -31.67 10.36
C LEU B 437 -2.08 -32.20 11.18
N ILE B 438 -1.77 -32.53 12.45
CA ILE B 438 -2.76 -33.07 13.37
C ILE B 438 -2.82 -32.17 14.58
N ARG B 439 -4.00 -31.60 14.80
CA ARG B 439 -4.19 -30.68 15.90
C ARG B 439 -5.10 -31.36 16.90
N VAL B 440 -4.72 -31.25 18.16
CA VAL B 440 -5.53 -31.71 19.23
C VAL B 440 -6.05 -30.55 20.10
N TYR B 441 -7.33 -30.61 20.42
CA TYR B 441 -8.00 -29.66 21.30
C TYR B 441 -8.73 -30.41 22.37
N CYS B 442 -9.02 -29.73 23.48
CA CYS B 442 -9.75 -30.30 24.59
C CYS B 442 -10.96 -29.42 24.91
N LYS B 443 -12.12 -30.06 25.02
CA LYS B 443 -13.35 -29.37 25.41
C LYS B 443 -13.39 -28.97 26.89
N LYS B 444 -12.59 -29.59 27.75
CA LYS B 444 -12.51 -29.16 29.18
C LYS B 444 -11.43 -28.10 29.33
N VAL B 445 -11.83 -26.93 29.82
CA VAL B 445 -10.98 -25.74 29.78
C VAL B 445 -10.30 -25.37 31.12
N ASP B 446 -10.61 -26.05 32.21
CA ASP B 446 -9.95 -25.76 33.51
C ASP B 446 -8.46 -26.14 33.54
N ARG B 447 -7.73 -25.56 34.48
CA ARG B 447 -6.29 -25.77 34.64
C ARG B 447 -5.85 -27.23 34.73
N LYS B 448 -6.50 -27.99 35.59
CA LYS B 448 -6.15 -29.37 35.81
C LYS B 448 -6.52 -30.23 34.63
N SER B 449 -7.67 -29.95 34.02
CA SER B 449 -8.10 -30.68 32.82
C SER B 449 -7.09 -30.50 31.68
N LEU B 450 -6.65 -29.27 31.57
CA LEU B 450 -5.81 -28.86 30.49
C LEU B 450 -4.43 -29.47 30.60
N TYR B 451 -3.91 -29.45 31.82
CA TYR B 451 -2.68 -30.15 32.18
C TYR B 451 -2.72 -31.63 31.80
N ALA B 452 -3.82 -32.31 32.14
CA ALA B 452 -4.00 -33.69 31.81
C ALA B 452 -4.04 -33.91 30.31
N ALA B 453 -4.78 -33.05 29.61
CA ALA B 453 -4.89 -33.16 28.13
C ALA B 453 -3.49 -33.11 27.45
N ARG B 454 -2.63 -32.27 28.00
CA ARG B 454 -1.28 -32.15 27.49
C ARG B 454 -0.48 -33.44 27.68
N GLN B 455 -0.68 -34.12 28.83
CA GLN B 455 0.01 -35.37 29.10
C GLN B 455 -0.45 -36.49 28.15
N TYR B 456 -1.77 -36.60 27.97
CA TYR B 456 -2.33 -37.56 27.02
C TYR B 456 -1.80 -37.32 25.64
N PHE B 457 -1.80 -36.03 25.25
CA PHE B 457 -1.47 -35.69 23.88
C PHE B 457 -0.06 -36.13 23.56
N VAL B 458 0.87 -35.74 24.42
CA VAL B 458 2.29 -35.97 24.15
C VAL B 458 2.59 -37.48 24.25
N GLN B 459 1.90 -38.15 25.18
CA GLN B 459 2.02 -39.60 25.28
C GLN B 459 1.54 -40.26 23.99
N TRP B 460 0.38 -39.83 23.51
CA TRP B 460 -0.15 -40.35 22.25
C TRP B 460 0.84 -40.16 21.13
N CYS B 461 1.43 -38.96 21.02
CA CYS B 461 2.39 -38.69 19.97
C CYS B 461 3.55 -39.69 20.02
N ALA B 462 4.10 -39.89 21.22
CA ALA B 462 5.20 -40.86 21.45
C ALA B 462 4.79 -42.29 21.08
N ASP B 463 3.63 -42.70 21.57
CA ASP B 463 3.08 -44.04 21.32
C ASP B 463 2.97 -44.25 19.83
N ARG B 464 2.68 -43.21 19.09
CA ARG B 464 2.55 -43.39 17.65
C ARG B 464 3.76 -43.03 16.85
N ASN B 465 4.81 -42.59 17.50
CA ASN B 465 5.97 -42.18 16.79
C ASN B 465 5.63 -40.99 15.86
N PHE B 466 4.72 -40.11 16.27
CA PHE B 466 4.55 -38.80 15.62
C PHE B 466 5.68 -37.84 16.04
N THR B 467 5.70 -36.64 15.44
CA THR B 467 6.80 -35.72 15.74
C THR B 467 6.59 -35.15 17.13
N LYS B 468 7.67 -34.79 17.78
CA LYS B 468 7.56 -34.17 19.10
C LYS B 468 6.92 -32.79 18.97
N PRO B 469 5.81 -32.56 19.66
CA PRO B 469 5.27 -31.21 19.69
C PRO B 469 6.31 -30.18 20.05
N GLN B 470 6.22 -29.00 19.47
CA GLN B 470 7.31 -28.04 19.60
C GLN B 470 7.61 -27.68 21.04
N ASP B 471 6.55 -27.58 21.85
CA ASP B 471 6.67 -27.25 23.27
C ASP B 471 6.60 -28.48 24.20
N GLY B 472 6.80 -29.65 23.63
CA GLY B 472 6.72 -30.93 24.36
C GLY B 472 7.47 -30.98 25.69
N ASP B 473 8.68 -30.46 25.71
CA ASP B 473 9.48 -30.47 26.92
C ASP B 473 8.96 -29.55 28.01
N VAL B 474 8.18 -28.54 27.62
CA VAL B 474 7.58 -27.64 28.59
C VAL B 474 6.29 -28.20 29.10
N ILE B 475 5.43 -28.67 28.19
CA ILE B 475 4.08 -29.03 28.61
C ILE B 475 4.03 -30.42 29.25
N ALA B 476 4.99 -31.27 28.88
CA ALA B 476 5.03 -32.68 29.30
C ALA B 476 6.46 -33.14 29.57
N PRO B 477 7.10 -32.51 30.56
CA PRO B 477 8.55 -32.70 30.79
C PRO B 477 8.88 -34.14 31.23
N LEU B 478 7.91 -34.83 31.83
CA LEU B 478 8.13 -36.21 32.27
C LEU B 478 8.00 -37.19 31.12
N ILE B 479 7.27 -36.81 30.07
CA ILE B 479 6.94 -37.73 28.99
C ILE B 479 7.98 -37.71 27.89
N THR B 480 8.46 -36.52 27.55
CA THR B 480 9.38 -36.37 26.42
C THR B 480 10.68 -37.17 26.54
N PRO B 481 11.21 -37.31 27.77
CA PRO B 481 12.44 -38.11 27.97
C PRO B 481 12.33 -39.60 27.61
N GLN B 482 11.16 -40.19 27.78
CA GLN B 482 10.99 -41.62 27.51
C GLN B 482 11.25 -41.97 26.05
N LYS B 483 10.87 -41.08 25.15
CA LYS B 483 11.04 -41.32 23.73
C LYS B 483 12.47 -40.94 23.34
N LYS B 484 13.23 -41.92 22.86
CA LYS B 484 14.67 -41.77 22.61
C LYS B 484 14.95 -40.73 21.51
N GLU B 485 14.18 -40.81 20.43
CA GLU B 485 14.34 -39.98 19.22
C GLU B 485 14.32 -38.51 19.58
N TRP B 486 13.39 -38.16 20.45
CA TRP B 486 13.22 -36.80 20.89
C TRP B 486 14.37 -36.45 21.85
N ASP C 1 -5.45 -14.32 33.17
CA ASP C 1 -5.55 -13.69 31.83
C ASP C 1 -4.31 -12.87 31.50
N THR C 2 -3.96 -12.85 30.22
CA THR C 2 -2.84 -12.05 29.69
C THR C 2 -3.29 -11.18 28.51
N MET C 3 -2.40 -10.31 28.05
CA MET C 3 -2.68 -9.47 26.84
C MET C 3 -2.85 -10.29 25.57
N LYS C 4 -3.78 -9.85 24.72
CA LYS C 4 -3.97 -10.49 23.42
C LYS C 4 -3.52 -9.60 22.29
N VAL C 5 -3.00 -10.23 21.24
CA VAL C 5 -2.65 -9.58 20.00
C VAL C 5 -3.69 -9.87 18.91
N ILE C 6 -4.13 -8.81 18.25
CA ILE C 6 -5.08 -8.88 17.14
C ILE C 6 -4.44 -8.25 15.89
N ASN C 7 -4.52 -8.95 14.77
CA ASN C 7 -4.01 -8.41 13.57
C ASN C 7 -5.07 -7.65 12.79
N ASP C 8 -4.87 -6.35 12.64
CA ASP C 8 -5.74 -5.47 11.89
C ASP C 8 -5.03 -4.96 10.63
N PRO C 9 -5.72 -5.03 9.49
CA PRO C 9 -5.12 -4.58 8.26
C PRO C 9 -4.83 -3.06 8.25
N ILE C 10 -5.53 -2.27 9.06
CA ILE C 10 -5.28 -0.87 9.14
C ILE C 10 -4.14 -0.57 10.08
N HIS C 11 -4.20 -1.09 11.30
CA HIS C 11 -3.21 -0.68 12.35
C HIS C 11 -2.17 -1.69 12.66
N GLY C 12 -2.30 -2.89 12.11
CA GLY C 12 -1.30 -3.96 12.31
C GLY C 12 -1.64 -4.66 13.58
N HIS C 13 -0.65 -4.97 14.36
CA HIS C 13 -0.81 -5.77 15.56
C HIS C 13 -1.15 -4.91 16.76
N ILE C 14 -2.38 -5.09 17.23
CA ILE C 14 -3.00 -4.33 18.31
C ILE C 14 -2.93 -5.17 19.56
N GLU C 15 -2.44 -4.59 20.64
CA GLU C 15 -2.37 -5.26 21.95
C GLU C 15 -3.61 -4.93 22.73
N LEU C 16 -4.26 -5.95 23.26
CA LEU C 16 -5.46 -5.75 24.05
C LEU C 16 -5.24 -6.21 25.50
N HIS C 17 -5.47 -5.26 26.41
CA HIS C 17 -5.41 -5.49 27.82
C HIS C 17 -6.54 -6.47 28.19
N PRO C 18 -6.30 -7.36 29.16
CA PRO C 18 -7.27 -8.40 29.52
C PRO C 18 -8.67 -7.86 29.80
N LEU C 19 -8.73 -6.71 30.44
CA LEU C 19 -10.01 -6.12 30.77
C LEU C 19 -10.80 -5.81 29.49
N LEU C 20 -10.09 -5.27 28.49
CA LEU C 20 -10.72 -4.93 27.23
C LEU C 20 -11.20 -6.18 26.52
N VAL C 21 -10.45 -7.27 26.63
CA VAL C 21 -10.84 -8.52 26.01
C VAL C 21 -12.13 -9.05 26.64
N ARG C 22 -12.23 -8.91 27.95
CA ARG C 22 -13.45 -9.29 28.62
C ARG C 22 -14.64 -8.50 28.08
N ILE C 23 -14.45 -7.22 27.81
CA ILE C 23 -15.56 -6.39 27.28
C ILE C 23 -15.93 -6.78 25.85
N ILE C 24 -14.93 -7.13 25.08
CA ILE C 24 -15.09 -7.51 23.67
C ILE C 24 -15.82 -8.82 23.54
N ASP C 25 -15.49 -9.75 24.41
CA ASP C 25 -16.09 -11.09 24.34
C ASP C 25 -17.46 -11.19 25.05
N THR C 26 -18.38 -10.36 24.58
CA THR C 26 -19.72 -10.31 25.08
C THR C 26 -20.67 -10.22 23.89
N PRO C 27 -21.89 -10.75 24.01
CA PRO C 27 -22.87 -10.65 22.94
C PRO C 27 -23.14 -9.21 22.52
N GLN C 28 -22.99 -8.27 23.44
CA GLN C 28 -23.32 -6.87 23.17
C GLN C 28 -22.27 -6.24 22.24
N PHE C 29 -21.03 -6.70 22.39
CA PHE C 29 -19.94 -6.18 21.58
C PHE C 29 -19.87 -6.95 20.29
N GLN C 30 -19.99 -8.26 20.36
CA GLN C 30 -19.80 -9.13 19.20
C GLN C 30 -20.90 -8.90 18.15
N ARG C 31 -22.02 -8.40 18.63
CA ARG C 31 -23.09 -7.88 17.79
C ARG C 31 -22.60 -6.97 16.64
N LEU C 32 -21.56 -6.19 16.91
CA LEU C 32 -21.00 -5.27 15.93
C LEU C 32 -20.42 -5.95 14.69
N ARG C 33 -20.19 -7.26 14.78
CA ARG C 33 -19.74 -8.02 13.62
C ARG C 33 -20.82 -8.10 12.53
N TYR C 34 -22.03 -7.81 12.87
CA TYR C 34 -23.20 -8.06 12.00
C TYR C 34 -23.85 -6.76 11.59
N ILE C 35 -23.10 -5.66 11.72
CA ILE C 35 -23.57 -4.34 11.27
C ILE C 35 -22.52 -3.68 10.37
N LYS C 36 -22.84 -3.53 9.10
CA LYS C 36 -21.94 -2.96 8.13
C LYS C 36 -21.69 -1.49 8.46
N GLN C 37 -20.42 -1.14 8.44
CA GLN C 37 -19.99 0.20 8.71
C GLN C 37 -20.70 1.21 7.81
N LEU C 38 -20.82 0.87 6.53
CA LEU C 38 -21.32 1.78 5.50
C LEU C 38 -22.72 1.52 5.03
N GLY C 39 -23.43 0.60 5.68
CA GLY C 39 -24.78 0.21 5.32
C GLY C 39 -24.97 -0.12 3.84
N GLY C 40 -25.92 0.59 3.22
CA GLY C 40 -26.18 0.49 1.76
C GLY C 40 -25.00 0.78 0.82
N GLY C 41 -23.97 1.42 1.35
CA GLY C 41 -22.72 1.62 0.62
C GLY C 41 -22.10 0.36 0.03
N TYR C 42 -22.31 -0.79 0.67
CA TYR C 42 -21.69 -2.05 0.23
C TYR C 42 -22.24 -2.43 -1.08
N TYR C 43 -23.48 -2.03 -1.30
CA TYR C 43 -24.19 -2.30 -2.55
C TYR C 43 -23.73 -1.41 -3.72
N VAL C 44 -22.83 -0.45 -3.44
CA VAL C 44 -22.19 0.37 -4.48
C VAL C 44 -20.64 0.17 -4.52
N PHE C 45 -20.01 0.09 -3.37
CA PHE C 45 -18.61 -0.17 -3.27
C PHE C 45 -18.42 -1.60 -2.70
N PRO C 46 -18.19 -2.60 -3.53
CA PRO C 46 -18.16 -3.97 -3.07
C PRO C 46 -17.02 -4.33 -2.11
N GLY C 47 -16.04 -3.44 -1.98
CA GLY C 47 -14.96 -3.60 -0.98
C GLY C 47 -15.40 -3.26 0.43
N ALA C 48 -16.52 -2.52 0.54
CA ALA C 48 -16.98 -2.01 1.82
C ALA C 48 -17.83 -3.04 2.51
N SER C 49 -17.24 -4.23 2.70
CA SER C 49 -17.87 -5.31 3.49
C SER C 49 -17.58 -5.12 5.00
N HIS C 50 -16.71 -4.19 5.37
CA HIS C 50 -16.33 -4.03 6.77
C HIS C 50 -17.49 -3.62 7.71
N ASN C 51 -17.36 -4.07 8.96
CA ASN C 51 -18.38 -3.94 9.99
C ASN C 51 -17.89 -3.06 11.11
N ARG C 52 -18.85 -2.69 11.94
CA ARG C 52 -18.61 -1.80 13.04
C ARG C 52 -17.67 -2.39 14.04
N PHE C 53 -17.62 -3.71 14.11
CA PHE C 53 -16.76 -4.41 15.05
C PHE C 53 -15.29 -4.04 14.88
N GLU C 54 -14.81 -4.26 13.68
CA GLU C 54 -13.38 -4.01 13.43
C GLU C 54 -13.03 -2.49 13.56
N HIS C 55 -13.96 -1.61 13.20
CA HIS C 55 -13.77 -0.16 13.37
C HIS C 55 -13.65 0.20 14.84
N SER C 56 -14.45 -0.43 15.70
CA SER C 56 -14.44 -0.14 17.11
C SER C 56 -13.15 -0.56 17.76
N LEU C 57 -12.61 -1.72 17.39
CA LEU C 57 -11.23 -2.09 17.82
C LEU C 57 -10.27 -1.00 17.45
N GLY C 58 -10.39 -0.47 16.26
CA GLY C 58 -9.41 0.51 15.76
C GLY C 58 -9.51 1.79 16.56
N VAL C 59 -10.75 2.15 16.97
CA VAL C 59 -10.95 3.38 17.68
C VAL C 59 -10.36 3.24 19.06
N GLY C 60 -10.55 2.08 19.65
CA GLY C 60 -9.98 1.76 20.96
C GLY C 60 -8.49 1.81 20.92
N TYR C 61 -7.91 1.23 19.89
CA TYR C 61 -6.47 1.26 19.75
C TYR C 61 -5.92 2.70 19.64
N LEU C 62 -6.51 3.51 18.77
CA LEU C 62 -6.01 4.89 18.56
C LEU C 62 -6.23 5.80 19.76
N ALA C 63 -7.31 5.55 20.51
CA ALA C 63 -7.55 6.25 21.75
C ALA C 63 -6.40 5.98 22.73
N GLY C 64 -5.95 4.72 22.78
CA GLY C 64 -4.83 4.36 23.58
C GLY C 64 -3.58 5.00 23.10
N CYS C 65 -3.37 5.07 21.79
CA CYS C 65 -2.12 5.63 21.22
C CYS C 65 -1.98 7.10 21.58
N LEU C 66 -3.08 7.85 21.51
CA LEU C 66 -3.03 9.26 21.83
C LEU C 66 -2.75 9.48 23.30
N VAL C 67 -3.47 8.80 24.16
CA VAL C 67 -3.28 9.06 25.58
C VAL C 67 -1.89 8.59 26.03
N HIS C 68 -1.42 7.46 25.52
CA HIS C 68 -0.06 7.00 25.82
C HIS C 68 1.01 8.01 25.36
N ALA C 69 0.85 8.54 24.15
CA ALA C 69 1.80 9.56 23.63
C ALA C 69 1.86 10.82 24.51
N LEU C 70 0.69 11.29 24.95
CA LEU C 70 0.59 12.48 25.78
C LEU C 70 1.29 12.21 27.12
N GLY C 71 1.10 11.01 27.65
CA GLY C 71 1.64 10.66 28.95
C GLY C 71 3.15 10.53 28.92
N GLU C 72 3.64 9.93 27.85
CA GLU C 72 5.07 9.80 27.69
C GLU C 72 5.76 11.18 27.59
N LYS C 73 5.20 12.09 26.81
CA LYS C 73 5.81 13.39 26.61
C LYS C 73 5.67 14.33 27.82
N GLN C 74 4.58 14.21 28.54
CA GLN C 74 4.27 15.17 29.59
C GLN C 74 3.86 14.38 30.83
N PRO C 75 4.86 13.81 31.56
CA PRO C 75 4.52 13.04 32.74
C PRO C 75 3.87 13.93 33.81
N GLU C 76 4.06 15.24 33.75
CA GLU C 76 3.43 16.16 34.70
C GLU C 76 1.93 16.16 34.60
N LEU C 77 1.39 15.60 33.54
CA LEU C 77 -0.06 15.44 33.42
C LEU C 77 -0.62 14.40 34.39
N GLN C 78 0.26 13.55 34.94
CA GLN C 78 -0.15 12.52 35.91
C GLN C 78 -1.11 11.50 35.28
N ILE C 79 -0.88 11.14 34.02
CA ILE C 79 -1.83 10.23 33.37
C ILE C 79 -1.59 8.81 33.92
N SER C 80 -2.68 8.17 34.34
CA SER C 80 -2.60 6.86 35.01
C SER C 80 -3.05 5.73 34.11
N GLU C 81 -2.64 4.53 34.51
CA GLU C 81 -2.99 3.32 33.79
C GLU C 81 -4.50 3.24 33.77
N ARG C 82 -5.10 3.59 34.89
CA ARG C 82 -6.54 3.71 34.99
C ARG C 82 -7.15 4.65 33.93
N ASP C 83 -6.55 5.84 33.76
CA ASP C 83 -6.98 6.78 32.73
C ASP C 83 -6.88 6.17 31.34
N VAL C 84 -5.75 5.50 31.08
CA VAL C 84 -5.52 4.89 29.78
C VAL C 84 -6.58 3.83 29.46
N LEU C 85 -6.83 2.94 30.41
CA LEU C 85 -7.84 1.90 30.18
C LEU C 85 -9.22 2.48 29.97
N CYS C 86 -9.59 3.50 30.74
CA CYS C 86 -10.90 4.15 30.58
C CYS C 86 -11.08 4.79 29.21
N VAL C 87 -10.01 5.41 28.74
CA VAL C 87 -10.02 6.02 27.40
C VAL C 87 -10.15 4.94 26.32
N GLN C 88 -9.38 3.87 26.44
CA GLN C 88 -9.52 2.74 25.52
C GLN C 88 -10.93 2.13 25.54
N ILE C 89 -11.49 1.95 26.73
CA ILE C 89 -12.84 1.37 26.79
C ILE C 89 -13.87 2.28 26.08
N ALA C 90 -13.86 3.57 26.40
CA ALA C 90 -14.75 4.53 25.70
C ALA C 90 -14.55 4.49 24.17
N GLY C 91 -13.31 4.48 23.74
CA GLY C 91 -13.03 4.30 22.32
C GLY C 91 -13.57 3.02 21.70
N LEU C 92 -13.33 1.90 22.37
CA LEU C 92 -13.96 0.62 21.96
C LEU C 92 -15.47 0.64 21.87
N CYS C 93 -16.09 1.35 22.79
CA CYS C 93 -17.54 1.19 22.97
C CYS C 93 -18.40 2.34 22.44
N ARG C 94 -17.76 3.33 21.79
CA ARG C 94 -18.56 4.45 21.30
C ARG C 94 -19.38 4.13 20.09
N ASN C 95 -19.23 2.96 19.50
CA ASN C 95 -20.09 2.54 18.38
C ASN C 95 -21.11 1.45 18.79
N LEU C 96 -21.18 1.12 20.07
CA LEU C 96 -22.10 0.04 20.55
C LEU C 96 -23.54 0.27 20.22
N GLY C 97 -23.95 1.53 20.15
CA GLY C 97 -25.36 1.89 19.90
C GLY C 97 -25.84 1.86 18.45
N HIS C 98 -24.96 1.60 17.50
CA HIS C 98 -25.36 1.52 16.09
C HIS C 98 -26.34 0.41 15.82
N GLY C 99 -27.18 0.67 14.83
CA GLY C 99 -28.26 -0.25 14.50
C GLY C 99 -28.04 -0.77 13.11
N PRO C 100 -28.97 -1.61 12.61
CA PRO C 100 -28.82 -2.22 11.30
C PRO C 100 -28.40 -1.17 10.26
N PHE C 101 -27.34 -1.47 9.53
CA PHE C 101 -26.87 -0.63 8.43
C PHE C 101 -26.43 0.75 8.90
N SER C 102 -26.00 0.81 10.17
CA SER C 102 -25.40 1.99 10.74
C SER C 102 -26.29 3.22 10.57
N HIS C 103 -25.77 4.21 9.86
CA HIS C 103 -26.36 5.53 9.85
C HIS C 103 -27.77 5.51 9.26
N MET C 104 -28.06 4.55 8.39
CA MET C 104 -29.42 4.35 7.89
C MET C 104 -30.44 4.27 9.02
N PHE C 105 -30.08 3.55 10.08
CA PHE C 105 -30.98 3.25 11.15
C PHE C 105 -31.34 4.52 11.94
N ASP C 106 -30.31 5.24 12.37
CA ASP C 106 -30.55 6.43 13.16
C ASP C 106 -30.82 7.66 12.28
N GLY C 107 -30.28 7.67 11.07
CA GLY C 107 -30.43 8.80 10.15
C GLY C 107 -31.70 8.76 9.31
N ARG C 108 -32.19 7.56 9.00
CA ARG C 108 -33.42 7.43 8.19
C ARG C 108 -34.62 6.74 8.88
N PHE C 109 -34.39 5.54 9.40
CA PHE C 109 -35.49 4.73 9.90
C PHE C 109 -36.16 5.26 11.15
N ILE C 110 -35.36 5.47 12.20
CA ILE C 110 -35.88 5.92 13.48
C ILE C 110 -36.60 7.27 13.36
N PRO C 111 -36.03 8.25 12.63
CA PRO C 111 -36.74 9.52 12.44
C PRO C 111 -38.13 9.37 11.85
N LEU C 112 -38.32 8.38 10.98
CA LEU C 112 -39.63 8.10 10.40
C LEU C 112 -40.53 7.19 11.28
N ALA C 113 -39.96 6.13 11.83
CA ALA C 113 -40.77 5.22 12.65
C ALA C 113 -41.13 5.83 14.00
N ARG C 114 -40.21 6.59 14.57
CA ARG C 114 -40.38 7.19 15.88
C ARG C 114 -39.99 8.66 15.90
N PRO C 115 -40.76 9.50 15.20
CA PRO C 115 -40.49 10.94 15.09
C PRO C 115 -40.50 11.69 16.43
N GLU C 116 -41.27 11.22 17.39
CA GLU C 116 -41.31 11.84 18.72
C GLU C 116 -39.99 11.70 19.48
N VAL C 117 -39.27 10.60 19.24
CA VAL C 117 -38.13 10.27 20.09
C VAL C 117 -36.98 11.13 19.59
N LYS C 118 -36.09 11.48 20.51
CA LYS C 118 -34.78 11.94 20.08
C LYS C 118 -33.79 10.84 20.39
N TRP C 119 -33.14 10.35 19.35
CA TRP C 119 -32.34 9.11 19.50
C TRP C 119 -31.11 9.33 18.70
N THR C 120 -30.00 9.00 19.31
CA THR C 120 -28.72 9.03 18.64
C THR C 120 -28.03 7.69 18.93
N HIS C 121 -27.14 7.27 18.05
CA HIS C 121 -26.35 6.10 18.28
C HIS C 121 -25.53 6.31 19.57
N GLU C 122 -25.12 7.56 19.85
CA GLU C 122 -24.39 7.88 21.10
C GLU C 122 -25.19 7.49 22.35
N GLN C 123 -26.46 7.85 22.39
CA GLN C 123 -27.32 7.45 23.52
C GLN C 123 -27.44 5.94 23.61
N GLY C 124 -27.63 5.32 22.47
CA GLY C 124 -27.68 3.88 22.38
C GLY C 124 -26.42 3.20 22.91
N SER C 125 -25.27 3.78 22.59
CA SER C 125 -23.99 3.24 23.00
C SER C 125 -23.91 3.24 24.54
N VAL C 126 -24.38 4.30 25.17
CA VAL C 126 -24.35 4.44 26.61
C VAL C 126 -25.27 3.41 27.26
N MET C 127 -26.46 3.26 26.71
CA MET C 127 -27.39 2.24 27.23
C MET C 127 -26.82 0.79 27.05
N MET C 128 -26.22 0.51 25.88
CA MET C 128 -25.68 -0.82 25.60
C MET C 128 -24.54 -1.10 26.52
N PHE C 129 -23.75 -0.08 26.77
CA PHE C 129 -22.59 -0.24 27.64
C PHE C 129 -23.02 -0.64 29.04
N GLU C 130 -24.01 0.06 29.56
CA GLU C 130 -24.62 -0.30 30.85
C GLU C 130 -25.06 -1.75 30.88
N HIS C 131 -25.82 -2.13 29.86
CA HIS C 131 -26.28 -3.49 29.72
C HIS C 131 -25.13 -4.51 29.64
N LEU C 132 -24.10 -4.16 28.87
CA LEU C 132 -22.95 -5.02 28.72
C LEU C 132 -22.26 -5.25 30.05
N ILE C 133 -21.98 -4.17 30.77
CA ILE C 133 -21.33 -4.23 32.06
C ILE C 133 -22.14 -5.09 33.06
N ASN C 134 -23.44 -4.79 33.16
CA ASN C 134 -24.31 -5.47 34.13
C ASN C 134 -24.56 -6.93 33.83
N SER C 135 -24.83 -7.24 32.57
CA SER C 135 -25.10 -8.60 32.13
C SER C 135 -23.90 -9.53 32.17
N ASN C 136 -22.68 -9.01 32.22
CA ASN C 136 -21.51 -9.87 32.10
C ASN C 136 -20.55 -9.78 33.31
N GLY C 137 -20.96 -9.13 34.38
CA GLY C 137 -20.17 -9.09 35.61
C GLY C 137 -18.83 -8.42 35.44
N ILE C 138 -18.80 -7.37 34.64
CA ILE C 138 -17.55 -6.67 34.30
C ILE C 138 -17.00 -5.83 35.44
N LYS C 139 -17.88 -5.22 36.25
CA LYS C 139 -17.46 -4.31 37.33
C LYS C 139 -16.42 -4.95 38.26
N PRO C 140 -16.59 -6.23 38.66
CA PRO C 140 -15.57 -6.89 39.47
C PRO C 140 -14.22 -6.97 38.78
N VAL C 141 -14.25 -7.21 37.48
CA VAL C 141 -13.03 -7.26 36.70
C VAL C 141 -12.38 -5.87 36.64
N MET C 142 -13.18 -4.81 36.56
CA MET C 142 -12.66 -3.44 36.57
C MET C 142 -11.90 -3.15 37.84
N GLU C 143 -12.45 -3.53 38.97
CA GLU C 143 -11.73 -3.29 40.23
C GLU C 143 -10.50 -4.16 40.37
N GLN C 144 -10.54 -5.36 39.82
CA GLN C 144 -9.37 -6.22 39.80
C GLN C 144 -8.21 -5.54 39.10
N TYR C 145 -8.49 -4.76 38.08
CA TYR C 145 -7.43 -4.01 37.39
C TYR C 145 -7.27 -2.57 37.89
N GLY C 146 -7.87 -2.22 39.02
CA GLY C 146 -7.62 -0.93 39.66
C GLY C 146 -8.59 0.19 39.31
N LEU C 147 -9.58 -0.10 38.49
CA LEU C 147 -10.57 0.92 38.11
C LEU C 147 -11.56 1.10 39.25
N ILE C 148 -12.12 2.31 39.36
CA ILE C 148 -13.17 2.60 40.33
C ILE C 148 -14.48 2.81 39.58
N PRO C 149 -15.32 1.75 39.49
CA PRO C 149 -16.45 1.77 38.58
C PRO C 149 -17.37 2.98 38.66
N GLU C 150 -17.60 3.51 39.86
CA GLU C 150 -18.60 4.57 39.96
C GLU C 150 -18.11 5.76 39.17
N GLU C 151 -16.90 6.21 39.46
CA GLU C 151 -16.28 7.33 38.73
C GLU C 151 -15.95 6.97 37.30
N ASP C 152 -15.42 5.77 37.09
CA ASP C 152 -14.85 5.41 35.79
C ASP C 152 -15.92 5.06 34.76
N ILE C 153 -17.00 4.43 35.19
CA ILE C 153 -18.15 4.20 34.33
C ILE C 153 -18.76 5.52 33.94
N CYS C 154 -18.89 6.43 34.90
CA CYS C 154 -19.38 7.76 34.60
C CYS C 154 -18.44 8.44 33.59
N PHE C 155 -17.13 8.35 33.81
CA PHE C 155 -16.13 8.94 32.89
C PHE C 155 -16.24 8.38 31.47
N ILE C 156 -16.36 7.05 31.36
CA ILE C 156 -16.54 6.36 30.07
C ILE C 156 -17.80 6.84 29.33
N LYS C 157 -18.89 6.95 30.06
CA LYS C 157 -20.13 7.35 29.43
C LYS C 157 -20.05 8.79 28.99
N GLU C 158 -19.47 9.61 29.86
CA GLU C 158 -19.30 11.03 29.57
C GLU C 158 -18.41 11.23 28.32
N GLN C 159 -17.40 10.37 28.13
CA GLN C 159 -16.56 10.44 26.91
C GLN C 159 -17.35 10.18 25.64
N ILE C 160 -18.38 9.34 25.74
CA ILE C 160 -19.20 8.99 24.59
C ILE C 160 -20.27 10.06 24.29
N VAL C 161 -20.94 10.53 25.31
CA VAL C 161 -22.17 11.26 25.10
C VAL C 161 -22.09 12.67 25.64
N GLY C 162 -21.03 12.99 26.39
CA GLY C 162 -20.93 14.27 27.03
C GLY C 162 -21.48 14.22 28.44
N PRO C 163 -21.58 15.39 29.09
CA PRO C 163 -22.09 15.41 30.47
C PRO C 163 -23.45 14.71 30.54
N LEU C 164 -23.63 13.88 31.56
CA LEU C 164 -24.86 13.12 31.74
C LEU C 164 -26.03 13.99 32.27
N GLU C 165 -25.69 15.20 32.74
CA GLU C 165 -26.55 16.41 32.80
C GLU C 165 -27.34 16.63 31.49
N LEU C 172 -18.96 26.56 34.54
CA LEU C 172 -19.06 25.44 35.50
C LEU C 172 -18.44 24.20 34.85
N TRP C 173 -17.49 23.54 35.50
CA TRP C 173 -16.98 22.24 34.98
C TRP C 173 -18.14 21.25 35.04
N PRO C 174 -18.66 20.79 33.88
CA PRO C 174 -19.88 19.97 33.87
C PRO C 174 -19.66 18.45 34.04
N TYR C 175 -18.42 18.01 34.09
CA TYR C 175 -18.12 16.59 34.09
C TYR C 175 -17.89 16.13 35.50
N LYS C 176 -18.28 14.90 35.77
CA LYS C 176 -18.09 14.26 37.08
C LYS C 176 -17.10 13.09 37.09
N GLY C 177 -16.83 12.47 35.94
CA GLY C 177 -15.89 11.35 35.90
C GLY C 177 -14.43 11.72 36.16
N ARG C 178 -14.05 12.92 35.74
CA ARG C 178 -12.71 13.46 35.96
C ARG C 178 -12.81 14.98 36.16
N PRO C 179 -11.85 15.56 36.91
CA PRO C 179 -11.77 17.02 37.11
C PRO C 179 -11.06 17.80 35.99
N GLU C 180 -11.05 19.12 36.15
CA GLU C 180 -10.56 20.07 35.12
C GLU C 180 -9.14 19.81 34.67
N ASN C 181 -8.33 19.34 35.62
CA ASN C 181 -6.95 19.01 35.37
C ASN C 181 -6.83 17.87 34.35
N LYS C 182 -7.84 17.00 34.26
CA LYS C 182 -7.85 15.95 33.23
C LYS C 182 -8.84 16.23 32.09
N SER C 183 -9.12 17.52 31.84
CA SER C 183 -10.03 17.98 30.78
C SER C 183 -9.73 17.41 29.40
N PHE C 184 -8.44 17.39 29.09
CA PHE C 184 -7.93 16.91 27.81
C PHE C 184 -8.31 15.46 27.48
N LEU C 185 -8.59 14.66 28.50
CA LEU C 185 -8.99 13.26 28.25
C LEU C 185 -10.33 13.17 27.50
N TYR C 186 -11.21 14.15 27.72
CA TYR C 186 -12.50 14.21 27.06
C TYR C 186 -12.47 14.67 25.60
N GLU C 187 -11.27 15.02 25.12
CA GLU C 187 -11.03 15.41 23.74
C GLU C 187 -10.61 14.26 22.80
N ILE C 188 -10.42 13.06 23.32
CA ILE C 188 -9.84 11.94 22.52
C ILE C 188 -10.87 11.09 21.75
N VAL C 189 -11.94 10.67 22.44
CA VAL C 189 -12.87 9.72 21.83
C VAL C 189 -13.96 10.40 21.05
N SER C 190 -14.52 11.44 21.63
CA SER C 190 -15.58 12.16 20.99
C SER C 190 -15.45 13.63 21.34
N ASN C 191 -14.85 14.35 20.42
CA ASN C 191 -14.47 15.70 20.68
C ASN C 191 -15.63 16.67 20.41
N LYS C 192 -16.28 17.15 21.46
CA LYS C 192 -17.44 18.02 21.31
C LYS C 192 -17.08 19.45 20.93
N ARG C 193 -15.84 19.85 21.23
CA ARG C 193 -15.38 21.20 20.93
C ARG C 193 -15.22 21.46 19.43
N ASN C 194 -14.59 20.51 18.70
CA ASN C 194 -14.26 20.68 17.28
C ASN C 194 -14.33 19.43 16.38
N GLY C 195 -14.64 18.25 16.94
CA GLY C 195 -14.76 17.02 16.16
C GLY C 195 -13.45 16.34 15.78
N ILE C 196 -12.32 16.82 16.26
CA ILE C 196 -11.05 16.15 15.96
C ILE C 196 -10.78 15.02 16.97
N ASP C 197 -11.13 13.80 16.61
CA ASP C 197 -11.02 12.67 17.52
C ASP C 197 -10.67 11.39 16.77
N VAL C 198 -10.43 10.31 17.53
CA VAL C 198 -9.84 9.09 17.01
C VAL C 198 -10.83 8.23 16.26
N ASP C 199 -12.10 8.57 16.39
CA ASP C 199 -13.15 7.88 15.65
C ASP C 199 -13.01 8.14 14.16
N LYS C 200 -12.92 9.43 13.82
CA LYS C 200 -12.68 9.84 12.42
C LYS C 200 -11.40 9.23 11.88
N TRP C 201 -10.35 9.25 12.68
CA TRP C 201 -9.04 8.78 12.19
C TRP C 201 -9.07 7.32 11.80
N ASP C 202 -9.81 6.48 12.54
CA ASP C 202 -9.93 5.11 12.13
C ASP C 202 -10.82 5.00 10.90
N TYR C 203 -11.97 5.66 10.87
CA TYR C 203 -12.83 5.45 9.68
C TYR C 203 -12.29 6.01 8.37
N PHE C 204 -11.56 7.12 8.40
CA PHE C 204 -10.87 7.57 7.17
C PHE C 204 -10.00 6.47 6.65
N ALA C 205 -9.15 5.91 7.50
CA ALA C 205 -8.17 4.94 7.02
C ALA C 205 -8.83 3.62 6.67
N ARG C 206 -9.83 3.21 7.46
CA ARG C 206 -10.46 1.93 7.22
C ARG C 206 -11.37 2.02 6.00
N ASP C 207 -12.22 3.06 5.95
CA ASP C 207 -13.12 3.22 4.81
C ASP C 207 -12.36 3.36 3.53
N CYS C 208 -11.23 4.11 3.50
CA CYS C 208 -10.45 4.26 2.32
C CYS C 208 -9.86 2.97 1.87
N HIS C 209 -9.25 2.25 2.80
CA HIS C 209 -8.73 0.88 2.51
C HIS C 209 -9.76 -0.02 1.85
N HIS C 210 -11.03 0.05 2.28
CA HIS C 210 -12.06 -0.85 1.80
C HIS C 210 -12.82 -0.34 0.58
N LEU C 211 -13.09 0.96 0.58
CA LEU C 211 -13.72 1.58 -0.58
C LEU C 211 -12.81 1.56 -1.81
N GLY C 212 -11.51 1.58 -1.58
CA GLY C 212 -10.52 1.67 -2.64
C GLY C 212 -10.32 3.09 -3.07
N ILE C 213 -10.34 4.02 -2.13
CA ILE C 213 -10.04 5.42 -2.40
C ILE C 213 -9.05 5.91 -1.39
N GLN C 214 -8.34 6.98 -1.75
CA GLN C 214 -7.17 7.37 -0.98
C GLN C 214 -7.43 8.31 0.17
N ASN C 215 -6.67 8.08 1.24
CA ASN C 215 -6.82 8.83 2.48
C ASN C 215 -5.70 9.82 2.58
N ASN C 216 -6.05 11.08 2.79
CA ASN C 216 -5.08 12.16 2.78
C ASN C 216 -4.68 12.61 4.21
N PHE C 217 -5.32 12.07 5.25
CA PHE C 217 -4.98 12.48 6.63
C PHE C 217 -4.07 11.53 7.45
N ASP C 218 -2.97 12.07 7.97
CA ASP C 218 -1.97 11.33 8.70
C ASP C 218 -2.12 11.48 10.23
N TYR C 219 -2.91 10.60 10.85
CA TYR C 219 -3.21 10.75 12.26
C TYR C 219 -1.98 10.47 13.10
N LYS C 220 -1.12 9.56 12.68
CA LYS C 220 0.08 9.31 13.46
C LYS C 220 0.97 10.57 13.57
N ARG C 221 0.99 11.36 12.51
CA ARG C 221 1.70 12.65 12.56
C ARG C 221 1.06 13.56 13.60
N PHE C 222 -0.25 13.58 13.55
CA PHE C 222 -0.98 14.43 14.48
C PHE C 222 -0.70 14.07 15.94
N ILE C 223 -0.74 12.78 16.23
CA ILE C 223 -0.37 12.29 17.54
C ILE C 223 1.03 12.69 17.97
N LYS C 224 2.03 12.52 17.10
CA LYS C 224 3.37 12.95 17.43
C LYS C 224 3.47 14.43 17.76
N PHE C 225 2.64 15.28 17.16
CA PHE C 225 2.78 16.71 17.39
C PHE C 225 1.80 17.21 18.42
N ALA C 226 1.00 16.32 19.02
CA ALA C 226 0.03 16.73 20.00
C ALA C 226 0.67 16.99 21.39
N ARG C 227 0.23 18.06 22.04
CA ARG C 227 0.63 18.45 23.38
C ARG C 227 -0.60 18.89 24.16
N VAL C 228 -0.43 18.96 25.46
CA VAL C 228 -1.44 19.52 26.31
C VAL C 228 -0.95 20.88 26.84
N CYS C 229 -1.75 21.91 26.68
CA CYS C 229 -1.42 23.25 27.17
C CYS C 229 -2.60 23.82 27.92
N GLU C 230 -2.34 24.77 28.81
CA GLU C 230 -3.43 25.47 29.49
C GLU C 230 -4.15 26.45 28.55
N VAL C 231 -5.47 26.33 28.49
CA VAL C 231 -6.31 27.22 27.68
C VAL C 231 -7.47 27.62 28.55
N ASP C 232 -7.54 28.92 28.85
CA ASP C 232 -8.61 29.49 29.68
C ASP C 232 -8.92 28.60 30.86
N ASN C 233 -7.90 28.29 31.65
CA ASN C 233 -8.06 27.47 32.88
C ASN C 233 -8.50 26.02 32.68
N GLU C 234 -8.37 25.53 31.46
CA GLU C 234 -8.51 24.10 31.19
C GLU C 234 -7.20 23.59 30.60
N LEU C 235 -6.84 22.36 30.92
CA LEU C 235 -5.80 21.67 30.20
C LEU C 235 -6.37 20.99 28.96
N ARG C 236 -5.96 21.48 27.79
CA ARG C 236 -6.48 20.97 26.51
C ARG C 236 -5.39 20.52 25.57
N ILE C 237 -5.80 19.64 24.68
CA ILE C 237 -4.95 19.17 23.60
C ILE C 237 -4.74 20.29 22.60
N CYS C 238 -3.45 20.53 22.30
CA CYS C 238 -3.01 21.53 21.31
C CYS C 238 -2.17 20.88 20.22
N ALA C 239 -2.35 21.39 19.01
CA ALA C 239 -1.59 20.96 17.87
C ALA C 239 -0.48 21.95 17.61
N ARG C 240 0.62 21.46 17.10
CA ARG C 240 1.66 22.33 16.59
C ARG C 240 1.15 23.23 15.49
N ASP C 241 1.55 24.48 15.53
CA ASP C 241 1.02 25.50 14.62
C ASP C 241 1.10 25.17 13.13
N LYS C 242 2.24 24.64 12.73
CA LYS C 242 2.47 24.31 11.31
C LYS C 242 1.55 23.20 10.79
N GLU C 243 0.96 22.43 11.68
CA GLU C 243 -0.04 21.41 11.33
C GLU C 243 -1.44 21.90 10.96
N VAL C 244 -1.67 23.20 11.03
CA VAL C 244 -3.01 23.75 10.79
C VAL C 244 -3.50 23.44 9.38
N GLY C 245 -2.59 23.45 8.42
CA GLY C 245 -2.87 23.07 7.04
C GLY C 245 -3.44 21.67 6.97
N ASN C 246 -2.79 20.74 7.69
CA ASN C 246 -3.18 19.36 7.72
C ASN C 246 -4.55 19.20 8.38
N LEU C 247 -4.89 20.07 9.34
CA LEU C 247 -6.24 20.02 9.97
C LEU C 247 -7.33 20.46 9.01
N TYR C 248 -7.11 21.53 8.28
CA TYR C 248 -8.09 21.92 7.27
C TYR C 248 -8.27 20.78 6.28
N ASP C 249 -7.17 20.12 5.98
CA ASP C 249 -7.19 19.02 4.99
C ASP C 249 -7.95 17.81 5.51
N MET C 250 -7.88 17.59 6.82
CA MET C 250 -8.59 16.49 7.44
C MET C 250 -10.10 16.65 7.18
N PHE C 251 -10.63 17.83 7.40
CA PHE C 251 -12.03 18.11 7.11
C PHE C 251 -12.37 18.10 5.63
N HIS C 252 -11.41 18.49 4.81
CA HIS C 252 -11.59 18.39 3.39
C HIS C 252 -11.76 16.91 2.96
N THR C 253 -10.94 16.07 3.53
CA THR C 253 -11.00 14.62 3.30
C THR C 253 -12.32 14.07 3.77
N ARG C 254 -12.76 14.47 4.93
CA ARG C 254 -14.05 14.02 5.41
C ARG C 254 -15.16 14.40 4.41
N ASN C 255 -15.14 15.63 3.94
CA ASN C 255 -16.16 16.05 3.00
C ASN C 255 -16.10 15.29 1.67
N SER C 256 -14.90 15.01 1.19
CA SER C 256 -14.66 14.14 0.03
C SER C 256 -15.19 12.74 0.24
N LEU C 257 -14.95 12.15 1.41
CA LEU C 257 -15.52 10.82 1.68
C LEU C 257 -17.04 10.81 1.67
N HIS C 258 -17.62 11.85 2.23
CA HIS C 258 -19.09 11.95 2.19
C HIS C 258 -19.62 12.12 0.77
N ARG C 259 -18.97 12.99 -0.02
CA ARG C 259 -19.42 13.23 -1.36
C ARG C 259 -19.31 12.01 -2.22
N ARG C 260 -18.16 11.36 -2.19
CA ARG C 260 -17.88 10.21 -3.03
C ARG C 260 -18.65 8.97 -2.55
N ALA C 261 -18.72 8.76 -1.24
CA ALA C 261 -19.08 7.47 -0.70
C ALA C 261 -20.34 7.49 0.20
N TYR C 262 -20.24 8.20 1.33
CA TYR C 262 -21.31 8.11 2.33
C TYR C 262 -22.63 8.67 1.80
N GLN C 263 -22.57 9.69 0.95
CA GLN C 263 -23.74 10.26 0.29
C GLN C 263 -23.86 9.91 -1.19
N HIS C 264 -23.22 8.84 -1.63
CA HIS C 264 -23.40 8.40 -3.00
C HIS C 264 -24.88 8.28 -3.31
N LYS C 265 -25.29 8.82 -4.46
CA LYS C 265 -26.69 8.90 -4.86
C LYS C 265 -27.42 7.52 -4.84
N VAL C 266 -26.72 6.47 -5.31
CA VAL C 266 -27.30 5.15 -5.35
C VAL C 266 -27.24 4.48 -3.99
N GLY C 267 -26.13 4.65 -3.26
CA GLY C 267 -26.05 4.15 -1.90
C GLY C 267 -27.18 4.71 -1.06
N ASN C 268 -27.45 5.99 -1.21
CA ASN C 268 -28.52 6.62 -0.51
C ASN C 268 -29.91 6.06 -0.87
N ILE C 269 -30.14 5.79 -2.17
CA ILE C 269 -31.45 5.28 -2.55
C ILE C 269 -31.65 3.87 -2.07
N ILE C 270 -30.59 3.09 -2.04
CA ILE C 270 -30.66 1.77 -1.47
C ILE C 270 -30.95 1.82 0.01
N ASP C 271 -30.32 2.73 0.72
CA ASP C 271 -30.64 2.94 2.12
C ASP C 271 -32.11 3.30 2.28
N THR C 272 -32.62 4.13 1.38
CA THR C 272 -33.99 4.59 1.43
C THR C 272 -34.96 3.42 1.19
N MET C 273 -34.62 2.57 0.23
CA MET C 273 -35.43 1.40 -0.07
C MET C 273 -35.46 0.41 1.10
N ILE C 274 -34.29 0.18 1.67
CA ILE C 274 -34.22 -0.70 2.83
C ILE C 274 -35.06 -0.13 3.98
N THR C 275 -34.96 1.17 4.20
CA THR C 275 -35.76 1.81 5.23
C THR C 275 -37.28 1.63 5.05
N ASP C 276 -37.75 1.77 3.81
CA ASP C 276 -39.17 1.52 3.51
C ASP C 276 -39.57 0.10 3.81
N ALA C 277 -38.71 -0.83 3.43
CA ALA C 277 -38.95 -2.24 3.70
C ALA C 277 -39.08 -2.49 5.19
N PHE C 278 -38.21 -1.85 5.97
CA PHE C 278 -38.27 -1.98 7.42
C PHE C 278 -39.57 -1.39 7.98
N LEU C 279 -40.01 -0.25 7.46
CA LEU C 279 -41.26 0.37 7.90
C LEU C 279 -42.48 -0.53 7.61
N LYS C 280 -42.46 -1.19 6.46
CA LYS C 280 -43.54 -2.10 6.09
C LYS C 280 -43.48 -3.43 6.81
N ALA C 281 -42.33 -3.78 7.33
CA ALA C 281 -42.22 -5.01 8.08
C ALA C 281 -42.41 -4.75 9.54
N ASP C 282 -42.42 -3.48 9.98
CA ASP C 282 -42.32 -3.14 11.41
C ASP C 282 -43.49 -3.66 12.25
N ASP C 283 -44.69 -3.70 11.66
CA ASP C 283 -45.84 -4.34 12.33
C ASP C 283 -45.75 -5.87 12.52
N TYR C 284 -44.86 -6.56 11.80
CA TYR C 284 -44.86 -8.02 11.74
C TYR C 284 -43.57 -8.71 12.22
N ILE C 285 -42.40 -8.06 12.11
CA ILE C 285 -41.18 -8.62 12.67
C ILE C 285 -41.17 -8.48 14.18
N GLU C 286 -40.73 -9.55 14.81
CA GLU C 286 -40.65 -9.60 16.25
C GLU C 286 -39.27 -10.01 16.67
N ILE C 287 -38.79 -9.37 17.71
CA ILE C 287 -37.48 -9.60 18.26
C ILE C 287 -37.70 -9.84 19.75
N THR C 288 -37.18 -10.97 20.23
CA THR C 288 -37.36 -11.34 21.63
C THR C 288 -36.37 -10.60 22.51
N GLY C 289 -36.90 -9.89 23.50
CA GLY C 289 -36.07 -9.17 24.46
C GLY C 289 -36.17 -9.76 25.87
N ALA C 290 -36.02 -8.87 26.84
CA ALA C 290 -35.97 -9.28 28.23
C ALA C 290 -37.28 -9.96 28.67
N GLY C 291 -37.14 -11.11 29.32
CA GLY C 291 -38.30 -11.84 29.88
C GLY C 291 -39.16 -12.52 28.83
N GLY C 292 -38.60 -12.76 27.66
CA GLY C 292 -39.34 -13.37 26.56
C GLY C 292 -40.26 -12.42 25.81
N LYS C 293 -40.36 -11.17 26.29
CA LYS C 293 -41.25 -10.18 25.68
C LYS C 293 -40.79 -9.85 24.24
N LYS C 294 -41.73 -9.51 23.38
CA LYS C 294 -41.45 -9.28 21.96
C LYS C 294 -41.41 -7.82 21.57
N TYR C 295 -40.41 -7.43 20.75
CA TYR C 295 -40.26 -6.05 20.33
C TYR C 295 -40.29 -5.94 18.84
N ARG C 296 -40.56 -4.74 18.37
CA ARG C 296 -40.49 -4.46 16.96
C ARG C 296 -39.15 -3.81 16.64
N ILE C 297 -38.87 -3.71 15.36
CA ILE C 297 -37.66 -3.04 14.91
C ILE C 297 -37.62 -1.63 15.51
N SER C 298 -38.78 -0.94 15.53
CA SER C 298 -38.87 0.42 16.05
C SER C 298 -38.81 0.54 17.58
N THR C 299 -39.00 -0.56 18.30
CA THR C 299 -39.01 -0.51 19.75
C THR C 299 -37.87 -1.29 20.43
N ALA C 300 -37.09 -2.06 19.64
CA ALA C 300 -35.90 -2.72 20.16
C ALA C 300 -34.92 -1.75 20.82
N ILE C 301 -34.91 -0.49 20.38
CA ILE C 301 -34.13 0.53 21.06
C ILE C 301 -34.48 0.80 22.52
N ASP C 302 -35.67 0.41 22.90
CA ASP C 302 -36.13 0.55 24.30
C ASP C 302 -35.57 -0.53 25.21
N ASP C 303 -35.21 -1.69 24.66
CA ASP C 303 -34.74 -2.82 25.46
C ASP C 303 -33.42 -3.34 24.91
N MET C 304 -32.39 -3.24 25.74
CA MET C 304 -31.04 -3.59 25.28
C MET C 304 -30.87 -5.06 24.96
N GLU C 305 -31.55 -5.92 25.69
CA GLU C 305 -31.54 -7.33 25.36
C GLU C 305 -32.08 -7.64 23.95
N ALA C 306 -33.12 -6.93 23.54
CA ALA C 306 -33.63 -7.06 22.18
C ALA C 306 -32.69 -6.39 21.20
N TYR C 307 -32.23 -5.22 21.57
CA TYR C 307 -31.39 -4.42 20.65
C TYR C 307 -30.14 -5.19 20.30
N THR C 308 -29.67 -6.00 21.26
CA THR C 308 -28.52 -6.87 21.07
C THR C 308 -28.69 -7.76 19.86
N LYS C 309 -29.91 -8.20 19.60
CA LYS C 309 -30.19 -9.15 18.52
C LYS C 309 -30.73 -8.48 17.26
N LEU C 310 -30.62 -7.14 17.21
CA LEU C 310 -31.07 -6.32 16.08
C LEU C 310 -29.87 -5.83 15.25
N THR C 311 -29.64 -6.55 14.17
CA THR C 311 -28.52 -6.35 13.29
C THR C 311 -28.98 -6.37 11.83
N ASP C 312 -28.03 -6.31 10.92
CA ASP C 312 -28.30 -6.41 9.47
C ASP C 312 -29.06 -7.71 9.09
N ASN C 313 -28.93 -8.74 9.91
CA ASN C 313 -29.80 -9.92 9.81
C ASN C 313 -31.30 -9.68 9.48
N ILE C 314 -31.90 -8.63 10.00
CA ILE C 314 -33.33 -8.39 9.70
C ILE C 314 -33.57 -8.26 8.22
N PHE C 315 -32.62 -7.68 7.50
CA PHE C 315 -32.68 -7.57 6.05
C PHE C 315 -32.90 -8.96 5.44
N LEU C 316 -32.12 -9.94 5.86
CA LEU C 316 -32.25 -11.27 5.28
C LEU C 316 -33.48 -12.04 5.84
N GLU C 317 -33.81 -11.80 7.09
CA GLU C 317 -35.06 -12.35 7.66
C GLU C 317 -36.26 -11.91 6.81
N ILE C 318 -36.31 -10.63 6.41
CA ILE C 318 -37.39 -10.13 5.58
C ILE C 318 -37.30 -10.74 4.19
N LEU C 319 -36.10 -10.71 3.61
CA LEU C 319 -35.94 -11.18 2.24
C LEU C 319 -36.32 -12.66 2.10
N TYR C 320 -35.96 -13.46 3.11
CA TYR C 320 -36.21 -14.91 3.06
C TYR C 320 -37.59 -15.33 3.59
N SER C 321 -38.36 -14.37 4.09
CA SER C 321 -39.65 -14.63 4.70
C SER C 321 -40.61 -15.23 3.69
N THR C 322 -41.60 -15.94 4.21
CA THR C 322 -42.71 -16.48 3.43
C THR C 322 -44.07 -15.88 3.86
N ASP C 323 -44.11 -15.23 5.02
CA ASP C 323 -45.36 -14.66 5.50
C ASP C 323 -45.94 -13.66 4.52
N PRO C 324 -47.23 -13.84 4.19
CA PRO C 324 -47.83 -12.92 3.22
C PRO C 324 -47.98 -11.47 3.74
N LYS C 325 -48.01 -11.28 5.06
CA LYS C 325 -48.03 -9.93 5.61
C LYS C 325 -46.74 -9.16 5.29
N LEU C 326 -45.63 -9.90 5.12
CA LEU C 326 -44.31 -9.34 4.75
C LEU C 326 -44.06 -9.31 3.27
N LYS C 327 -45.08 -9.62 2.48
CA LYS C 327 -44.93 -9.60 1.05
C LYS C 327 -44.46 -8.24 0.52
N ASP C 328 -45.02 -7.16 1.05
CA ASP C 328 -44.67 -5.81 0.58
C ASP C 328 -43.24 -5.45 0.88
N ALA C 329 -42.83 -5.76 2.09
CA ALA C 329 -41.48 -5.48 2.55
C ALA C 329 -40.49 -6.36 1.76
N ARG C 330 -40.78 -7.63 1.64
CA ARG C 330 -39.97 -8.59 0.91
C ARG C 330 -39.83 -8.19 -0.57
N GLU C 331 -40.89 -7.70 -1.19
CA GLU C 331 -40.81 -7.25 -2.59
C GLU C 331 -39.83 -6.10 -2.83
N ILE C 332 -39.77 -5.17 -1.89
CA ILE C 332 -38.85 -4.06 -2.01
C ILE C 332 -37.39 -4.58 -2.02
N LEU C 333 -37.08 -5.48 -1.09
CA LEU C 333 -35.77 -6.09 -1.04
C LEU C 333 -35.49 -6.93 -2.28
N LYS C 334 -36.50 -7.64 -2.79
CA LYS C 334 -36.32 -8.40 -4.03
C LYS C 334 -35.98 -7.49 -5.21
N GLN C 335 -36.56 -6.29 -5.21
CA GLN C 335 -36.26 -5.34 -6.27
C GLN C 335 -34.83 -4.88 -6.23
N ILE C 336 -34.31 -4.65 -5.02
CA ILE C 336 -32.92 -4.39 -4.84
C ILE C 336 -32.06 -5.49 -5.47
N GLU C 337 -32.36 -6.75 -5.22
CA GLU C 337 -31.56 -7.85 -5.80
C GLU C 337 -31.55 -7.88 -7.33
N TYR C 338 -32.68 -7.52 -7.91
CA TYR C 338 -32.81 -7.41 -9.37
C TYR C 338 -32.23 -6.10 -9.89
N ARG C 339 -31.84 -5.24 -8.97
CA ARG C 339 -31.33 -3.94 -9.29
C ARG C 339 -32.39 -3.12 -9.99
N ASN C 340 -33.64 -3.37 -9.66
N ASN C 340 -33.64 -3.39 -9.69
CA ASN C 340 -34.71 -2.50 -10.08
CA ASN C 340 -34.69 -2.51 -10.12
C ASN C 340 -34.87 -1.45 -9.00
C ASN C 340 -34.86 -1.47 -9.00
N LEU C 341 -34.00 -0.45 -9.03
CA LEU C 341 -34.00 0.62 -8.02
C LEU C 341 -34.81 1.80 -8.51
N PHE C 342 -35.21 2.64 -7.55
CA PHE C 342 -35.76 3.92 -7.89
C PHE C 342 -34.68 4.64 -8.67
N LYS C 343 -35.09 5.38 -9.70
CA LYS C 343 -34.12 5.96 -10.63
C LYS C 343 -33.75 7.34 -10.15
N TYR C 344 -32.46 7.60 -10.16
CA TYR C 344 -31.92 8.91 -9.96
C TYR C 344 -32.39 9.79 -11.11
N VAL C 345 -32.98 10.92 -10.76
CA VAL C 345 -33.37 11.91 -11.76
C VAL C 345 -32.28 13.01 -11.87
N GLY C 346 -31.83 13.49 -10.71
CA GLY C 346 -30.85 14.55 -10.63
C GLY C 346 -30.58 15.08 -9.23
N GLU C 347 -29.69 16.06 -9.19
CA GLU C 347 -29.32 16.78 -7.99
C GLU C 347 -29.33 18.29 -8.22
N THR C 348 -29.74 19.04 -7.20
CA THR C 348 -29.65 20.50 -7.23
C THR C 348 -29.28 21.02 -5.84
N GLN C 349 -29.05 22.33 -5.75
CA GLN C 349 -28.77 22.96 -4.45
C GLN C 349 -29.57 24.22 -4.32
N PRO C 350 -29.92 24.57 -3.08
CA PRO C 350 -30.49 25.90 -2.85
C PRO C 350 -29.51 27.00 -3.23
N THR C 351 -30.04 28.14 -3.67
CA THR C 351 -29.23 29.28 -4.10
C THR C 351 -29.15 30.26 -2.97
N GLY C 352 -27.94 30.80 -2.77
CA GLY C 352 -27.63 31.73 -1.70
C GLY C 352 -28.04 31.30 -0.29
N GLN C 353 -28.91 32.12 0.27
CA GLN C 353 -29.38 32.05 1.61
C GLN C 353 -30.13 30.77 1.99
N ILE C 354 -30.78 30.10 1.04
CA ILE C 354 -31.91 29.22 1.38
C ILE C 354 -31.40 28.00 2.11
N LYS C 355 -32.11 27.62 3.17
CA LYS C 355 -31.92 26.32 3.80
C LYS C 355 -33.28 25.59 3.84
N ILE C 356 -33.26 24.27 3.71
CA ILE C 356 -34.46 23.46 3.72
C ILE C 356 -34.67 22.82 5.08
N LYS C 357 -35.87 23.03 5.60
CA LYS C 357 -36.25 22.69 6.95
C LYS C 357 -36.64 21.20 7.02
N ARG C 358 -36.34 20.57 8.13
CA ARG C 358 -36.67 19.16 8.40
C ARG C 358 -38.16 18.85 8.27
N GLU C 359 -38.99 19.75 8.80
CA GLU C 359 -40.44 19.62 8.72
C GLU C 359 -40.95 19.56 7.28
N ASP C 360 -40.26 20.25 6.38
CA ASP C 360 -40.74 20.37 4.99
C ASP C 360 -40.39 19.18 4.10
N TYR C 361 -39.51 18.30 4.56
CA TYR C 361 -39.07 17.14 3.77
C TYR C 361 -40.24 16.39 3.08
N GLU C 362 -41.34 16.18 3.82
CA GLU C 362 -42.47 15.43 3.31
C GLU C 362 -43.27 16.20 2.23
N SER C 363 -43.29 17.53 2.29
CA SER C 363 -44.03 18.34 1.29
C SER C 363 -43.29 18.47 -0.05
N LEU C 364 -42.03 18.07 -0.09
CA LEU C 364 -41.20 18.27 -1.28
C LEU C 364 -41.61 17.42 -2.50
N PRO C 365 -41.90 16.11 -2.30
CA PRO C 365 -42.36 15.32 -3.47
C PRO C 365 -43.63 15.90 -4.10
N LYS C 366 -44.55 16.38 -3.24
CA LYS C 366 -45.76 17.08 -3.69
C LYS C 366 -45.41 18.30 -4.56
N GLU C 367 -44.44 19.08 -4.09
CA GLU C 367 -43.97 20.23 -4.85
C GLU C 367 -43.44 19.85 -6.25
N VAL C 368 -42.67 18.78 -6.35
CA VAL C 368 -42.12 18.38 -7.66
C VAL C 368 -43.26 17.99 -8.61
N ALA C 369 -44.20 17.23 -8.07
CA ALA C 369 -45.38 16.80 -8.84
C ALA C 369 -46.30 17.99 -9.23
N SER C 370 -46.29 19.06 -8.42
CA SER C 370 -47.05 20.30 -8.70
C SER C 370 -46.47 21.18 -9.82
N ALA C 371 -45.19 21.02 -10.12
CA ALA C 371 -44.53 21.77 -11.20
C ALA C 371 -45.21 21.55 -12.57
N LYS C 372 -45.30 22.60 -13.38
CA LYS C 372 -45.97 22.52 -14.70
C LYS C 372 -45.02 22.78 -15.89
N PRO C 373 -44.22 21.76 -16.27
CA PRO C 373 -43.28 21.95 -17.37
C PRO C 373 -44.02 22.12 -18.70
N LYS C 374 -43.62 23.12 -19.47
CA LYS C 374 -44.31 23.42 -20.74
C LYS C 374 -43.79 22.52 -21.87
N VAL C 375 -44.08 21.21 -21.80
CA VAL C 375 -43.63 20.26 -22.81
C VAL C 375 -44.68 19.15 -22.97
N LEU C 376 -44.79 18.56 -24.16
CA LEU C 376 -45.63 17.37 -24.35
C LEU C 376 -45.08 16.12 -23.58
N LEU C 377 -45.92 15.51 -22.75
CA LEU C 377 -45.54 14.31 -21.99
C LEU C 377 -46.54 13.17 -22.21
N ASP C 378 -46.04 11.94 -22.38
CA ASP C 378 -46.93 10.77 -22.43
C ASP C 378 -47.63 10.50 -21.10
N VAL C 379 -46.88 10.62 -20.00
CA VAL C 379 -47.40 10.26 -18.66
C VAL C 379 -47.44 11.46 -17.71
N LYS C 380 -48.36 11.39 -16.76
CA LYS C 380 -48.46 12.36 -15.68
C LYS C 380 -48.04 11.64 -14.39
N LEU C 381 -47.17 12.25 -13.62
CA LEU C 381 -46.65 11.63 -12.40
C LEU C 381 -47.26 12.30 -11.17
N LYS C 382 -47.30 11.56 -10.06
CA LYS C 382 -47.90 12.05 -8.82
C LYS C 382 -46.86 12.14 -7.72
N ALA C 383 -47.23 12.81 -6.64
CA ALA C 383 -46.36 12.99 -5.47
C ALA C 383 -45.68 11.69 -5.04
N GLU C 384 -46.49 10.65 -4.91
CA GLU C 384 -46.02 9.35 -4.47
C GLU C 384 -45.00 8.69 -5.38
N ASP C 385 -44.91 9.14 -6.62
CA ASP C 385 -43.88 8.61 -7.56
C ASP C 385 -42.47 9.22 -7.38
N PHE C 386 -42.35 10.26 -6.57
CA PHE C 386 -41.08 10.95 -6.39
C PHE C 386 -40.51 10.73 -5.00
N ILE C 387 -39.17 10.68 -4.95
CA ILE C 387 -38.43 10.76 -3.71
C ILE C 387 -37.50 11.97 -3.76
N VAL C 388 -37.53 12.76 -2.69
CA VAL C 388 -36.64 13.86 -2.49
C VAL C 388 -35.81 13.62 -1.21
N ASP C 389 -34.50 13.54 -1.39
CA ASP C 389 -33.55 13.29 -0.30
C ASP C 389 -32.74 14.55 -0.08
N VAL C 390 -32.79 15.10 1.11
CA VAL C 390 -32.02 16.32 1.43
C VAL C 390 -30.83 15.97 2.28
N ILE C 391 -29.64 16.40 1.85
CA ILE C 391 -28.41 16.10 2.56
C ILE C 391 -27.70 17.36 3.01
N ASN C 392 -27.49 17.43 4.33
CA ASN C 392 -26.72 18.49 4.94
C ASN C 392 -25.26 18.14 4.98
N MET C 393 -24.46 18.84 4.19
CA MET C 393 -23.00 18.65 4.15
C MET C 393 -22.34 19.79 4.88
N ASP C 394 -21.46 19.51 5.85
CA ASP C 394 -20.72 20.56 6.58
C ASP C 394 -19.38 20.09 7.16
N TYR C 395 -18.67 20.99 7.84
CA TYR C 395 -17.41 20.66 8.53
C TYR C 395 -17.60 20.23 10.01
N GLY C 396 -18.74 19.65 10.29
CA GLY C 396 -19.05 19.13 11.63
C GLY C 396 -19.67 20.09 12.62
N MET C 397 -19.71 21.38 12.31
CA MET C 397 -20.21 22.39 13.26
C MET C 397 -21.09 23.37 12.52
N GLN C 398 -21.92 22.84 11.62
CA GLN C 398 -22.85 23.64 10.83
C GLN C 398 -22.08 24.71 10.12
N GLU C 399 -22.44 25.97 10.33
CA GLU C 399 -21.84 27.10 9.63
C GLU C 399 -20.40 27.32 10.11
N LYS C 400 -20.10 26.91 11.33
CA LYS C 400 -18.82 27.25 11.95
C LYS C 400 -17.58 26.51 11.42
N ASN C 401 -16.44 27.17 11.54
CA ASN C 401 -15.16 26.67 11.12
C ASN C 401 -14.50 25.99 12.32
N PRO C 402 -14.32 24.65 12.25
CA PRO C 402 -13.79 23.93 13.42
C PRO C 402 -12.42 24.39 13.87
N ILE C 403 -11.62 24.88 12.92
CA ILE C 403 -10.27 25.35 13.22
C ILE C 403 -10.27 26.63 14.09
N ASP C 404 -11.32 27.46 14.00
CA ASP C 404 -11.51 28.52 14.99
C ASP C 404 -11.63 27.97 16.42
N HIS C 405 -11.89 26.66 16.58
CA HIS C 405 -12.05 26.03 17.90
C HIS C 405 -10.93 25.04 18.25
N VAL C 406 -9.77 25.25 17.64
CA VAL C 406 -8.57 24.46 17.89
C VAL C 406 -7.48 25.38 18.45
N SER C 407 -6.69 24.84 19.37
CA SER C 407 -5.61 25.52 20.02
C SER C 407 -4.26 24.97 19.52
N PHE C 408 -3.31 25.89 19.33
CA PHE C 408 -2.03 25.55 18.79
C PHE C 408 -0.92 25.96 19.74
N TYR C 409 0.22 25.34 19.55
CA TYR C 409 1.44 25.82 20.14
C TYR C 409 2.53 26.02 19.10
N CYS C 410 3.56 26.81 19.41
N CYS C 410 3.57 26.76 19.46
CA CYS C 410 4.67 27.02 18.49
CA CYS C 410 4.68 27.07 18.56
C CYS C 410 5.97 26.51 19.11
C CYS C 410 5.98 26.50 19.13
N LYS C 411 6.94 26.17 18.26
CA LYS C 411 8.16 25.48 18.73
C LYS C 411 8.95 26.35 19.70
N THR C 412 8.87 27.67 19.51
CA THR C 412 9.59 28.60 20.38
C THR C 412 9.00 28.72 21.77
N ALA C 413 7.74 28.31 21.97
CA ALA C 413 7.10 28.32 23.30
C ALA C 413 6.05 27.24 23.41
N PRO C 414 6.47 25.96 23.59
CA PRO C 414 5.54 24.85 23.46
C PRO C 414 4.49 24.77 24.53
N ASN C 415 4.62 25.57 25.58
CA ASN C 415 3.61 25.58 26.63
C ASN C 415 2.61 26.68 26.45
N ARG C 416 2.78 27.52 25.44
CA ARG C 416 1.87 28.63 25.25
C ARG C 416 0.88 28.40 24.11
N ALA C 417 -0.37 28.20 24.47
CA ALA C 417 -1.47 28.03 23.52
C ALA C 417 -1.76 29.34 22.76
N ILE C 418 -2.01 29.21 21.47
CA ILE C 418 -2.36 30.33 20.62
C ILE C 418 -3.53 29.95 19.72
N ARG C 419 -4.09 30.95 19.06
CA ARG C 419 -5.16 30.76 18.07
C ARG C 419 -4.61 31.12 16.70
N ILE C 420 -5.12 30.42 15.68
CA ILE C 420 -4.78 30.73 14.31
C ILE C 420 -6.04 30.91 13.49
N THR C 421 -6.17 32.06 12.85
CA THR C 421 -7.36 32.39 12.07
C THR C 421 -7.15 31.92 10.65
N LYS C 422 -8.25 31.78 9.90
CA LYS C 422 -8.24 31.26 8.52
C LYS C 422 -7.31 32.08 7.61
N ASN C 423 -7.40 33.40 7.77
CA ASN C 423 -6.66 34.29 6.93
C ASN C 423 -5.18 34.18 7.16
N GLN C 424 -4.78 33.83 8.39
CA GLN C 424 -3.36 33.54 8.66
C GLN C 424 -2.83 32.30 7.97
N VAL C 425 -3.70 31.49 7.38
CA VAL C 425 -3.27 30.20 6.82
C VAL C 425 -3.15 30.19 5.29
N SER C 426 -4.26 30.45 4.62
CA SER C 426 -4.36 30.41 3.17
C SER C 426 -5.64 31.13 2.69
N GLN C 427 -5.55 31.86 1.59
CA GLN C 427 -6.72 32.44 0.94
C GLN C 427 -7.41 31.45 -0.01
N LEU C 428 -6.84 30.25 -0.16
CA LEU C 428 -7.45 29.21 -0.99
C LEU C 428 -8.39 28.27 -0.19
N LEU C 429 -8.82 28.69 0.99
CA LEU C 429 -9.64 27.80 1.81
C LEU C 429 -11.10 28.09 1.49
N PRO C 430 -12.03 27.19 1.90
CA PRO C 430 -13.47 27.47 1.77
C PRO C 430 -13.89 28.77 2.44
N GLU C 431 -14.78 29.54 1.80
CA GLU C 431 -15.39 30.69 2.50
C GLU C 431 -16.63 30.30 3.27
N LYS C 432 -17.20 29.15 2.97
CA LYS C 432 -18.38 28.63 3.64
C LYS C 432 -18.10 27.21 4.17
N PHE C 433 -18.79 26.82 5.24
CA PHE C 433 -18.56 25.54 5.90
C PHE C 433 -19.81 24.62 6.02
N ALA C 434 -20.95 25.07 5.49
CA ALA C 434 -22.11 24.19 5.32
C ALA C 434 -22.86 24.44 4.01
N GLU C 435 -23.49 23.39 3.50
CA GLU C 435 -24.36 23.47 2.33
C GLU C 435 -25.38 22.34 2.31
N GLN C 436 -26.37 22.47 1.44
CA GLN C 436 -27.33 21.40 1.23
C GLN C 436 -27.37 20.87 -0.20
N LEU C 437 -27.47 19.54 -0.29
CA LEU C 437 -27.67 18.86 -1.57
C LEU C 437 -29.05 18.22 -1.57
N ILE C 438 -29.72 18.34 -2.71
CA ILE C 438 -31.04 17.81 -2.89
C ILE C 438 -31.04 16.83 -4.04
N ARG C 439 -31.31 15.56 -3.72
CA ARG C 439 -31.43 14.55 -4.76
C ARG C 439 -32.90 14.17 -5.01
N VAL C 440 -33.25 13.98 -6.28
CA VAL C 440 -34.58 13.55 -6.66
C VAL C 440 -34.50 12.23 -7.42
N TYR C 441 -35.39 11.32 -7.03
CA TYR C 441 -35.51 10.01 -7.64
C TYR C 441 -36.95 9.76 -8.06
N CYS C 442 -37.13 8.80 -8.96
CA CYS C 442 -38.49 8.44 -9.44
C CYS C 442 -38.73 6.96 -9.22
N LYS C 443 -39.90 6.64 -8.64
CA LYS C 443 -40.30 5.25 -8.42
C LYS C 443 -40.73 4.53 -9.72
N LYS C 444 -41.15 5.29 -10.73
CA LYS C 444 -41.52 4.73 -12.03
C LYS C 444 -40.30 4.70 -12.91
N VAL C 445 -39.92 3.53 -13.38
CA VAL C 445 -38.60 3.33 -14.03
C VAL C 445 -38.68 3.19 -15.56
N ASP C 446 -39.87 3.19 -16.13
CA ASP C 446 -40.02 3.11 -17.60
C ASP C 446 -39.45 4.36 -18.30
N ARG C 447 -39.13 4.23 -19.59
CA ARG C 447 -38.49 5.29 -20.37
C ARG C 447 -39.31 6.59 -20.40
N LYS C 448 -40.61 6.44 -20.64
CA LYS C 448 -41.51 7.57 -20.73
C LYS C 448 -41.64 8.29 -19.37
N SER C 449 -41.74 7.50 -18.32
CA SER C 449 -41.82 8.04 -16.95
C SER C 449 -40.56 8.81 -16.56
N LEU C 450 -39.40 8.25 -16.91
CA LEU C 450 -38.14 8.87 -16.54
C LEU C 450 -37.93 10.22 -17.25
N TYR C 451 -38.28 10.25 -18.53
CA TYR C 451 -38.27 11.48 -19.32
C TYR C 451 -39.15 12.57 -18.68
N ALA C 452 -40.37 12.17 -18.28
CA ALA C 452 -41.29 13.09 -17.64
C ALA C 452 -40.73 13.60 -16.32
N ALA C 453 -40.16 12.69 -15.55
CA ALA C 453 -39.59 13.02 -14.23
C ALA C 453 -38.48 14.08 -14.36
N ARG C 454 -37.67 13.96 -15.40
CA ARG C 454 -36.65 14.95 -15.66
C ARG C 454 -37.23 16.35 -15.90
N GLN C 455 -38.35 16.41 -16.61
CA GLN C 455 -39.00 17.67 -16.92
C GLN C 455 -39.55 18.32 -15.64
N TYR C 456 -40.27 17.54 -14.82
CA TYR C 456 -40.79 18.05 -13.55
C TYR C 456 -39.65 18.53 -12.66
N PHE C 457 -38.59 17.73 -12.58
CA PHE C 457 -37.49 18.05 -11.70
C PHE C 457 -36.83 19.39 -12.05
N VAL C 458 -36.46 19.56 -13.31
CA VAL C 458 -35.78 20.77 -13.74
C VAL C 458 -36.72 21.97 -13.62
N GLN C 459 -38.00 21.74 -13.89
CA GLN C 459 -38.98 22.79 -13.75
C GLN C 459 -39.07 23.23 -12.30
N TRP C 460 -39.09 22.26 -11.40
CA TRP C 460 -39.16 22.53 -9.97
C TRP C 460 -37.95 23.36 -9.53
N CYS C 461 -36.74 22.94 -9.97
CA CYS C 461 -35.49 23.71 -9.71
C CYS C 461 -35.63 25.17 -10.12
N ALA C 462 -36.10 25.41 -11.34
CA ALA C 462 -36.31 26.77 -11.87
C ALA C 462 -37.31 27.55 -11.02
N ASP C 463 -38.45 26.91 -10.77
CA ASP C 463 -39.54 27.50 -9.98
C ASP C 463 -39.02 27.90 -8.61
N ARG C 464 -38.11 27.13 -8.07
CA ARG C 464 -37.61 27.51 -6.77
C ARG C 464 -36.28 28.22 -6.78
N ASN C 465 -35.80 28.58 -7.96
CA ASN C 465 -34.50 29.22 -8.06
C ASN C 465 -33.38 28.40 -7.40
N PHE C 466 -33.44 27.08 -7.49
CA PHE C 466 -32.32 26.22 -7.13
C PHE C 466 -31.30 26.26 -8.23
N THR C 467 -30.15 25.66 -8.02
CA THR C 467 -29.10 25.69 -9.07
C THR C 467 -29.51 24.81 -10.25
N LYS C 468 -29.00 25.15 -11.43
CA LYS C 468 -29.23 24.37 -12.65
C LYS C 468 -28.56 23.01 -12.49
N PRO C 469 -29.31 21.91 -12.63
CA PRO C 469 -28.64 20.62 -12.63
C PRO C 469 -27.58 20.57 -13.70
N GLN C 470 -26.45 19.92 -13.39
CA GLN C 470 -25.26 19.96 -14.27
C GLN C 470 -25.61 19.45 -15.67
N ASP C 471 -26.51 18.48 -15.76
CA ASP C 471 -26.93 17.92 -17.05
C ASP C 471 -28.25 18.50 -17.58
N GLY C 472 -28.68 19.62 -16.99
CA GLY C 472 -29.98 20.23 -17.27
C GLY C 472 -30.30 20.48 -18.75
N ASP C 473 -29.33 20.96 -19.50
CA ASP C 473 -29.53 21.22 -20.92
C ASP C 473 -29.69 19.95 -21.75
N VAL C 474 -29.21 18.83 -21.26
CA VAL C 474 -29.34 17.56 -21.98
C VAL C 474 -30.64 16.87 -21.58
N ILE C 475 -30.91 16.78 -20.27
CA ILE C 475 -32.10 16.09 -19.81
C ILE C 475 -33.41 16.87 -19.99
N ALA C 476 -33.33 18.20 -20.06
CA ALA C 476 -34.52 19.05 -20.20
C ALA C 476 -34.22 20.27 -21.09
N PRO C 477 -33.86 20.04 -22.37
CA PRO C 477 -33.46 21.12 -23.28
C PRO C 477 -34.54 22.17 -23.51
N LEU C 478 -35.80 21.77 -23.41
CA LEU C 478 -36.92 22.70 -23.55
C LEU C 478 -37.20 23.55 -22.29
N ILE C 479 -36.85 23.06 -21.11
CA ILE C 479 -37.13 23.76 -19.84
C ILE C 479 -36.03 24.76 -19.46
N THR C 480 -34.76 24.38 -19.64
CA THR C 480 -33.64 25.20 -19.18
C THR C 480 -33.61 26.62 -19.78
N PRO C 481 -34.05 26.77 -21.05
CA PRO C 481 -34.15 28.07 -21.71
C PRO C 481 -34.93 29.15 -20.97
N GLN C 482 -36.03 28.75 -20.34
CA GLN C 482 -36.92 29.69 -19.66
C GLN C 482 -36.21 30.50 -18.56
N LYS C 483 -35.30 29.86 -17.82
CA LYS C 483 -34.61 30.53 -16.71
C LYS C 483 -33.42 31.30 -17.28
N LYS C 484 -33.46 32.64 -17.20
CA LYS C 484 -32.40 33.46 -17.81
C LYS C 484 -31.02 33.28 -17.18
N GLU C 485 -31.00 33.16 -15.86
CA GLU C 485 -29.77 33.03 -15.07
C GLU C 485 -28.96 31.86 -15.56
N TRP C 486 -29.64 30.76 -15.84
CA TRP C 486 -29.00 29.54 -16.30
C TRP C 486 -28.41 29.71 -17.72
N ASN C 487 -29.10 30.48 -18.56
CA ASN C 487 -28.73 30.78 -19.97
C ASN C 487 -29.93 30.65 -20.90
N ASP D 1 19.89 21.27 22.65
CA ASP D 1 19.30 20.66 21.42
C ASP D 1 18.17 19.70 21.79
N THR D 2 17.27 19.44 20.83
CA THR D 2 16.04 18.67 21.07
C THR D 2 15.81 17.57 20.02
N MET D 3 14.81 16.73 20.31
CA MET D 3 14.41 15.62 19.43
C MET D 3 13.92 16.08 18.04
N LYS D 4 14.29 15.33 17.00
CA LYS D 4 13.78 15.57 15.67
C LYS D 4 12.91 14.42 15.19
N VAL D 5 11.93 14.75 14.39
CA VAL D 5 11.08 13.82 13.71
C VAL D 5 11.39 13.85 12.20
N ILE D 6 11.46 12.68 11.61
CA ILE D 6 11.74 12.50 10.22
C ILE D 6 10.66 11.59 9.65
N ASN D 7 10.08 12.01 8.52
CA ASN D 7 9.15 11.17 7.82
C ASN D 7 9.83 10.21 6.87
N ASP D 8 9.63 8.91 7.11
CA ASP D 8 10.15 7.87 6.26
C ASP D 8 8.97 7.14 5.59
N PRO D 9 9.07 6.88 4.29
CA PRO D 9 8.01 6.20 3.61
C PRO D 9 7.81 4.76 4.10
N ILE D 10 8.82 4.12 4.69
CA ILE D 10 8.62 2.76 5.22
C ILE D 10 8.12 2.78 6.65
N HIS D 11 8.72 3.56 7.52
CA HIS D 11 8.39 3.50 8.95
C HIS D 11 7.53 4.62 9.47
N GLY D 12 7.18 5.59 8.62
CA GLY D 12 6.44 6.76 9.06
C GLY D 12 7.31 7.70 9.81
N HIS D 13 6.76 8.30 10.86
CA HIS D 13 7.48 9.31 11.66
C HIS D 13 8.44 8.69 12.68
N ILE D 14 9.72 8.97 12.49
CA ILE D 14 10.82 8.45 13.28
C ILE D 14 11.35 9.59 14.09
N GLU D 15 11.35 9.42 15.40
CA GLU D 15 11.93 10.36 16.34
C GLU D 15 13.38 10.02 16.58
N LEU D 16 14.20 11.05 16.58
CA LEU D 16 15.61 10.92 16.84
C LEU D 16 16.06 11.84 18.02
N HIS D 17 16.71 11.19 18.96
CA HIS D 17 17.37 11.79 20.05
C HIS D 17 18.50 12.65 19.57
N PRO D 18 18.74 13.75 20.30
CA PRO D 18 19.68 14.81 19.79
C PRO D 18 21.09 14.29 19.56
N LEU D 19 21.58 13.40 20.39
CA LEU D 19 22.83 12.75 20.15
C LEU D 19 22.88 12.01 18.79
N LEU D 20 21.80 11.34 18.41
CA LEU D 20 21.74 10.65 17.12
C LEU D 20 21.76 11.65 15.96
N VAL D 21 21.08 12.77 16.16
CA VAL D 21 21.06 13.82 15.15
C VAL D 21 22.51 14.35 14.94
N ARG D 22 23.25 14.50 16.02
CA ARG D 22 24.62 14.97 15.96
C ARG D 22 25.49 14.05 15.17
N ILE D 23 25.27 12.75 15.30
CA ILE D 23 26.05 11.76 14.58
C ILE D 23 25.69 11.79 13.09
N ILE D 24 24.40 11.93 12.82
CA ILE D 24 23.88 11.96 11.45
C ILE D 24 24.42 13.14 10.68
N ASP D 25 24.53 14.28 11.37
CA ASP D 25 24.90 15.53 10.71
C ASP D 25 26.45 15.72 10.63
N THR D 26 27.09 14.76 9.96
CA THR D 26 28.49 14.73 9.74
C THR D 26 28.73 14.28 8.32
N PRO D 27 29.85 14.72 7.72
CA PRO D 27 30.26 14.25 6.42
C PRO D 27 30.34 12.74 6.33
N GLN D 28 30.75 12.09 7.39
CA GLN D 28 30.93 10.63 7.38
C GLN D 28 29.63 9.87 7.24
N PHE D 29 28.58 10.40 7.83
CA PHE D 29 27.24 9.78 7.71
C PHE D 29 26.55 10.26 6.42
N GLN D 30 26.61 11.56 6.13
CA GLN D 30 25.85 12.11 4.99
C GLN D 30 26.35 11.60 3.67
N ARG D 31 27.62 11.21 3.64
CA ARG D 31 28.19 10.43 2.56
C ARG D 31 27.28 9.30 2.03
N LEU D 32 26.55 8.63 2.95
CA LEU D 32 25.65 7.57 2.58
C LEU D 32 24.46 7.98 1.70
N ARG D 33 24.18 9.26 1.60
CA ARG D 33 23.25 9.77 0.56
C ARG D 33 23.71 9.56 -0.88
N TYR D 34 25.00 9.33 -1.08
CA TYR D 34 25.63 9.25 -2.40
C TYR D 34 26.08 7.82 -2.74
N ILE D 35 25.50 6.83 -2.04
CA ILE D 35 25.73 5.44 -2.32
C ILE D 35 24.41 4.66 -2.43
N LYS D 36 24.12 4.18 -3.63
CA LYS D 36 22.95 3.41 -3.89
C LYS D 36 22.97 2.09 -3.14
N GLN D 37 21.81 1.78 -2.52
CA GLN D 37 21.61 0.58 -1.79
C GLN D 37 21.85 -0.64 -2.62
N LEU D 38 21.31 -0.68 -3.82
CA LEU D 38 21.38 -1.82 -4.73
C LEU D 38 22.40 -1.69 -5.89
N GLY D 39 23.21 -0.63 -5.89
CA GLY D 39 24.22 -0.47 -6.93
C GLY D 39 23.67 -0.55 -8.34
N GLY D 40 24.14 -1.53 -9.13
CA GLY D 40 23.70 -1.69 -10.51
C GLY D 40 22.28 -2.15 -10.69
N GLY D 41 21.67 -2.66 -9.61
CA GLY D 41 20.21 -2.89 -9.57
C GLY D 41 19.34 -1.76 -10.11
N TYR D 42 19.71 -0.50 -9.87
CA TYR D 42 18.95 0.68 -10.34
C TYR D 42 18.83 0.72 -11.85
N TYR D 43 19.85 0.16 -12.49
CA TYR D 43 19.88 0.10 -13.97
C TYR D 43 18.99 -1.04 -14.55
N VAL D 44 18.32 -1.78 -13.65
CA VAL D 44 17.32 -2.80 -14.03
C VAL D 44 15.91 -2.53 -13.41
N PHE D 45 15.92 -2.06 -12.17
CA PHE D 45 14.69 -1.67 -11.50
C PHE D 45 14.73 -0.16 -11.30
N PRO D 46 14.02 0.59 -12.08
CA PRO D 46 14.20 2.05 -12.01
C PRO D 46 13.73 2.71 -10.77
N GLY D 47 12.94 2.00 -9.99
CA GLY D 47 12.48 2.53 -8.73
C GLY D 47 13.54 2.42 -7.66
N ALA D 48 14.64 1.69 -7.90
CA ALA D 48 15.62 1.43 -6.85
C ALA D 48 16.66 2.53 -6.83
N SER D 49 16.17 3.73 -6.53
CA SER D 49 16.97 4.96 -6.55
C SER D 49 17.51 5.18 -5.14
N HIS D 50 17.07 4.36 -4.21
CA HIS D 50 17.37 4.61 -2.79
C HIS D 50 18.84 4.32 -2.43
N ASN D 51 19.26 5.07 -1.41
CA ASN D 51 20.60 5.08 -0.95
C ASN D 51 20.77 4.53 0.46
N ARG D 52 22.01 4.32 0.83
CA ARG D 52 22.32 3.70 2.09
C ARG D 52 21.92 4.56 3.24
N PHE D 53 21.86 5.90 3.02
CA PHE D 53 21.55 6.85 4.09
C PHE D 53 20.18 6.54 4.78
N GLU D 54 19.14 6.50 3.97
CA GLU D 54 17.79 6.30 4.46
C GLU D 54 17.62 4.86 5.00
N HIS D 55 18.30 3.91 4.43
CA HIS D 55 18.32 2.56 5.03
C HIS D 55 18.90 2.60 6.42
N SER D 56 19.96 3.36 6.58
CA SER D 56 20.64 3.42 7.88
C SER D 56 19.71 4.05 8.91
N LEU D 57 18.94 5.10 8.54
CA LEU D 57 17.95 5.67 9.49
C LEU D 57 16.94 4.60 9.94
N GLY D 58 16.46 3.82 8.99
CA GLY D 58 15.55 2.73 9.24
C GLY D 58 16.09 1.65 10.15
N VAL D 59 17.35 1.29 9.97
CA VAL D 59 17.96 0.30 10.85
C VAL D 59 18.05 0.87 12.27
N GLY D 60 18.56 2.10 12.40
CA GLY D 60 18.57 2.78 13.70
C GLY D 60 17.21 2.82 14.41
N TYR D 61 16.17 3.18 13.66
CA TYR D 61 14.80 3.22 14.18
C TYR D 61 14.31 1.86 14.69
N LEU D 62 14.42 0.84 13.87
CA LEU D 62 14.03 -0.53 14.21
C LEU D 62 14.83 -1.10 15.39
N ALA D 63 16.11 -0.81 15.41
CA ALA D 63 16.95 -1.20 16.54
C ALA D 63 16.40 -0.62 17.85
N GLY D 64 16.02 0.66 17.81
CA GLY D 64 15.37 1.29 18.93
C GLY D 64 14.01 0.73 19.30
N CYS D 65 13.17 0.43 18.31
CA CYS D 65 11.86 -0.18 18.55
C CYS D 65 11.98 -1.51 19.27
N LEU D 66 12.94 -2.31 18.88
CA LEU D 66 13.06 -3.63 19.46
C LEU D 66 13.55 -3.53 20.88
N VAL D 67 14.59 -2.77 21.10
CA VAL D 67 15.16 -2.64 22.46
C VAL D 67 14.13 -1.98 23.37
N HIS D 68 13.43 -0.95 22.87
CA HIS D 68 12.33 -0.34 23.64
C HIS D 68 11.19 -1.34 24.06
N ALA D 69 10.78 -2.17 23.12
CA ALA D 69 9.72 -3.15 23.36
C ALA D 69 10.11 -4.17 24.40
N LEU D 70 11.33 -4.65 24.33
CA LEU D 70 11.85 -5.57 25.31
C LEU D 70 11.82 -4.98 26.69
N GLY D 71 12.25 -3.74 26.80
CA GLY D 71 12.26 -3.00 28.07
C GLY D 71 10.86 -2.76 28.65
N GLU D 72 9.87 -2.49 27.80
CA GLU D 72 8.49 -2.28 28.25
C GLU D 72 7.91 -3.58 28.81
N LYS D 73 8.13 -4.69 28.13
CA LYS D 73 7.61 -5.99 28.53
C LYS D 73 8.35 -6.54 29.75
N GLN D 74 9.66 -6.32 29.81
CA GLN D 74 10.48 -6.96 30.89
C GLN D 74 11.35 -5.89 31.55
N PRO D 75 10.75 -5.07 32.43
CA PRO D 75 11.54 -4.08 33.19
C PRO D 75 12.66 -4.75 34.01
N GLU D 76 12.50 -6.02 34.37
CA GLU D 76 13.53 -6.75 35.09
C GLU D 76 14.86 -6.89 34.34
N LEU D 77 14.85 -6.64 33.04
CA LEU D 77 16.09 -6.68 32.25
C LEU D 77 17.00 -5.48 32.54
N GLN D 78 16.46 -4.44 33.20
CA GLN D 78 17.25 -3.25 33.59
C GLN D 78 17.86 -2.51 32.37
N ILE D 79 17.13 -2.44 31.28
CA ILE D 79 17.64 -1.81 30.08
C ILE D 79 17.66 -0.32 30.36
N SER D 80 18.81 0.31 30.12
CA SER D 80 18.96 1.74 30.34
C SER D 80 18.86 2.57 29.05
N GLU D 81 18.55 3.85 29.21
CA GLU D 81 18.54 4.80 28.08
C GLU D 81 19.90 4.76 27.38
N ARG D 82 20.94 4.61 28.15
CA ARG D 82 22.25 4.46 27.61
C ARG D 82 22.35 3.23 26.67
N ASP D 83 21.77 2.10 27.11
CA ASP D 83 21.73 0.90 26.30
C ASP D 83 20.94 1.17 24.99
N VAL D 84 19.80 1.82 25.11
CA VAL D 84 18.97 2.15 23.97
C VAL D 84 19.74 3.02 22.95
N LEU D 85 20.40 4.07 23.40
CA LEU D 85 21.14 4.95 22.48
C LEU D 85 22.28 4.25 21.81
N CYS D 86 22.97 3.39 22.54
CA CYS D 86 24.10 2.65 21.98
C CYS D 86 23.64 1.68 20.89
N VAL D 87 22.48 1.10 21.09
CA VAL D 87 21.90 0.16 20.12
C VAL D 87 21.46 0.93 18.87
N GLN D 88 20.83 2.06 19.08
CA GLN D 88 20.43 2.90 17.95
C GLN D 88 21.63 3.39 17.18
N ILE D 89 22.66 3.85 17.88
CA ILE D 89 23.89 4.30 17.23
C ILE D 89 24.48 3.19 16.36
N ALA D 90 24.63 2.00 16.93
CA ALA D 90 25.13 0.86 16.16
C ALA D 90 24.25 0.58 14.92
N GLY D 91 22.93 0.58 15.11
CA GLY D 91 21.98 0.43 14.00
C GLY D 91 22.20 1.48 12.91
N LEU D 92 22.30 2.73 13.34
CA LEU D 92 22.55 3.82 12.43
C LEU D 92 23.86 3.69 11.67
N CYS D 93 24.89 3.14 12.31
CA CYS D 93 26.27 3.20 11.81
C CYS D 93 26.84 1.93 11.19
N ARG D 94 26.03 0.87 11.14
CA ARG D 94 26.53 -0.40 10.62
C ARG D 94 26.71 -0.46 9.12
N ASN D 95 26.21 0.55 8.41
CA ASN D 95 26.35 0.65 6.99
C ASN D 95 27.38 1.70 6.58
N LEU D 96 28.08 2.30 7.55
CA LEU D 96 29.02 3.40 7.23
C LEU D 96 30.15 2.99 6.31
N GLY D 97 30.49 1.71 6.33
CA GLY D 97 31.67 1.24 5.63
C GLY D 97 31.49 0.94 4.17
N HIS D 98 30.25 1.04 3.70
CA HIS D 98 29.96 0.77 2.31
C HIS D 98 30.71 1.73 1.38
N GLY D 99 31.06 1.18 0.23
CA GLY D 99 31.76 1.89 -0.80
C GLY D 99 30.82 2.12 -1.95
N PRO D 100 31.34 2.70 -3.02
CA PRO D 100 30.55 2.92 -4.21
C PRO D 100 29.76 1.69 -4.65
N PHE D 101 28.51 1.93 -4.95
CA PHE D 101 27.62 0.88 -5.45
C PHE D 101 27.50 -0.33 -4.45
N SER D 102 27.77 -0.06 -3.17
CA SER D 102 27.53 -1.02 -2.12
C SER D 102 28.31 -2.33 -2.33
N HIS D 103 27.58 -3.43 -2.51
CA HIS D 103 28.23 -4.75 -2.47
C HIS D 103 29.21 -4.97 -3.57
N MET D 104 28.99 -4.25 -4.66
CA MET D 104 29.94 -4.22 -5.78
C MET D 104 31.37 -3.95 -5.34
N PHE D 105 31.50 -3.00 -4.41
CA PHE D 105 32.79 -2.47 -4.07
C PHE D 105 33.64 -3.50 -3.28
N ASP D 106 33.06 -4.02 -2.23
CA ASP D 106 33.73 -5.07 -1.46
C ASP D 106 33.65 -6.45 -2.08
N GLY D 107 32.59 -6.71 -2.83
CA GLY D 107 32.36 -8.03 -3.40
C GLY D 107 33.09 -8.24 -4.72
N ARG D 108 33.26 -7.18 -5.50
CA ARG D 108 33.86 -7.35 -6.82
C ARG D 108 35.14 -6.58 -7.00
N PHE D 109 35.12 -5.28 -6.68
CA PHE D 109 36.23 -4.42 -7.04
C PHE D 109 37.48 -4.61 -6.17
N ILE D 110 37.35 -4.44 -4.87
CA ILE D 110 38.53 -4.52 -4.02
C ILE D 110 39.24 -5.89 -4.13
N PRO D 111 38.45 -7.01 -4.09
CA PRO D 111 39.10 -8.31 -4.29
C PRO D 111 39.93 -8.39 -5.59
N LEU D 112 39.51 -7.73 -6.66
CA LEU D 112 40.31 -7.68 -7.91
C LEU D 112 41.45 -6.63 -7.92
N ALA D 113 41.18 -5.43 -7.40
CA ALA D 113 42.18 -4.36 -7.32
C ALA D 113 43.30 -4.66 -6.34
N ARG D 114 42.96 -5.25 -5.19
CA ARG D 114 43.90 -5.51 -4.11
C ARG D 114 43.68 -6.91 -3.48
N PRO D 115 44.03 -7.95 -4.23
CA PRO D 115 43.80 -9.32 -3.78
C PRO D 115 44.57 -9.68 -2.49
N GLU D 116 45.68 -9.02 -2.22
CA GLU D 116 46.44 -9.26 -0.98
C GLU D 116 45.67 -8.84 0.28
N VAL D 117 44.95 -7.73 0.16
CA VAL D 117 44.19 -7.19 1.29
C VAL D 117 42.96 -8.01 1.59
N LYS D 118 42.55 -8.02 2.84
CA LYS D 118 41.22 -8.50 3.16
C LYS D 118 40.43 -7.30 3.67
N TRP D 119 39.29 -7.04 3.03
CA TRP D 119 38.48 -5.88 3.35
C TRP D 119 37.02 -6.30 3.35
N THR D 120 36.25 -5.79 4.31
CA THR D 120 34.79 -5.95 4.31
C THR D 120 34.17 -4.61 4.68
N HIS D 121 32.94 -4.42 4.25
CA HIS D 121 32.17 -3.21 4.62
C HIS D 121 32.00 -3.12 6.14
N GLU D 122 31.88 -4.28 6.81
CA GLU D 122 31.80 -4.29 8.28
C GLU D 122 33.03 -3.68 8.97
N GLN D 123 34.22 -4.07 8.51
CA GLN D 123 35.45 -3.49 9.04
C GLN D 123 35.49 -2.01 8.72
N GLY D 124 35.08 -1.68 7.51
CA GLY D 124 34.97 -0.27 7.13
C GLY D 124 34.04 0.54 8.00
N SER D 125 32.92 -0.06 8.38
CA SER D 125 31.95 0.62 9.20
C SER D 125 32.55 1.02 10.58
N VAL D 126 33.35 0.10 11.13
CA VAL D 126 34.04 0.32 12.39
C VAL D 126 35.06 1.49 12.26
N MET D 127 35.84 1.46 11.21
CA MET D 127 36.85 2.47 10.99
C MET D 127 36.19 3.81 10.74
N MET D 128 35.12 3.83 9.94
CA MET D 128 34.43 5.09 9.64
C MET D 128 33.80 5.68 10.88
N PHE D 129 33.23 4.80 11.67
CA PHE D 129 32.59 5.25 12.89
C PHE D 129 33.60 5.95 13.80
N GLU D 130 34.73 5.31 13.98
CA GLU D 130 35.79 5.86 14.76
C GLU D 130 36.21 7.20 14.18
N HIS D 131 36.37 7.25 12.86
CA HIS D 131 36.68 8.52 12.16
C HIS D 131 35.61 9.62 12.39
N LEU D 132 34.35 9.23 12.26
CA LEU D 132 33.22 10.12 12.57
C LEU D 132 33.30 10.72 13.99
N ILE D 133 33.45 9.86 14.98
CA ILE D 133 33.48 10.28 16.39
C ILE D 133 34.64 11.22 16.68
N ASN D 134 35.81 10.85 16.20
CA ASN D 134 37.04 11.61 16.51
C ASN D 134 37.09 12.93 15.77
N SER D 135 36.68 12.91 14.51
CA SER D 135 36.66 14.09 13.66
C SER D 135 35.64 15.13 14.03
N ASN D 136 34.61 14.79 14.79
CA ASN D 136 33.53 15.74 15.00
C ASN D 136 33.29 16.02 16.49
N GLY D 137 34.24 15.67 17.34
CA GLY D 137 34.11 15.89 18.78
C GLY D 137 32.92 15.26 19.42
N ILE D 138 32.56 14.06 18.99
CA ILE D 138 31.39 13.37 19.51
C ILE D 138 31.58 12.80 20.93
N LYS D 139 32.79 12.34 21.29
CA LYS D 139 32.99 11.71 22.61
C LYS D 139 32.50 12.56 23.79
N PRO D 140 32.88 13.84 23.84
CA PRO D 140 32.34 14.77 24.82
C PRO D 140 30.82 14.86 24.83
N VAL D 141 30.22 14.82 23.65
CA VAL D 141 28.76 14.92 23.56
C VAL D 141 28.11 13.66 24.13
N MET D 142 28.75 12.52 23.89
CA MET D 142 28.28 11.24 24.46
C MET D 142 28.26 11.30 25.99
N GLU D 143 29.33 11.85 26.58
CA GLU D 143 29.37 11.93 28.06
C GLU D 143 28.35 12.94 28.58
N GLN D 144 28.10 14.03 27.83
CA GLN D 144 26.96 14.93 28.13
C GLN D 144 25.62 14.17 28.30
N TYR D 145 25.38 13.15 27.50
CA TYR D 145 24.11 12.41 27.56
C TYR D 145 24.23 11.13 28.37
N GLY D 146 25.30 11.01 29.13
CA GLY D 146 25.47 9.94 30.08
C GLY D 146 26.10 8.67 29.52
N LEU D 147 26.64 8.71 28.32
CA LEU D 147 27.31 7.53 27.79
C LEU D 147 28.73 7.55 28.30
N ILE D 148 29.32 6.37 28.37
CA ILE D 148 30.69 6.18 28.86
C ILE D 148 31.49 5.66 27.68
N PRO D 149 32.14 6.57 26.91
CA PRO D 149 32.78 6.20 25.68
C PRO D 149 33.69 4.97 25.69
N GLU D 150 34.43 4.76 26.76
CA GLU D 150 35.37 3.65 26.83
C GLU D 150 34.61 2.31 26.64
N GLU D 151 33.61 2.07 27.48
CA GLU D 151 32.73 0.91 27.37
C GLU D 151 31.85 0.97 26.13
N ASP D 152 31.30 2.15 25.85
CA ASP D 152 30.19 2.27 24.91
C ASP D 152 30.63 2.27 23.49
N ILE D 153 31.79 2.84 23.22
CA ILE D 153 32.32 2.78 21.86
C ILE D 153 32.74 1.36 21.55
N CYS D 154 33.32 0.69 22.53
CA CYS D 154 33.59 -0.70 22.37
C CYS D 154 32.28 -1.50 22.04
N PHE D 155 31.25 -1.24 22.84
CA PHE D 155 29.96 -1.93 22.70
C PHE D 155 29.41 -1.73 21.28
N ILE D 156 29.44 -0.49 20.82
CA ILE D 156 28.97 -0.16 19.48
C ILE D 156 29.75 -0.90 18.38
N LYS D 157 31.07 -0.92 18.50
CA LYS D 157 31.89 -1.59 17.51
C LYS D 157 31.59 -3.10 17.48
N GLU D 158 31.45 -3.69 18.67
CA GLU D 158 31.19 -5.10 18.79
C GLU D 158 29.86 -5.46 18.17
N GLN D 159 28.85 -4.57 18.33
CA GLN D 159 27.56 -4.75 17.70
C GLN D 159 27.68 -4.81 16.20
N ILE D 160 28.60 -4.08 15.60
CA ILE D 160 28.76 -4.09 14.15
C ILE D 160 29.62 -5.24 13.60
N VAL D 161 30.70 -5.53 14.29
CA VAL D 161 31.71 -6.45 13.72
C VAL D 161 31.93 -7.72 14.57
N GLY D 162 31.35 -7.78 15.75
CA GLY D 162 31.47 -8.94 16.61
C GLY D 162 32.55 -8.73 17.64
N PRO D 163 32.84 -9.78 18.42
CA PRO D 163 33.97 -9.71 19.35
C PRO D 163 35.25 -9.19 18.68
N LEU D 164 35.93 -8.20 19.28
CA LEU D 164 37.08 -7.53 18.66
C LEU D 164 38.38 -8.36 18.70
N GLU D 165 38.36 -9.49 19.41
CA GLU D 165 39.34 -10.60 19.20
C GLU D 165 39.14 -11.19 17.79
N ASP D 170 38.49 -20.13 23.06
CA ASP D 170 38.76 -18.99 23.93
C ASP D 170 37.79 -18.99 25.13
N SER D 171 36.55 -18.50 24.95
CA SER D 171 35.77 -18.04 26.10
C SER D 171 34.26 -18.27 25.99
N LEU D 172 33.57 -18.37 27.12
CA LEU D 172 32.11 -18.34 27.17
C LEU D 172 31.55 -17.02 26.67
N TRP D 173 32.15 -15.93 27.15
CA TRP D 173 31.65 -14.59 26.86
C TRP D 173 32.82 -13.80 26.32
N PRO D 174 32.78 -13.47 25.03
CA PRO D 174 33.88 -12.82 24.33
C PRO D 174 33.71 -11.31 24.20
N TYR D 175 32.61 -10.77 24.69
CA TYR D 175 32.35 -9.33 24.56
C TYR D 175 32.78 -8.58 25.79
N LYS D 176 33.24 -7.37 25.55
CA LYS D 176 33.73 -6.49 26.57
C LYS D 176 32.79 -5.30 26.80
N GLY D 177 31.95 -4.94 25.83
CA GLY D 177 31.18 -3.69 25.94
C GLY D 177 29.98 -3.84 26.89
N ARG D 178 29.44 -5.04 27.00
CA ARG D 178 28.35 -5.33 27.93
C ARG D 178 28.53 -6.75 28.46
N PRO D 179 27.90 -7.05 29.63
CA PRO D 179 28.00 -8.39 30.21
C PRO D 179 26.95 -9.35 29.69
N GLU D 180 27.04 -10.60 30.14
CA GLU D 180 26.19 -11.66 29.66
C GLU D 180 24.74 -11.41 29.95
N ASN D 181 24.44 -10.69 31.01
CA ASN D 181 23.05 -10.38 31.31
C ASN D 181 22.44 -9.40 30.31
N LYS D 182 23.27 -8.72 29.53
CA LYS D 182 22.74 -7.88 28.47
C LYS D 182 23.04 -8.48 27.10
N SER D 183 23.27 -9.79 27.03
CA SER D 183 23.65 -10.46 25.76
C SER D 183 22.64 -10.23 24.64
N PHE D 184 21.36 -10.27 24.97
CA PHE D 184 20.29 -10.01 24.03
C PHE D 184 20.47 -8.70 23.23
N LEU D 185 21.12 -7.70 23.80
CA LEU D 185 21.41 -6.46 23.06
C LEU D 185 22.22 -6.69 21.80
N TYR D 186 23.14 -7.64 21.83
CA TYR D 186 24.00 -7.95 20.68
C TYR D 186 23.28 -8.68 19.54
N GLU D 187 22.01 -9.02 19.74
CA GLU D 187 21.22 -9.75 18.76
C GLU D 187 20.37 -8.82 17.89
N ILE D 188 20.42 -7.51 18.16
CA ILE D 188 19.48 -6.56 17.56
C ILE D 188 19.96 -5.98 16.22
N VAL D 189 21.20 -5.48 16.19
CA VAL D 189 21.71 -4.79 15.01
C VAL D 189 22.34 -5.72 14.02
N SER D 190 23.23 -6.60 14.51
CA SER D 190 23.92 -7.51 13.63
C SER D 190 24.10 -8.83 14.35
N ASN D 191 23.15 -9.73 14.06
CA ASN D 191 23.03 -10.98 14.74
C ASN D 191 23.97 -12.04 14.18
N LYS D 192 25.07 -12.31 14.86
CA LYS D 192 26.07 -13.23 14.34
C LYS D 192 25.69 -14.71 14.54
N ARG D 193 24.70 -14.93 15.40
CA ARG D 193 24.28 -16.26 15.78
C ARG D 193 23.41 -16.86 14.66
N ASN D 194 22.45 -16.09 14.16
CA ASN D 194 21.53 -16.60 13.16
C ASN D 194 21.10 -15.59 12.06
N GLY D 195 21.60 -14.35 12.11
CA GLY D 195 21.31 -13.34 11.10
C GLY D 195 19.91 -12.71 11.16
N ILE D 196 19.09 -13.07 12.15
CA ILE D 196 17.82 -12.37 12.30
C ILE D 196 18.07 -11.03 13.02
N ASP D 197 18.12 -9.93 12.25
CA ASP D 197 18.41 -8.65 12.82
C ASP D 197 17.68 -7.53 12.07
N VAL D 198 17.76 -6.31 12.61
CA VAL D 198 16.91 -5.26 12.15
C VAL D 198 17.41 -4.67 10.82
N ASP D 199 18.64 -4.98 10.46
CA ASP D 199 19.16 -4.61 9.15
C ASP D 199 18.38 -5.28 8.03
N LYS D 200 18.16 -6.60 8.16
CA LYS D 200 17.37 -7.33 7.18
C LYS D 200 15.99 -6.79 7.13
N TRP D 201 15.45 -6.51 8.29
CA TRP D 201 14.05 -6.10 8.32
C TRP D 201 13.90 -4.79 7.60
N ASP D 202 14.85 -3.89 7.74
CA ASP D 202 14.66 -2.66 6.99
C ASP D 202 14.83 -2.87 5.49
N TYR D 203 15.83 -3.60 5.04
CA TYR D 203 16.01 -3.67 3.59
C TYR D 203 14.93 -4.52 2.88
N PHE D 204 14.40 -5.55 3.53
CA PHE D 204 13.20 -6.18 2.96
C PHE D 204 12.08 -5.22 2.64
N ALA D 205 11.74 -4.38 3.60
CA ALA D 205 10.61 -3.50 3.40
C ALA D 205 10.99 -2.37 2.45
N ARG D 206 12.17 -1.82 2.64
CA ARG D 206 12.57 -0.68 1.80
C ARG D 206 12.80 -1.09 0.33
N ASP D 207 13.56 -2.14 0.13
CA ASP D 207 13.85 -2.60 -1.23
C ASP D 207 12.60 -2.98 -1.98
N CYS D 208 11.67 -3.62 -1.29
CA CYS D 208 10.38 -4.00 -1.88
C CYS D 208 9.54 -2.81 -2.29
N HIS D 209 9.43 -1.83 -1.41
CA HIS D 209 8.76 -0.58 -1.66
C HIS D 209 9.34 0.10 -2.91
N HIS D 210 10.67 0.06 -3.07
CA HIS D 210 11.32 0.68 -4.26
C HIS D 210 11.33 -0.18 -5.52
N LEU D 211 11.55 -1.48 -5.34
CA LEU D 211 11.64 -2.41 -6.46
C LEU D 211 10.31 -2.57 -7.12
N GLY D 212 9.25 -2.53 -6.33
CA GLY D 212 7.89 -2.90 -6.80
C GLY D 212 7.71 -4.40 -6.75
N ILE D 213 8.26 -5.04 -5.74
CA ILE D 213 7.96 -6.42 -5.47
C ILE D 213 7.52 -6.49 -4.04
N GLN D 214 6.59 -7.39 -3.75
CA GLN D 214 5.98 -7.39 -2.43
C GLN D 214 6.76 -8.19 -1.38
N ASN D 215 6.73 -7.65 -0.16
CA ASN D 215 7.47 -8.20 0.99
C ASN D 215 6.55 -9.05 1.85
N ASN D 216 6.99 -10.29 2.12
CA ASN D 216 6.21 -11.25 2.87
C ASN D 216 6.54 -11.26 4.41
N PHE D 217 7.60 -10.59 4.84
CA PHE D 217 7.99 -10.59 6.27
C PHE D 217 7.53 -9.41 7.18
N ASP D 218 6.88 -9.77 8.28
CA ASP D 218 6.26 -8.84 9.18
C ASP D 218 7.13 -8.64 10.46
N TYR D 219 8.02 -7.66 10.42
CA TYR D 219 8.92 -7.40 11.49
C TYR D 219 8.19 -6.87 12.73
N LYS D 220 7.16 -6.06 12.54
CA LYS D 220 6.38 -5.62 13.69
C LYS D 220 5.76 -6.75 14.48
N ARG D 221 5.27 -7.76 13.78
CA ARG D 221 4.78 -8.96 14.47
C ARG D 221 5.86 -9.57 15.31
N PHE D 222 7.05 -9.72 14.68
CA PHE D 222 8.16 -10.38 15.32
C PHE D 222 8.51 -9.68 16.64
N ILE D 223 8.59 -8.37 16.58
CA ILE D 223 8.88 -7.57 17.78
C ILE D 223 7.81 -7.78 18.88
N LYS D 224 6.54 -7.77 18.53
CA LYS D 224 5.53 -8.09 19.53
C LYS D 224 5.66 -9.47 20.18
N PHE D 225 6.17 -10.48 19.48
CA PHE D 225 6.28 -11.82 20.02
C PHE D 225 7.63 -12.09 20.64
N ALA D 226 8.51 -11.10 20.69
CA ALA D 226 9.86 -11.39 21.14
C ALA D 226 9.98 -11.22 22.64
N ARG D 227 10.74 -12.11 23.30
CA ARG D 227 10.98 -12.06 24.75
C ARG D 227 12.46 -12.39 25.02
N VAL D 228 12.93 -12.05 26.19
CA VAL D 228 14.26 -12.42 26.62
C VAL D 228 14.17 -13.53 27.65
N CYS D 229 14.97 -14.58 27.43
CA CYS D 229 15.02 -15.75 28.31
C CYS D 229 16.45 -16.20 28.53
N GLU D 230 16.66 -16.94 29.62
CA GLU D 230 17.98 -17.43 29.95
C GLU D 230 18.33 -18.62 29.08
N VAL D 231 19.48 -18.52 28.41
CA VAL D 231 20.00 -19.61 27.59
C VAL D 231 21.49 -19.76 27.95
N ASP D 232 21.89 -20.94 28.43
CA ASP D 232 23.26 -21.22 28.88
C ASP D 232 23.87 -20.05 29.64
N ASN D 233 23.20 -19.57 30.69
CA ASN D 233 23.67 -18.40 31.48
C ASN D 233 23.81 -17.08 30.73
N GLU D 234 23.19 -16.95 29.55
CA GLU D 234 23.03 -15.67 28.91
C GLU D 234 21.55 -15.36 28.92
N LEU D 235 21.22 -14.09 29.00
CA LEU D 235 19.91 -13.62 28.55
C LEU D 235 19.89 -13.36 27.02
N ARG D 236 19.14 -14.17 26.27
CA ARG D 236 18.94 -13.98 24.85
C ARG D 236 17.52 -13.68 24.44
N ILE D 237 17.37 -13.11 23.25
CA ILE D 237 16.07 -12.95 22.60
C ILE D 237 15.55 -14.29 22.17
N CYS D 238 14.30 -14.59 22.60
CA CYS D 238 13.54 -15.75 22.15
C CYS D 238 12.31 -15.34 21.38
N ALA D 239 12.04 -16.06 20.31
CA ALA D 239 10.84 -15.89 19.52
C ALA D 239 9.77 -16.86 20.05
N ARG D 240 8.51 -16.50 19.89
CA ARG D 240 7.42 -17.38 20.24
C ARG D 240 7.46 -18.63 19.34
N ASP D 241 7.27 -19.83 19.90
CA ASP D 241 7.42 -21.05 19.12
C ASP D 241 6.62 -21.06 17.85
N LYS D 242 5.36 -20.66 17.95
CA LYS D 242 4.39 -20.55 16.87
C LYS D 242 5.01 -19.79 15.65
N GLU D 243 5.81 -18.77 15.90
CA GLU D 243 6.46 -17.98 14.82
C GLU D 243 7.57 -18.63 13.99
N VAL D 244 7.89 -19.88 14.30
CA VAL D 244 8.99 -20.59 13.58
C VAL D 244 8.74 -20.64 12.07
N GLY D 245 7.50 -20.90 11.68
CA GLY D 245 7.06 -20.82 10.28
C GLY D 245 7.47 -19.50 9.62
N ASN D 246 7.19 -18.40 10.29
CA ASN D 246 7.45 -17.09 9.80
C ASN D 246 8.96 -16.80 9.63
N LEU D 247 9.77 -17.38 10.49
CA LEU D 247 11.21 -17.25 10.43
C LEU D 247 11.77 -18.01 9.23
N TYR D 248 11.28 -19.23 8.98
CA TYR D 248 11.66 -19.91 7.76
C TYR D 248 11.27 -19.03 6.55
N ASP D 249 10.09 -18.44 6.63
CA ASP D 249 9.61 -17.55 5.59
C ASP D 249 10.46 -16.30 5.41
N MET D 250 11.00 -15.78 6.50
CA MET D 250 11.89 -14.64 6.42
C MET D 250 13.12 -14.93 5.50
N PHE D 251 13.72 -16.08 5.70
CA PHE D 251 14.85 -16.52 4.89
C PHE D 251 14.43 -16.88 3.48
N HIS D 252 13.21 -17.35 3.32
CA HIS D 252 12.70 -17.58 1.97
C HIS D 252 12.55 -16.25 1.19
N THR D 253 12.04 -15.24 1.89
CA THR D 253 11.87 -13.93 1.33
C THR D 253 13.21 -13.36 0.89
N ARG D 254 14.21 -13.56 1.75
CA ARG D 254 15.56 -13.10 1.48
C ARG D 254 16.04 -13.74 0.20
N ASN D 255 15.82 -15.03 0.08
CA ASN D 255 16.27 -15.76 -1.10
C ASN D 255 15.57 -15.32 -2.39
N SER D 256 14.26 -15.09 -2.31
CA SER D 256 13.48 -14.52 -3.42
C SER D 256 14.06 -13.19 -3.86
N LEU D 257 14.45 -12.33 -2.92
CA LEU D 257 14.91 -11.01 -3.28
C LEU D 257 16.28 -11.06 -3.95
N HIS D 258 17.12 -11.99 -3.49
CA HIS D 258 18.36 -12.26 -4.13
C HIS D 258 18.19 -12.75 -5.55
N ARG D 259 17.31 -13.71 -5.73
CA ARG D 259 17.03 -14.26 -7.06
C ARG D 259 16.45 -13.24 -8.02
N ARG D 260 15.47 -12.49 -7.57
CA ARG D 260 14.74 -11.64 -8.47
C ARG D 260 15.51 -10.35 -8.73
N ALA D 261 16.25 -9.84 -7.72
CA ALA D 261 16.79 -8.49 -7.77
C ALA D 261 18.31 -8.43 -7.50
N TYR D 262 18.80 -8.86 -6.34
CA TYR D 262 20.18 -8.52 -5.99
C TYR D 262 21.15 -9.27 -6.89
N GLN D 263 20.73 -10.39 -7.47
CA GLN D 263 21.54 -11.19 -8.33
C GLN D 263 20.89 -11.27 -9.69
N HIS D 264 20.15 -10.25 -10.07
CA HIS D 264 19.58 -10.25 -11.40
C HIS D 264 20.76 -10.35 -12.41
N LYS D 265 20.59 -11.12 -13.48
CA LYS D 265 21.73 -11.42 -14.37
C LYS D 265 22.27 -10.15 -15.01
N VAL D 266 21.37 -9.22 -15.33
CA VAL D 266 21.76 -7.97 -15.96
C VAL D 266 22.32 -6.96 -14.95
N GLY D 267 21.73 -6.88 -13.78
CA GLY D 267 22.25 -6.02 -12.75
C GLY D 267 23.64 -6.47 -12.39
N ASN D 268 23.87 -7.80 -12.36
CA ASN D 268 25.20 -8.32 -12.04
C ASN D 268 26.26 -7.94 -13.13
N ILE D 269 25.85 -8.03 -14.38
CA ILE D 269 26.74 -7.73 -15.45
C ILE D 269 27.08 -6.21 -15.49
N ILE D 270 26.11 -5.38 -15.13
CA ILE D 270 26.34 -3.96 -15.04
C ILE D 270 27.30 -3.68 -13.91
N ASP D 271 27.12 -4.31 -12.77
CA ASP D 271 28.11 -4.19 -11.68
C ASP D 271 29.52 -4.61 -12.15
N THR D 272 29.59 -5.64 -12.98
CA THR D 272 30.85 -6.13 -13.46
C THR D 272 31.51 -5.13 -14.42
N MET D 273 30.69 -4.51 -15.24
CA MET D 273 31.17 -3.50 -16.15
C MET D 273 31.64 -2.27 -15.42
N ILE D 274 30.93 -1.85 -14.39
CA ILE D 274 31.35 -0.70 -13.60
C ILE D 274 32.66 -1.03 -12.88
N THR D 275 32.76 -2.25 -12.35
CA THR D 275 33.97 -2.66 -11.70
C THR D 275 35.21 -2.58 -12.65
N ASP D 276 35.02 -3.02 -13.91
CA ASP D 276 36.06 -2.98 -14.89
C ASP D 276 36.47 -1.58 -15.18
N ALA D 277 35.47 -0.69 -15.25
CA ALA D 277 35.73 0.73 -15.49
C ALA D 277 36.58 1.29 -14.35
N PHE D 278 36.26 0.90 -13.13
CA PHE D 278 37.02 1.35 -11.98
C PHE D 278 38.45 0.83 -12.03
N LEU D 279 38.65 -0.39 -12.47
CA LEU D 279 39.98 -0.96 -12.54
C LEU D 279 40.83 -0.20 -13.56
N LYS D 280 40.23 0.13 -14.68
CA LYS D 280 40.84 0.97 -15.71
C LYS D 280 41.12 2.38 -15.22
N ALA D 281 40.28 2.95 -14.39
CA ALA D 281 40.50 4.32 -13.91
C ALA D 281 41.32 4.40 -12.63
N ASP D 282 41.62 3.25 -12.00
CA ASP D 282 42.25 3.22 -10.66
C ASP D 282 43.58 3.98 -10.54
N ASP D 283 44.42 3.91 -11.58
CA ASP D 283 45.68 4.64 -11.63
C ASP D 283 45.55 6.16 -11.70
N TYR D 284 44.40 6.67 -12.17
CA TYR D 284 44.32 8.07 -12.58
C TYR D 284 43.45 8.94 -11.70
N ILE D 285 42.42 8.36 -11.09
CA ILE D 285 41.57 9.10 -10.22
C ILE D 285 42.30 9.29 -8.91
N GLU D 286 42.26 10.51 -8.41
CA GLU D 286 43.01 10.87 -7.23
C GLU D 286 42.08 11.37 -6.16
N ILE D 287 42.29 10.84 -4.95
CA ILE D 287 41.42 11.15 -3.83
C ILE D 287 42.29 11.64 -2.66
N THR D 288 42.01 12.85 -2.19
CA THR D 288 42.83 13.49 -1.18
C THR D 288 42.39 13.09 0.19
N GLY D 289 43.32 12.56 0.96
CA GLY D 289 43.09 12.15 2.32
C GLY D 289 43.82 13.00 3.34
N ALA D 290 44.17 12.38 4.47
CA ALA D 290 44.79 13.06 5.59
C ALA D 290 46.15 13.61 5.21
N GLY D 291 46.40 14.85 5.63
CA GLY D 291 47.63 15.53 5.32
C GLY D 291 47.73 15.97 3.87
N GLY D 292 46.63 15.97 3.11
CA GLY D 292 46.71 16.27 1.69
C GLY D 292 47.26 15.14 0.82
N LYS D 293 47.70 14.03 1.41
CA LYS D 293 48.16 12.86 0.67
C LYS D 293 47.09 12.30 -0.28
N LYS D 294 47.53 11.74 -1.38
CA LYS D 294 46.65 11.31 -2.45
C LYS D 294 46.52 9.81 -2.52
N TYR D 295 45.28 9.36 -2.71
CA TYR D 295 44.92 7.93 -2.71
C TYR D 295 44.21 7.58 -4.00
N ARG D 296 44.20 6.29 -4.29
CA ARG D 296 43.43 5.76 -5.40
C ARG D 296 42.11 5.21 -4.93
N ILE D 297 41.26 4.87 -5.89
CA ILE D 297 40.02 4.23 -5.59
C ILE D 297 40.27 3.02 -4.72
N SER D 298 41.26 2.21 -5.10
CA SER D 298 41.61 0.99 -4.38
C SER D 298 42.31 1.19 -3.08
N THR D 299 42.84 2.37 -2.81
CA THR D 299 43.60 2.62 -1.57
C THR D 299 42.97 3.64 -0.64
N ALA D 300 41.88 4.25 -1.06
CA ALA D 300 41.14 5.20 -0.19
C ALA D 300 40.61 4.52 1.06
N ILE D 301 40.35 3.23 0.95
CA ILE D 301 40.01 2.42 2.11
C ILE D 301 41.06 2.42 3.23
N ASP D 302 42.29 2.83 2.94
CA ASP D 302 43.34 2.83 3.97
C ASP D 302 43.34 4.14 4.79
N ASP D 303 42.65 5.17 4.32
CA ASP D 303 42.56 6.43 5.01
C ASP D 303 41.10 6.89 5.00
N MET D 304 40.48 6.98 6.17
CA MET D 304 39.04 7.27 6.25
C MET D 304 38.69 8.67 5.78
N GLU D 305 39.58 9.62 5.94
CA GLU D 305 39.36 10.96 5.37
C GLU D 305 39.19 10.92 3.84
N ALA D 306 39.97 10.07 3.19
CA ALA D 306 39.86 9.85 1.75
C ALA D 306 38.60 9.06 1.44
N TYR D 307 38.39 8.00 2.20
CA TYR D 307 37.20 7.12 2.03
C TYR D 307 35.87 7.87 2.18
N THR D 308 35.83 8.84 3.07
CA THR D 308 34.69 9.72 3.22
C THR D 308 34.25 10.33 1.90
N LYS D 309 35.20 10.63 1.02
CA LYS D 309 34.88 11.24 -0.29
C LYS D 309 34.84 10.23 -1.44
N LEU D 310 34.74 8.94 -1.11
CA LEU D 310 34.61 7.91 -2.13
C LEU D 310 33.17 7.37 -2.19
N THR D 311 32.45 7.78 -3.22
CA THR D 311 31.07 7.43 -3.41
C THR D 311 30.75 7.08 -4.87
N ASP D 312 29.49 6.87 -5.19
CA ASP D 312 29.02 6.64 -6.56
C ASP D 312 29.45 7.77 -7.51
N ASN D 313 29.75 8.95 -7.00
CA ASN D 313 30.34 10.05 -7.77
C ASN D 313 31.50 9.63 -8.71
N ILE D 314 32.33 8.67 -8.30
CA ILE D 314 33.41 8.27 -9.17
C ILE D 314 32.90 7.78 -10.54
N PHE D 315 31.78 7.11 -10.53
CA PHE D 315 31.10 6.75 -11.76
C PHE D 315 30.92 7.94 -12.72
N LEU D 316 30.41 9.03 -12.21
CA LEU D 316 30.14 10.17 -13.05
C LEU D 316 31.43 10.96 -13.38
N GLU D 317 32.37 10.95 -12.45
CA GLU D 317 33.62 11.55 -12.69
C GLU D 317 34.28 10.88 -13.88
N ILE D 318 34.29 9.56 -13.91
CA ILE D 318 34.84 8.81 -15.05
C ILE D 318 34.01 9.11 -16.32
N LEU D 319 32.69 8.98 -16.19
CA LEU D 319 31.83 9.18 -17.35
C LEU D 319 32.01 10.54 -17.99
N TYR D 320 32.18 11.60 -17.20
CA TYR D 320 32.22 12.94 -17.74
C TYR D 320 33.66 13.42 -17.98
N SER D 321 34.65 12.60 -17.68
CA SER D 321 36.03 12.95 -17.91
C SER D 321 36.31 13.22 -19.41
N THR D 322 37.32 14.03 -19.68
CA THR D 322 37.83 14.27 -21.05
C THR D 322 39.27 13.80 -21.19
N ASP D 323 39.98 13.64 -20.08
CA ASP D 323 41.32 13.14 -20.14
C ASP D 323 41.45 11.79 -20.84
N PRO D 324 42.35 11.72 -21.81
CA PRO D 324 42.57 10.50 -22.56
C PRO D 324 43.14 9.37 -21.73
N LYS D 325 43.75 9.64 -20.56
CA LYS D 325 44.10 8.56 -19.64
C LYS D 325 42.89 7.71 -19.30
N LEU D 326 41.73 8.38 -19.16
CA LEU D 326 40.49 7.72 -18.72
C LEU D 326 39.66 7.23 -19.90
N LYS D 327 40.14 7.38 -21.13
CA LYS D 327 39.33 6.98 -22.28
C LYS D 327 38.77 5.54 -22.21
N ASP D 328 39.60 4.59 -21.83
CA ASP D 328 39.22 3.20 -21.75
C ASP D 328 38.07 2.92 -20.73
N ALA D 329 38.23 3.52 -19.55
CA ALA D 329 37.33 3.45 -18.43
C ALA D 329 36.02 4.14 -18.83
N ARG D 330 36.14 5.33 -19.39
CA ARG D 330 35.00 6.07 -19.86
C ARG D 330 34.22 5.35 -20.95
N GLU D 331 34.91 4.71 -21.87
CA GLU D 331 34.22 3.93 -22.93
C GLU D 331 33.33 2.77 -22.41
N ILE D 332 33.78 2.12 -21.36
CA ILE D 332 32.97 1.06 -20.77
C ILE D 332 31.65 1.62 -20.21
N LEU D 333 31.73 2.73 -19.46
CA LEU D 333 30.53 3.42 -18.94
C LEU D 333 29.64 3.91 -20.05
N LYS D 334 30.22 4.37 -21.14
CA LYS D 334 29.43 4.81 -22.27
C LYS D 334 28.69 3.64 -22.90
N GLN D 335 29.31 2.46 -22.93
CA GLN D 335 28.62 1.29 -23.46
C GLN D 335 27.40 0.92 -22.55
N ILE D 336 27.56 1.12 -21.25
CA ILE D 336 26.44 0.97 -20.32
C ILE D 336 25.29 1.91 -20.71
N GLU D 337 25.60 3.17 -21.04
CA GLU D 337 24.58 4.13 -21.37
C GLU D 337 23.78 3.78 -22.62
N TYR D 338 24.49 3.21 -23.58
CA TYR D 338 23.86 2.77 -24.82
C TYR D 338 23.31 1.38 -24.70
N ARG D 339 23.47 0.79 -23.55
CA ARG D 339 22.97 -0.55 -23.30
C ARG D 339 23.64 -1.56 -24.24
N ASN D 340 24.90 -1.32 -24.57
N ASN D 340 24.89 -1.30 -24.60
CA ASN D 340 25.69 -2.32 -25.26
CA ASN D 340 25.66 -2.30 -25.30
C ASN D 340 26.44 -3.08 -24.17
C ASN D 340 26.43 -3.05 -24.18
N LEU D 341 25.73 -4.00 -23.52
CA LEU D 341 26.30 -4.75 -22.40
C LEU D 341 26.99 -6.05 -22.84
N PHE D 342 27.84 -6.60 -21.98
CA PHE D 342 28.28 -7.99 -22.20
C PHE D 342 27.06 -8.87 -22.25
N LYS D 343 27.07 -9.88 -23.10
CA LYS D 343 25.88 -10.65 -23.36
C LYS D 343 25.81 -11.85 -22.45
N TYR D 344 24.65 -12.06 -21.84
CA TYR D 344 24.36 -13.26 -21.10
C TYR D 344 24.31 -14.47 -22.01
N VAL D 345 25.02 -15.51 -21.64
CA VAL D 345 24.96 -16.78 -22.36
C VAL D 345 23.97 -17.75 -21.68
N GLY D 346 24.13 -17.94 -20.40
CA GLY D 346 23.30 -18.92 -19.72
C GLY D 346 23.64 -19.07 -18.26
N GLU D 347 22.86 -19.88 -17.57
CA GLU D 347 23.07 -20.16 -16.16
C GLU D 347 23.01 -21.69 -15.98
N THR D 348 23.82 -22.24 -15.08
CA THR D 348 23.76 -23.65 -14.72
C THR D 348 24.05 -23.71 -13.23
N GLN D 349 23.99 -24.90 -12.68
CA GLN D 349 24.35 -25.16 -11.31
C GLN D 349 25.17 -26.44 -11.23
N PRO D 350 26.08 -26.49 -10.27
CA PRO D 350 26.60 -27.79 -9.84
C PRO D 350 25.50 -28.69 -9.21
N THR D 351 25.63 -29.99 -9.43
CA THR D 351 24.61 -30.99 -9.08
C THR D 351 25.00 -31.62 -7.76
N GLY D 352 24.05 -31.87 -6.85
CA GLY D 352 24.36 -32.63 -5.62
C GLY D 352 25.32 -31.92 -4.68
N GLN D 353 26.38 -32.60 -4.22
CA GLN D 353 27.32 -32.01 -3.24
C GLN D 353 28.21 -30.85 -3.78
N ILE D 354 28.35 -30.74 -5.10
CA ILE D 354 29.51 -30.08 -5.70
C ILE D 354 29.49 -28.57 -5.47
N LYS D 355 30.65 -27.98 -5.15
CA LYS D 355 30.77 -26.55 -4.90
C LYS D 355 32.07 -25.96 -5.46
N ILE D 356 31.95 -24.75 -5.98
CA ILE D 356 33.03 -23.99 -6.52
C ILE D 356 33.51 -22.91 -5.53
N LYS D 357 34.79 -22.99 -5.19
CA LYS D 357 35.39 -22.06 -4.25
C LYS D 357 35.88 -20.81 -4.89
N ARG D 358 36.08 -19.81 -4.04
CA ARG D 358 36.62 -18.51 -4.44
C ARG D 358 37.95 -18.60 -5.19
N GLU D 359 38.83 -19.48 -4.71
CA GLU D 359 40.13 -19.66 -5.33
C GLU D 359 40.05 -20.14 -6.78
N ASP D 360 39.00 -20.87 -7.14
CA ASP D 360 38.89 -21.42 -8.51
C ASP D 360 38.38 -20.40 -9.58
N TYR D 361 37.85 -19.27 -9.12
CA TYR D 361 37.10 -18.35 -10.00
C TYR D 361 37.88 -17.97 -11.26
N GLU D 362 39.17 -17.72 -11.11
CA GLU D 362 39.97 -17.25 -12.22
C GLU D 362 40.21 -18.28 -13.34
N SER D 363 40.22 -19.56 -12.98
CA SER D 363 40.41 -20.62 -13.98
C SER D 363 39.17 -20.91 -14.86
N LEU D 364 38.02 -20.36 -14.46
CA LEU D 364 36.74 -20.72 -15.10
C LEU D 364 36.58 -20.26 -16.56
N PRO D 365 36.93 -18.99 -16.84
CA PRO D 365 36.85 -18.56 -18.24
C PRO D 365 37.65 -19.48 -19.19
N LYS D 366 38.86 -19.86 -18.77
CA LYS D 366 39.72 -20.76 -19.55
C LYS D 366 39.05 -22.11 -19.79
N GLU D 367 38.44 -22.64 -18.75
CA GLU D 367 37.69 -23.87 -18.90
C GLU D 367 36.59 -23.87 -19.97
N VAL D 368 35.79 -22.80 -19.98
CA VAL D 368 34.70 -22.70 -20.93
C VAL D 368 35.27 -22.62 -22.34
N ALA D 369 36.33 -21.82 -22.52
CA ALA D 369 36.99 -21.66 -23.81
C ALA D 369 37.63 -22.99 -24.30
N SER D 370 38.04 -23.84 -23.36
CA SER D 370 38.59 -25.16 -23.64
C SER D 370 37.56 -26.21 -24.10
N ALA D 371 36.28 -26.07 -23.74
CA ALA D 371 35.28 -27.08 -24.16
C ALA D 371 35.17 -27.17 -25.68
N LYS D 372 34.95 -28.39 -26.17
CA LYS D 372 34.97 -28.64 -27.62
C LYS D 372 33.64 -29.18 -28.14
N PRO D 373 32.72 -28.25 -28.40
CA PRO D 373 31.41 -28.65 -28.94
C PRO D 373 31.60 -29.23 -30.32
N LYS D 374 30.96 -30.37 -30.58
CA LYS D 374 31.09 -31.05 -31.88
C LYS D 374 30.09 -30.39 -32.85
N VAL D 375 30.38 -29.13 -33.20
CA VAL D 375 29.52 -28.36 -34.08
C VAL D 375 30.42 -27.47 -34.93
N LEU D 376 30.03 -27.28 -36.19
CA LEU D 376 30.71 -26.32 -37.03
C LEU D 376 30.45 -24.92 -36.48
N LEU D 377 31.51 -24.14 -36.37
CA LEU D 377 31.40 -22.78 -35.86
C LEU D 377 32.04 -21.78 -36.82
N ASP D 378 31.35 -20.68 -37.06
CA ASP D 378 31.93 -19.58 -37.78
C ASP D 378 33.18 -18.99 -37.06
N VAL D 379 33.12 -18.81 -35.72
CA VAL D 379 34.21 -18.08 -35.01
C VAL D 379 34.70 -18.82 -33.78
N LYS D 380 35.96 -18.62 -33.38
CA LYS D 380 36.51 -19.31 -32.21
C LYS D 380 36.91 -18.34 -31.10
N LEU D 381 36.20 -18.43 -29.97
CA LEU D 381 36.38 -17.55 -28.81
C LEU D 381 37.49 -17.99 -27.86
N LYS D 382 37.93 -17.04 -27.04
CA LYS D 382 39.08 -17.24 -26.18
C LYS D 382 38.68 -16.97 -24.73
N ALA D 383 39.52 -17.42 -23.80
CA ALA D 383 39.24 -17.27 -22.37
C ALA D 383 38.79 -15.86 -21.98
N GLU D 384 39.55 -14.87 -22.43
CA GLU D 384 39.27 -13.44 -22.20
C GLU D 384 37.86 -12.93 -22.62
N ASP D 385 37.22 -13.65 -23.55
CA ASP D 385 35.91 -13.26 -24.05
C ASP D 385 34.76 -13.70 -23.14
N PHE D 386 35.07 -14.55 -22.17
CA PHE D 386 34.09 -15.07 -21.25
C PHE D 386 34.24 -14.42 -19.88
N ILE D 387 33.08 -14.22 -19.28
CA ILE D 387 32.95 -13.88 -17.88
C ILE D 387 32.12 -15.02 -17.25
N VAL D 388 32.58 -15.54 -16.12
CA VAL D 388 31.91 -16.59 -15.40
C VAL D 388 31.63 -16.05 -14.00
N ASP D 389 30.35 -15.91 -13.66
CA ASP D 389 29.95 -15.33 -12.37
C ASP D 389 29.37 -16.44 -11.50
N VAL D 390 30.02 -16.72 -10.37
CA VAL D 390 29.54 -17.72 -9.44
C VAL D 390 28.75 -17.08 -8.29
N ILE D 391 27.52 -17.49 -8.10
CA ILE D 391 26.71 -16.95 -7.06
C ILE D 391 26.30 -17.97 -6.01
N ASN D 392 26.63 -17.65 -4.77
CA ASN D 392 26.26 -18.42 -3.62
C ASN D 392 24.91 -18.01 -3.05
N MET D 393 23.94 -18.92 -3.10
CA MET D 393 22.61 -18.69 -2.56
C MET D 393 22.40 -19.57 -1.33
N ASP D 394 22.23 -18.94 -0.17
CA ASP D 394 22.08 -19.68 1.06
C ASP D 394 21.15 -18.96 2.08
N TYR D 395 21.01 -19.57 3.25
CA TYR D 395 20.23 -19.02 4.35
C TYR D 395 21.11 -18.19 5.32
N GLY D 396 22.22 -17.63 4.80
CA GLY D 396 23.11 -16.75 5.54
C GLY D 396 24.14 -17.40 6.43
N MET D 397 24.24 -18.73 6.42
CA MET D 397 25.18 -19.45 7.30
C MET D 397 25.76 -20.61 6.54
N GLN D 398 26.10 -20.39 5.29
CA GLN D 398 26.58 -21.44 4.38
C GLN D 398 25.60 -22.64 4.37
N GLU D 399 26.08 -23.85 4.66
CA GLU D 399 25.24 -25.06 4.63
C GLU D 399 24.33 -25.16 5.85
N LYS D 400 24.53 -24.33 6.87
CA LYS D 400 23.71 -24.43 8.09
C LYS D 400 22.28 -23.85 7.99
N ASN D 401 21.40 -24.47 8.75
CA ASN D 401 20.03 -24.02 9.00
C ASN D 401 20.00 -22.99 10.15
N PRO D 402 19.68 -21.73 9.82
CA PRO D 402 19.76 -20.71 10.88
C PRO D 402 18.74 -20.93 11.98
N ILE D 403 17.68 -21.66 11.65
CA ILE D 403 16.63 -21.83 12.61
C ILE D 403 17.11 -22.78 13.69
N ASP D 404 18.12 -23.62 13.41
CA ASP D 404 18.69 -24.47 14.47
C ASP D 404 19.42 -23.63 15.49
N HIS D 405 19.65 -22.36 15.18
CA HIS D 405 20.40 -21.45 16.06
C HIS D 405 19.52 -20.39 16.63
N VAL D 406 18.21 -20.64 16.62
CA VAL D 406 17.23 -19.76 17.24
C VAL D 406 16.62 -20.40 18.53
N SER D 407 16.34 -19.53 19.49
CA SER D 407 15.76 -19.85 20.72
C SER D 407 14.30 -19.41 20.72
N PHE D 408 13.41 -20.30 21.22
CA PHE D 408 11.99 -20.04 21.30
C PHE D 408 11.49 -20.13 22.71
N TYR D 409 10.33 -19.54 22.96
CA TYR D 409 9.58 -19.77 24.18
C TYR D 409 8.15 -20.17 23.84
N CYS D 410 7.49 -20.84 24.79
N CYS D 410 7.48 -20.79 24.81
CA CYS D 410 6.11 -21.26 24.59
CA CYS D 410 6.12 -21.27 24.66
C CYS D 410 5.19 -20.54 25.58
C CYS D 410 5.20 -20.53 25.60
N LYS D 411 3.94 -20.36 25.20
CA LYS D 411 3.01 -19.54 25.98
C LYS D 411 2.75 -20.08 27.37
N THR D 412 2.83 -21.38 27.53
CA THR D 412 2.63 -21.98 28.87
C THR D 412 3.80 -21.75 29.83
N ALA D 413 4.99 -21.42 29.31
CA ALA D 413 6.18 -21.16 30.16
C ALA D 413 7.10 -20.16 29.52
N PRO D 414 6.69 -18.87 29.57
CA PRO D 414 7.34 -17.82 28.77
C PRO D 414 8.80 -17.55 29.08
N ASN D 415 9.31 -18.07 30.21
CA ASN D 415 10.70 -17.89 30.60
C ASN D 415 11.57 -19.06 30.35
N ARG D 416 11.00 -20.07 29.73
CA ARG D 416 11.78 -21.24 29.42
C ARG D 416 12.10 -21.36 27.93
N ALA D 417 13.38 -21.17 27.62
CA ALA D 417 13.87 -21.25 26.23
C ALA D 417 13.93 -22.70 25.72
N ILE D 418 13.47 -22.90 24.49
CA ILE D 418 13.53 -24.20 23.84
C ILE D 418 14.04 -24.13 22.44
N ARG D 419 14.27 -25.29 21.85
CA ARG D 419 14.77 -25.46 20.49
C ARG D 419 13.72 -26.16 19.65
N ILE D 420 13.66 -25.80 18.37
CA ILE D 420 12.76 -26.44 17.42
C ILE D 420 13.53 -26.85 16.18
N THR D 421 13.42 -28.12 15.81
CA THR D 421 14.14 -28.69 14.67
C THR D 421 13.25 -28.63 13.46
N LYS D 422 13.82 -28.92 12.30
CA LYS D 422 13.12 -28.75 11.03
C LYS D 422 11.94 -29.71 10.91
N ASN D 423 12.18 -30.95 11.34
CA ASN D 423 11.15 -31.97 11.34
C ASN D 423 9.94 -31.59 12.15
N GLN D 424 10.17 -30.87 13.25
CA GLN D 424 9.08 -30.39 14.08
C GLN D 424 8.21 -29.34 13.41
N VAL D 425 8.63 -28.83 12.26
CA VAL D 425 7.90 -27.74 11.59
C VAL D 425 7.10 -28.16 10.33
N SER D 426 7.81 -28.65 9.31
CA SER D 426 7.19 -28.98 8.03
C SER D 426 8.09 -29.84 7.16
N GLN D 427 7.48 -30.71 6.38
CA GLN D 427 8.22 -31.49 5.38
C GLN D 427 8.35 -30.73 4.06
N LEU D 428 7.71 -29.57 3.94
CA LEU D 428 7.75 -28.77 2.72
C LEU D 428 8.88 -27.73 2.75
N LEU D 429 9.73 -27.79 3.76
CA LEU D 429 10.84 -26.90 3.84
C LEU D 429 12.00 -27.47 3.00
N PRO D 430 13.01 -26.63 2.66
CA PRO D 430 14.22 -27.08 1.98
C PRO D 430 14.98 -28.18 2.74
N GLU D 431 15.49 -29.17 2.03
CA GLU D 431 16.36 -30.18 2.66
C GLU D 431 17.82 -29.72 2.66
N LYS D 432 18.17 -28.75 1.82
CA LYS D 432 19.48 -28.11 1.83
C LYS D 432 19.32 -26.61 2.03
N PHE D 433 20.39 -25.97 2.50
CA PHE D 433 20.37 -24.56 2.84
C PHE D 433 21.37 -23.66 2.07
N ALA D 434 21.99 -24.23 1.05
CA ALA D 434 22.98 -23.54 0.23
C ALA D 434 23.08 -24.19 -1.12
N GLU D 435 23.25 -23.37 -2.13
CA GLU D 435 23.44 -23.83 -3.50
C GLU D 435 24.23 -22.78 -4.26
N GLN D 436 24.66 -23.13 -5.47
CA GLN D 436 25.42 -22.23 -6.32
C GLN D 436 24.86 -22.08 -7.72
N LEU D 437 24.87 -20.84 -8.24
CA LEU D 437 24.47 -20.55 -9.62
C LEU D 437 25.70 -20.08 -10.36
N ILE D 438 25.82 -20.53 -11.59
CA ILE D 438 26.92 -20.14 -12.45
C ILE D 438 26.38 -19.46 -13.68
N ARG D 439 26.68 -18.18 -13.85
CA ARG D 439 26.25 -17.45 -15.00
C ARG D 439 27.46 -17.26 -15.93
N VAL D 440 27.25 -17.45 -17.23
CA VAL D 440 28.27 -17.17 -18.18
C VAL D 440 27.85 -16.05 -19.12
N TYR D 441 28.77 -15.14 -19.40
CA TYR D 441 28.54 -14.03 -20.32
C TYR D 441 29.66 -13.97 -21.30
N CYS D 442 29.46 -13.22 -22.37
CA CYS D 442 30.43 -13.08 -23.43
C CYS D 442 30.64 -11.60 -23.76
N LYS D 443 31.90 -11.18 -23.82
CA LYS D 443 32.24 -9.81 -24.17
C LYS D 443 32.12 -9.50 -25.67
N LYS D 444 32.07 -10.52 -26.51
CA LYS D 444 31.77 -10.35 -27.93
C LYS D 444 30.26 -10.42 -28.11
N VAL D 445 29.68 -9.34 -28.63
CA VAL D 445 28.23 -9.19 -28.65
C VAL D 445 27.59 -9.46 -30.03
N ASP D 446 28.38 -9.77 -31.05
CA ASP D 446 27.82 -10.11 -32.38
C ASP D 446 27.09 -11.45 -32.34
N ARG D 447 26.16 -11.61 -33.29
CA ARG D 447 25.30 -12.80 -33.37
C ARG D 447 26.10 -14.11 -33.48
N LYS D 448 27.11 -14.12 -34.33
CA LYS D 448 27.94 -15.32 -34.51
C LYS D 448 28.76 -15.66 -33.27
N SER D 449 29.31 -14.64 -32.62
CA SER D 449 30.04 -14.82 -31.36
C SER D 449 29.16 -15.40 -30.24
N LEU D 450 27.95 -14.86 -30.14
CA LEU D 450 27.01 -15.31 -29.15
C LEU D 450 26.59 -16.78 -29.36
N TYR D 451 26.31 -17.14 -30.60
CA TYR D 451 25.96 -18.50 -30.94
C TYR D 451 27.09 -19.48 -30.55
N ALA D 452 28.32 -19.10 -30.85
CA ALA D 452 29.47 -19.91 -30.45
C ALA D 452 29.57 -20.06 -28.93
N ALA D 453 29.40 -18.93 -28.23
CA ALA D 453 29.48 -18.92 -26.78
C ALA D 453 28.48 -19.90 -26.17
N ARG D 454 27.30 -19.95 -26.75
CA ARG D 454 26.27 -20.87 -26.29
C ARG D 454 26.69 -22.32 -26.40
N GLN D 455 27.37 -22.66 -27.49
CA GLN D 455 27.83 -24.02 -27.72
C GLN D 455 28.94 -24.40 -26.74
N TYR D 456 29.95 -23.52 -26.57
CA TYR D 456 31.01 -23.78 -25.56
C TYR D 456 30.39 -24.00 -24.18
N PHE D 457 29.49 -23.10 -23.82
CA PHE D 457 28.88 -23.12 -22.53
C PHE D 457 28.11 -24.44 -22.24
N VAL D 458 27.22 -24.81 -23.14
CA VAL D 458 26.36 -25.96 -22.90
C VAL D 458 27.23 -27.24 -22.91
N GLN D 459 28.26 -27.25 -23.76
CA GLN D 459 29.21 -28.37 -23.83
C GLN D 459 29.92 -28.50 -22.49
N TRP D 460 30.33 -27.37 -21.94
CA TRP D 460 31.02 -27.32 -20.65
C TRP D 460 30.13 -27.89 -19.56
N CYS D 461 28.87 -27.48 -19.55
CA CYS D 461 27.90 -28.00 -18.58
C CYS D 461 27.81 -29.52 -18.64
N ALA D 462 27.66 -30.03 -19.86
CA ALA D 462 27.56 -31.46 -20.10
C ALA D 462 28.81 -32.19 -19.63
N ASP D 463 29.97 -31.69 -20.08
CA ASP D 463 31.27 -32.26 -19.72
C ASP D 463 31.35 -32.35 -18.23
N ARG D 464 30.86 -31.35 -17.53
CA ARG D 464 31.06 -31.37 -16.10
C ARG D 464 29.88 -31.83 -15.31
N ASN D 465 28.85 -32.31 -15.97
CA ASN D 465 27.71 -32.83 -15.21
C ASN D 465 27.09 -31.74 -14.31
N PHE D 466 27.10 -30.51 -14.83
CA PHE D 466 26.29 -29.45 -14.27
C PHE D 466 24.84 -29.63 -14.78
N THR D 467 23.92 -28.84 -14.24
CA THR D 467 22.52 -28.98 -14.63
C THR D 467 22.30 -28.48 -16.05
N LYS D 468 21.28 -29.01 -16.71
CA LYS D 468 20.90 -28.53 -18.03
C LYS D 468 20.35 -27.10 -17.91
N PRO D 469 20.98 -26.14 -18.64
CA PRO D 469 20.39 -24.81 -18.71
C PRO D 469 18.94 -24.90 -19.20
N GLN D 470 18.04 -24.09 -18.66
CA GLN D 470 16.60 -24.24 -18.96
C GLN D 470 16.34 -24.15 -20.47
N ASP D 471 17.10 -23.31 -21.15
CA ASP D 471 16.87 -23.09 -22.58
C ASP D 471 17.85 -23.90 -23.45
N GLY D 472 18.45 -24.93 -22.84
CA GLY D 472 19.51 -25.74 -23.46
C GLY D 472 19.17 -26.30 -24.83
N ASP D 473 17.96 -26.82 -24.97
CA ASP D 473 17.56 -27.41 -26.24
C ASP D 473 17.29 -26.35 -27.33
N VAL D 474 17.08 -25.10 -26.94
CA VAL D 474 16.81 -24.00 -27.87
C VAL D 474 18.13 -23.39 -28.32
N ILE D 475 18.99 -23.08 -27.36
CA ILE D 475 20.25 -22.41 -27.68
C ILE D 475 21.34 -23.37 -28.20
N ALA D 476 21.24 -24.67 -27.90
CA ALA D 476 22.27 -25.64 -28.28
C ALA D 476 21.67 -27.02 -28.57
N PRO D 477 20.78 -27.08 -29.56
CA PRO D 477 20.05 -28.32 -29.89
C PRO D 477 20.97 -29.48 -30.32
N LEU D 478 22.14 -29.17 -30.88
CA LEU D 478 23.09 -30.23 -31.26
C LEU D 478 23.86 -30.81 -30.06
N ILE D 479 24.02 -30.03 -28.98
CA ILE D 479 24.81 -30.46 -27.82
C ILE D 479 23.99 -31.27 -26.82
N THR D 480 22.78 -30.81 -26.54
CA THR D 480 21.98 -31.38 -25.47
C THR D 480 21.69 -32.89 -25.62
N PRO D 481 21.54 -33.39 -26.87
CA PRO D 481 21.28 -34.82 -27.12
C PRO D 481 22.35 -35.77 -26.57
N GLN D 482 23.59 -35.33 -26.58
CA GLN D 482 24.68 -36.20 -26.16
C GLN D 482 24.57 -36.58 -24.68
N LYS D 483 24.08 -35.66 -23.86
CA LYS D 483 23.85 -35.94 -22.45
C LYS D 483 22.47 -36.60 -22.26
N LYS D 484 22.47 -37.84 -21.82
CA LYS D 484 21.25 -38.64 -21.78
C LYS D 484 20.15 -38.15 -20.82
N GLU D 485 20.58 -37.83 -19.59
CA GLU D 485 19.68 -37.40 -18.49
C GLU D 485 18.91 -36.16 -18.92
N TRP D 486 19.54 -35.30 -19.70
CA TRP D 486 18.88 -34.09 -20.17
C TRP D 486 17.79 -34.41 -21.20
N ASN D 487 18.08 -35.37 -22.07
CA ASN D 487 17.25 -35.70 -23.27
C ASN D 487 18.11 -36.00 -24.48
#